data_6DFG
#
_entry.id   6DFG
#
_cell.length_a   1.0
_cell.length_b   1.0
_cell.length_c   1.0
_cell.angle_alpha   90.00
_cell.angle_beta   90.00
_cell.angle_gamma   90.00
#
_symmetry.space_group_name_H-M   'P 1'
#
loop_
_entity.id
_entity.type
_entity.pdbx_description
1 polymer 'Envelope glycoprotein gp160'
2 polymer 'Envelope glycoprotein gp160'
3 polymer 'mature BG18 fragment antigen binding heavy chain'
4 polymer 'mature BG18 fragment antigen binding light chain'
5 branched alpha-D-mannopyranose-(1-3)-beta-D-mannopyranose-(1-4)-2-acetamido-2-deoxy-beta-D-glucopyranose-(1-4)-2-acetamido-2-deoxy-beta-D-glucopyranose
6 branched 2-acetamido-2-deoxy-beta-D-glucopyranose-(1-4)-2-acetamido-2-deoxy-beta-D-glucopyranose
7 branched alpha-D-mannopyranose-(1-2)-alpha-D-mannopyranose-(1-3)-[alpha-D-mannopyranose-(1-6)]beta-D-mannopyranose-(1-4)-2-acetamido-2-deoxy-beta-D-glucopyranose-(1-4)-2-acetamido-2-deoxy-beta-D-glucopyranose
8 branched beta-D-mannopyranose-(1-4)-2-acetamido-2-deoxy-beta-D-glucopyranose-(1-4)-2-acetamido-2-deoxy-beta-D-glucopyranose
9 branched alpha-D-mannopyranose-(1-2)-alpha-D-mannopyranose-(1-2)-alpha-D-mannopyranose-(1-3)-[alpha-D-mannopyranose-(1-2)-alpha-D-mannopyranose-(1-6)-[alpha-D-mannopyranose-(1-3)]alpha-D-mannopyranose-(1-6)]beta-D-mannopyranose-(1-4)-2-acetamido-2-deoxy-beta-D-glucopyranose-(1-4)-2-acetamido-2-deoxy-beta-D-glucopyranose
10 branched alpha-D-mannopyranose-(1-2)-alpha-D-mannopyranose-(1-2)-alpha-D-mannopyranose-(1-3)-beta-D-mannopyranose-(1-4)-2-acetamido-2-deoxy-beta-D-glucopyranose-(1-4)-2-acetamido-2-deoxy-beta-D-glucopyranose
11 non-polymer 2-acetamido-2-deoxy-beta-D-glucopyranose
#
loop_
_entity_poly.entity_id
_entity_poly.type
_entity_poly.pdbx_seq_one_letter_code
_entity_poly.pdbx_strand_id
1 'polypeptide(L)'
;AENLWVTVYYGVPVWKDAETTLFCASDAKAYETEKHNVWATHACVPTDPNPQEIHLENVTEEFNMWKNNMVEQMHEDIIS
LWDQSLKPCVKLTPLCVTLQCTNVTNNITDDMRGELKNCSFNMTTELRDKKQKVYSLFYRLDVVQINENQGNRSNNSNKE
YRLINCNTSAITQACPKVSFEPIPIHYCAPAGFAILKCKDKKFNGTGPCPSVSTVQCTHGIKPVVSTQLLLNGSLAEEEV
IIRSENITNNAKNILVQLNTPVQINCTRPNNNTVKSIRIGPGQAFYYTGDIIGDIRQAHCNVSKATWNETLGKVVKQLRK
HFGNNTIIRFAQSSGGDLEVTTHSFNCGGEFFYCNTSGLFNSTWISNTSVQGSNSTGSNDSITLPCRIKQIINMWQRIGQ
AMYAPPIQGVIRCVSNITGLILTRDGGSTNSTTETFRPGGGDMRDNWRSELYKYKVVKIEPLGVAPTRCKRRVVGR
;
A,C,D
2 'polypeptide(L)'
;AVGIGAVSLGFLGAAGSTMGAASMTLTVQARNLLSGIVQQQSNLLRAPEPQQHLLKDTHWGIKQLQARVLAVEHYLRDQQ
LLGIWGCSGKLICCTNVPWNSSWSNRNLSEIWDNMTWLQWDKEISNYTQIIYGLLEESQNQQEKNEQDLLALDGTKHHHH
HH
;
B,E,F
3 'polypeptide(L)'
;QVQLRESGPGLVKPSETLSLSCTVSNDSRPSDHSWTWVRQSPGKALEWIGDIHYNGATTYNPSLRSRVRIELDQSIPRFS
LKMTSMTAADTGMYYCARNAIRIYGVVALGEWFHYGMDVWGQGTAVTVSSASTKGPSVFPLAPSSKSTSGGTAALGCLVK
DYFPEPVTVSWNSGALTSGVHTFPAVLQSSGLYSLSSVVTVPSSSLGTQTYICNVNHKPSNTKVDKKVEPKSC
;
H,G,I
4 'polypeptide(L)'
;SSELTQPPSVSVSPGQTARITCSGAPLTSRFTYWYRQKPGQAPVLIISRSSQRSSGWSGRFSASWSGTTVTLTIRGVQAD
DEADYYCQSSDTSDSYKMFGGGTKLTVLGQPKAAPSVTLFPPSSEELQANKATLVCLISDFYPGAVTVAWKADSSPVKAG
VETTTPSKQSNNKYAASSYLSLTPEQWKSHRSYSCQVTHEGSTVEKTVAPTECS
;
L,J,K
#
# COMPACT_ATOMS: atom_id res chain seq x y z
N ASN A 3 50.83 31.10 36.93
CA ASN A 3 49.67 31.50 37.70
C ASN A 3 48.50 31.74 36.77
N LEU A 4 48.04 30.67 36.13
CA LEU A 4 47.04 30.73 35.09
C LEU A 4 45.76 30.07 35.58
N TRP A 5 44.62 30.65 35.20
CA TRP A 5 43.32 30.28 35.76
C TRP A 5 42.33 30.20 34.61
N VAL A 6 41.87 28.99 34.27
CA VAL A 6 41.18 28.75 33.02
C VAL A 6 39.76 29.34 33.08
N THR A 7 39.32 29.89 31.95
CA THR A 7 38.02 30.52 31.79
C THR A 7 37.22 29.78 30.74
N VAL A 8 35.92 30.09 30.64
CA VAL A 8 35.02 29.40 29.73
C VAL A 8 34.27 30.42 28.88
N TYR A 9 34.08 30.08 27.60
CA TYR A 9 33.67 31.03 26.56
C TYR A 9 32.54 30.42 25.74
N TYR A 10 32.07 31.21 24.75
CA TYR A 10 31.18 30.77 23.69
C TYR A 10 31.77 31.05 22.30
N GLY A 11 33.02 30.64 22.09
CA GLY A 11 33.74 31.06 20.91
C GLY A 11 33.20 30.48 19.61
N VAL A 12 33.57 31.15 18.53
CA VAL A 12 33.28 30.75 17.16
C VAL A 12 33.92 29.46 16.61
N PRO A 13 35.16 28.98 17.01
CA PRO A 13 35.77 27.90 16.23
C PRO A 13 35.13 26.56 16.54
N VAL A 14 34.35 26.05 15.60
CA VAL A 14 33.51 24.89 15.82
C VAL A 14 33.76 23.91 14.68
N TRP A 15 34.76 24.23 13.87
CA TRP A 15 34.83 23.82 12.46
C TRP A 15 35.20 22.34 12.33
N LYS A 16 34.27 21.49 12.72
CA LYS A 16 34.51 20.06 12.63
C LYS A 16 33.73 19.47 11.45
N ASP A 17 33.89 18.16 11.28
CA ASP A 17 33.16 17.43 10.26
C ASP A 17 31.68 17.41 10.58
N ALA A 18 30.86 17.37 9.53
CA ALA A 18 29.41 17.39 9.70
C ALA A 18 28.80 16.26 8.87
N GLU A 19 28.75 15.07 9.45
CA GLU A 19 27.74 14.12 9.02
C GLU A 19 26.40 14.59 9.57
N THR A 20 25.41 14.71 8.70
CA THR A 20 24.20 15.44 9.07
C THR A 20 23.08 15.10 8.11
N THR A 21 21.90 15.58 8.45
CA THR A 21 20.79 15.68 7.53
C THR A 21 20.75 17.09 6.95
N LEU A 22 19.74 17.35 6.15
CA LEU A 22 19.69 18.55 5.33
C LEU A 22 18.27 18.68 4.80
N PHE A 23 17.87 19.90 4.48
CA PHE A 23 16.58 20.12 3.85
C PHE A 23 16.69 21.23 2.82
N CYS A 24 15.63 21.38 2.03
CA CYS A 24 15.62 22.14 0.79
C CYS A 24 14.87 23.45 0.94
N ALA A 25 15.00 24.31 -0.07
CA ALA A 25 14.39 25.63 -0.09
C ALA A 25 13.89 26.03 -1.48
N SER A 26 13.13 25.15 -2.12
CA SER A 26 12.72 25.29 -3.52
C SER A 26 12.03 26.60 -3.86
N ASP A 27 10.84 26.83 -3.32
CA ASP A 27 10.11 28.08 -3.52
C ASP A 27 9.05 28.21 -2.44
N HIS A 36 1.80 24.67 -9.01
CA HIS A 36 1.54 23.38 -9.64
C HIS A 36 2.13 22.26 -8.77
N ASN A 37 1.61 21.05 -8.91
CA ASN A 37 2.04 19.90 -8.12
C ASN A 37 3.04 19.03 -8.87
N VAL A 38 3.92 19.68 -9.64
CA VAL A 38 4.99 18.98 -10.34
C VAL A 38 5.95 18.37 -9.30
N TRP A 39 6.62 17.27 -9.70
CA TRP A 39 7.20 16.24 -8.82
C TRP A 39 8.05 16.74 -7.67
N ALA A 40 8.61 17.95 -7.75
CA ALA A 40 9.28 18.54 -6.58
C ALA A 40 8.28 18.94 -5.49
N THR A 41 7.04 19.25 -5.89
CA THR A 41 5.85 19.53 -5.06
C THR A 41 5.98 20.78 -4.19
N HIS A 42 7.06 21.56 -4.32
CA HIS A 42 7.35 22.74 -3.51
C HIS A 42 7.31 22.44 -2.01
N ALA A 43 7.68 21.23 -1.62
CA ALA A 43 7.53 20.82 -0.22
C ALA A 43 8.80 21.10 0.56
N CYS A 44 9.33 22.32 0.45
CA CYS A 44 10.56 22.67 1.14
C CYS A 44 10.37 23.79 2.16
N VAL A 45 10.18 25.02 1.70
CA VAL A 45 10.01 26.26 2.47
C VAL A 45 9.86 27.33 1.40
N PRO A 46 9.24 28.47 1.68
CA PRO A 46 9.44 29.63 0.79
C PRO A 46 10.88 30.12 0.86
N THR A 47 11.43 30.41 -0.33
CA THR A 47 12.84 30.76 -0.45
C THR A 47 13.06 32.21 -0.02
N ASP A 48 13.96 32.41 0.95
CA ASP A 48 14.34 33.73 1.40
C ASP A 48 15.29 34.39 0.39
N PRO A 49 15.36 35.73 0.37
CA PRO A 49 16.31 36.39 -0.55
C PRO A 49 17.77 36.24 -0.15
N ASN A 50 18.06 35.71 1.05
CA ASN A 50 19.32 35.28 1.67
C ASN A 50 20.60 36.01 1.25
N PRO A 51 20.68 37.37 1.34
CA PRO A 51 21.86 38.09 0.81
C PRO A 51 23.05 38.06 1.77
N GLN A 52 23.40 36.87 2.23
CA GLN A 52 24.24 36.71 3.41
C GLN A 52 25.45 35.86 3.12
N GLU A 53 26.09 36.07 1.96
CA GLU A 53 27.39 35.48 1.70
C GLU A 53 28.42 36.29 2.49
N ILE A 54 28.52 35.97 3.77
CA ILE A 54 29.33 36.77 4.69
C ILE A 54 30.80 36.39 4.47
N HIS A 55 31.55 37.28 3.83
CA HIS A 55 32.91 36.97 3.42
C HIS A 55 33.84 36.97 4.61
N LEU A 56 34.71 35.97 4.67
CA LEU A 56 35.60 35.77 5.79
C LEU A 56 37.03 36.10 5.41
N GLU A 57 37.84 36.39 6.42
CA GLU A 57 39.21 36.84 6.23
C GLU A 57 40.17 35.68 6.52
N ASN A 58 40.79 35.15 5.46
CA ASN A 58 42.01 34.34 5.52
C ASN A 58 41.83 33.07 6.35
N VAL A 59 40.96 32.18 5.87
CA VAL A 59 40.71 30.91 6.54
C VAL A 59 41.27 29.82 5.65
N THR A 60 42.40 29.25 6.02
CA THR A 60 42.98 28.15 5.27
C THR A 60 42.17 26.89 5.55
N GLU A 61 41.32 26.50 4.61
CA GLU A 61 40.48 25.32 4.73
C GLU A 61 40.54 24.52 3.44
N GLU A 62 40.78 23.21 3.57
CA GLU A 62 40.91 22.32 2.42
C GLU A 62 39.65 21.49 2.28
N PHE A 63 39.14 21.42 1.06
CA PHE A 63 37.92 20.65 0.80
C PHE A 63 38.27 19.20 0.45
N ASN A 64 37.22 18.41 0.31
CA ASN A 64 37.32 17.07 -0.27
C ASN A 64 35.99 16.83 -0.98
N MET A 65 35.95 17.15 -2.27
CA MET A 65 34.72 16.98 -3.03
C MET A 65 34.39 15.53 -3.27
N TRP A 66 35.36 14.64 -3.17
CA TRP A 66 35.12 13.24 -3.42
C TRP A 66 34.54 12.51 -2.21
N LYS A 67 34.66 13.10 -1.02
CA LYS A 67 34.21 12.47 0.21
C LYS A 67 33.35 13.46 0.98
N ASN A 68 32.05 13.50 0.67
CA ASN A 68 31.10 14.20 1.51
C ASN A 68 29.74 13.52 1.42
N ASN A 69 28.91 13.79 2.41
CA ASN A 69 27.58 13.20 2.46
C ASN A 69 26.54 14.05 1.75
N MET A 70 26.93 15.24 1.27
CA MET A 70 26.01 16.06 0.51
C MET A 70 25.66 15.41 -0.82
N VAL A 71 26.65 14.82 -1.47
CA VAL A 71 26.41 14.06 -2.69
C VAL A 71 25.61 12.81 -2.37
N GLU A 72 25.89 12.17 -1.23
CA GLU A 72 25.25 10.91 -0.89
C GLU A 72 23.78 11.13 -0.55
N GLN A 73 23.46 12.25 0.09
CA GLN A 73 22.06 12.54 0.39
C GLN A 73 21.30 12.97 -0.86
N MET A 74 21.94 13.77 -1.71
CA MET A 74 21.32 14.28 -2.92
C MET A 74 20.91 13.15 -3.86
N HIS A 75 21.75 12.11 -3.95
CA HIS A 75 21.40 10.92 -4.69
C HIS A 75 20.23 10.19 -4.05
N GLU A 76 20.12 10.25 -2.72
CA GLU A 76 19.05 9.55 -2.02
C GLU A 76 17.74 10.35 -2.06
N ASP A 77 17.83 11.67 -2.15
CA ASP A 77 16.65 12.51 -2.10
C ASP A 77 15.79 12.36 -3.35
N ILE A 78 16.41 12.50 -4.52
CA ILE A 78 15.66 12.66 -5.76
C ILE A 78 15.02 11.34 -6.17
N ILE A 79 15.74 10.22 -5.94
CA ILE A 79 15.18 8.90 -6.22
C ILE A 79 13.95 8.64 -5.36
N SER A 80 14.01 9.02 -4.09
CA SER A 80 12.83 8.91 -3.25
C SER A 80 11.76 9.91 -3.67
N LEU A 81 12.17 11.11 -4.09
CA LEU A 81 11.20 12.13 -4.46
C LEU A 81 10.53 11.78 -5.78
N TRP A 82 11.29 11.29 -6.74
CA TRP A 82 10.71 10.96 -8.03
C TRP A 82 9.86 9.71 -7.97
N ASP A 83 10.19 8.80 -7.06
CA ASP A 83 9.32 7.65 -6.83
C ASP A 83 8.01 8.08 -6.17
N GLN A 84 8.05 9.16 -5.39
CA GLN A 84 6.85 9.64 -4.72
C GLN A 84 5.84 10.18 -5.71
N SER A 85 6.31 10.78 -6.80
CA SER A 85 5.39 11.20 -7.85
C SER A 85 4.82 10.02 -8.62
N LEU A 86 5.47 8.87 -8.55
CA LEU A 86 5.04 7.71 -9.31
C LEU A 86 3.93 6.94 -8.60
N LYS A 87 3.60 7.32 -7.35
CA LYS A 87 2.65 6.52 -6.57
C LYS A 87 1.21 6.60 -7.06
N PRO A 88 0.56 7.77 -7.15
CA PRO A 88 -0.88 7.75 -7.44
C PRO A 88 -1.23 7.48 -8.89
N CYS A 89 -0.24 7.25 -9.76
CA CYS A 89 -0.53 7.02 -11.16
C CYS A 89 -1.10 5.63 -11.38
N VAL A 90 -1.54 5.39 -12.62
CA VAL A 90 -2.12 4.11 -12.99
C VAL A 90 -1.02 3.06 -12.98
N LYS A 91 -1.30 1.92 -12.35
CA LYS A 91 -0.37 0.78 -12.43
C LYS A 91 -0.21 0.32 -13.86
N LEU A 92 -1.30 -0.19 -14.45
CA LEU A 92 -1.39 -0.57 -15.85
C LEU A 92 -0.39 -1.68 -16.19
N THR A 93 -0.67 -2.82 -15.60
CA THR A 93 -0.15 -4.07 -16.12
C THR A 93 -1.20 -5.11 -16.55
N PRO A 94 -2.23 -4.78 -17.39
CA PRO A 94 -2.90 -5.90 -18.06
C PRO A 94 -2.36 -6.09 -19.46
N LEU A 95 -1.52 -5.18 -19.94
CA LEU A 95 -1.14 -5.22 -21.34
C LEU A 95 0.00 -6.17 -21.64
N CYS A 96 0.64 -6.76 -20.63
CA CYS A 96 1.72 -7.70 -20.88
C CYS A 96 1.11 -9.02 -21.38
N VAL A 97 0.72 -9.00 -22.66
CA VAL A 97 0.03 -10.12 -23.29
C VAL A 97 0.77 -10.46 -24.57
N THR A 98 0.23 -11.38 -25.35
CA THR A 98 0.85 -11.83 -26.58
C THR A 98 0.65 -10.79 -27.69
N LEU A 99 1.47 -9.75 -27.64
CA LEU A 99 1.42 -8.76 -28.69
C LEU A 99 2.02 -9.31 -29.97
N GLN A 100 1.38 -9.00 -31.08
CA GLN A 100 1.82 -9.42 -32.40
C GLN A 100 1.79 -8.19 -33.29
N CYS A 101 2.82 -8.03 -34.11
CA CYS A 101 2.99 -6.81 -34.86
C CYS A 101 3.40 -7.13 -36.29
N THR A 102 3.64 -6.07 -37.04
CA THR A 102 4.23 -6.12 -38.37
C THR A 102 4.96 -4.80 -38.59
N ASN A 103 5.61 -4.69 -39.74
CA ASN A 103 6.15 -3.40 -40.10
C ASN A 103 5.05 -2.43 -40.48
N VAL A 104 5.35 -1.15 -40.37
CA VAL A 104 4.44 -0.12 -40.82
C VAL A 104 4.34 -0.19 -42.34
N THR A 105 3.11 -0.26 -42.85
CA THR A 105 2.89 -0.47 -44.27
C THR A 105 2.73 0.86 -44.98
N ASN A 106 3.29 0.93 -46.19
CA ASN A 106 3.53 2.17 -46.89
C ASN A 106 3.28 2.01 -48.38
N ASN A 107 2.42 1.04 -48.73
CA ASN A 107 1.89 0.59 -50.01
C ASN A 107 2.91 -0.12 -50.89
N ILE A 108 4.15 0.35 -50.84
CA ILE A 108 5.44 -0.28 -51.08
C ILE A 108 6.42 0.85 -50.82
N THR A 109 7.57 0.53 -50.22
CA THR A 109 8.87 1.23 -50.27
C THR A 109 9.90 0.31 -49.63
N ASP A 110 11.10 0.83 -49.44
CA ASP A 110 12.10 0.19 -48.60
C ASP A 110 12.02 0.74 -47.18
N ASP A 111 12.33 -0.11 -46.21
CA ASP A 111 12.36 0.19 -44.77
C ASP A 111 11.06 0.76 -44.23
N GLU A 115 11.58 1.34 -37.66
CA GLU A 115 11.62 2.00 -36.36
C GLU A 115 10.24 2.15 -35.78
N LEU A 116 9.25 1.62 -36.49
CA LEU A 116 7.89 1.56 -36.01
C LEU A 116 7.37 0.14 -36.19
N LYS A 117 6.42 -0.26 -35.36
CA LYS A 117 5.73 -1.53 -35.53
C LYS A 117 4.24 -1.32 -35.33
N ASN A 118 3.47 -1.70 -36.33
CA ASN A 118 2.01 -1.67 -36.27
C ASN A 118 1.57 -2.98 -35.63
N CYS A 119 0.92 -2.90 -34.47
CA CYS A 119 0.79 -4.04 -33.57
C CYS A 119 -0.66 -4.43 -33.36
N SER A 120 -1.00 -5.66 -33.71
CA SER A 120 -2.28 -6.24 -33.29
C SER A 120 -2.24 -6.47 -31.78
N PHE A 121 -3.37 -6.24 -31.12
CA PHE A 121 -3.34 -6.08 -29.68
C PHE A 121 -4.70 -6.31 -29.06
N ASN A 122 -4.74 -7.15 -28.03
CA ASN A 122 -5.93 -7.38 -27.22
C ASN A 122 -5.75 -6.81 -25.82
N MET A 123 -6.88 -6.50 -25.19
CA MET A 123 -6.86 -5.76 -23.94
C MET A 123 -8.24 -5.88 -23.29
N THR A 124 -8.28 -5.69 -21.98
CA THR A 124 -9.54 -5.62 -21.25
C THR A 124 -10.25 -4.30 -21.52
N THR A 125 -11.46 -4.19 -20.99
CA THR A 125 -12.25 -2.96 -21.03
C THR A 125 -12.58 -2.55 -19.60
N GLU A 126 -13.46 -1.55 -19.49
CA GLU A 126 -13.96 -1.12 -18.19
C GLU A 126 -14.66 -2.26 -17.48
N LEU A 127 -15.56 -2.93 -18.18
CA LEU A 127 -16.15 -4.14 -17.64
C LEU A 127 -15.12 -5.25 -17.63
N ARG A 128 -15.35 -6.23 -16.77
CA ARG A 128 -14.31 -7.22 -16.50
C ARG A 128 -14.19 -8.24 -17.62
N ASP A 129 -15.30 -8.63 -18.24
CA ASP A 129 -15.24 -9.70 -19.21
C ASP A 129 -14.94 -9.22 -20.63
N LYS A 130 -15.44 -8.03 -21.00
CA LYS A 130 -15.39 -7.60 -22.39
C LYS A 130 -13.98 -7.27 -22.81
N LYS A 131 -13.57 -7.80 -23.95
CA LYS A 131 -12.22 -7.60 -24.45
C LYS A 131 -12.20 -6.46 -25.46
N GLN A 132 -11.03 -6.19 -25.99
CA GLN A 132 -10.82 -4.98 -26.78
C GLN A 132 -9.68 -5.25 -27.75
N LYS A 133 -9.99 -5.35 -29.03
CA LYS A 133 -8.99 -5.57 -30.07
C LYS A 133 -8.68 -4.24 -30.72
N VAL A 134 -7.59 -3.61 -30.30
CA VAL A 134 -7.18 -2.34 -30.90
C VAL A 134 -5.77 -2.49 -31.47
N TYR A 135 -5.24 -1.39 -32.01
CA TYR A 135 -3.91 -1.38 -32.57
C TYR A 135 -3.23 -0.09 -32.16
N SER A 136 -1.91 -0.14 -32.10
CA SER A 136 -1.13 1.04 -31.75
C SER A 136 0.24 0.92 -32.41
N LEU A 137 1.14 1.82 -32.04
CA LEU A 137 2.48 1.87 -32.59
C LEU A 137 3.49 1.84 -31.47
N PHE A 138 4.67 1.30 -31.76
CA PHE A 138 5.76 1.28 -30.81
C PHE A 138 7.07 1.46 -31.56
N TYR A 139 8.16 1.57 -30.81
CA TYR A 139 9.47 1.74 -31.39
C TYR A 139 10.16 0.39 -31.56
N ARG A 140 11.47 0.42 -31.79
CA ARG A 140 12.22 -0.82 -31.95
C ARG A 140 12.64 -1.38 -30.60
N LEU A 141 13.24 -0.55 -29.76
CA LEU A 141 13.95 -0.99 -28.56
C LEU A 141 13.05 -1.22 -27.37
N ASP A 142 11.74 -1.28 -27.57
CA ASP A 142 10.78 -1.48 -26.49
C ASP A 142 9.93 -2.71 -26.71
N VAL A 143 10.39 -3.64 -27.55
CA VAL A 143 9.62 -4.81 -27.92
C VAL A 143 10.62 -5.86 -28.40
N VAL A 144 10.29 -7.13 -28.18
CA VAL A 144 11.24 -8.20 -28.42
C VAL A 144 10.55 -9.35 -29.14
N GLN A 145 11.25 -9.95 -30.09
CA GLN A 145 10.76 -11.12 -30.81
C GLN A 145 10.55 -12.30 -29.87
N ILE A 146 9.53 -13.10 -30.15
CA ILE A 146 9.39 -14.40 -29.52
C ILE A 146 9.62 -15.52 -30.54
N LYS A 159 3.95 -12.49 -36.31
CA LYS A 159 4.97 -13.02 -35.42
C LYS A 159 4.83 -12.41 -34.03
N GLU A 160 4.89 -13.26 -33.01
CA GLU A 160 4.61 -12.83 -31.64
C GLU A 160 5.74 -11.98 -31.09
N TYR A 161 5.39 -10.82 -30.54
CA TYR A 161 6.35 -9.86 -29.99
C TYR A 161 6.01 -9.55 -28.55
N ARG A 162 6.85 -10.00 -27.62
CA ARG A 162 6.66 -9.65 -26.22
C ARG A 162 7.14 -8.22 -25.97
N LEU A 163 6.63 -7.62 -24.90
CA LEU A 163 7.21 -6.38 -24.38
C LEU A 163 8.64 -6.62 -23.90
N ILE A 164 9.39 -5.52 -23.77
CA ILE A 164 10.83 -5.62 -23.52
C ILE A 164 11.16 -5.90 -22.07
N ASN A 165 10.20 -5.77 -21.15
CA ASN A 165 10.52 -5.84 -19.74
C ASN A 165 9.76 -6.93 -18.98
N CYS A 166 8.96 -7.74 -19.65
CA CYS A 166 8.22 -8.78 -18.96
C CYS A 166 9.04 -10.03 -18.67
N ASN A 167 10.37 -9.95 -18.72
CA ASN A 167 11.19 -10.86 -17.93
C ASN A 167 10.75 -10.71 -16.49
N THR A 168 11.08 -9.53 -15.94
CA THR A 168 10.88 -9.25 -14.53
C THR A 168 10.78 -7.74 -14.32
N SER A 169 9.55 -7.26 -14.20
CA SER A 169 9.25 -5.85 -13.99
C SER A 169 7.77 -5.73 -13.68
N ALA A 170 7.32 -4.48 -13.55
CA ALA A 170 5.90 -4.15 -13.57
C ALA A 170 5.79 -2.79 -14.22
N ILE A 171 5.19 -2.76 -15.40
CA ILE A 171 5.09 -1.53 -16.19
C ILE A 171 4.25 -0.52 -15.43
N THR A 172 4.65 0.76 -15.49
CA THR A 172 3.93 1.80 -14.78
C THR A 172 3.87 3.06 -15.63
N GLN A 173 2.66 3.57 -15.84
CA GLN A 173 2.49 4.83 -16.57
C GLN A 173 2.79 6.00 -15.65
N ALA A 174 3.43 7.03 -16.19
CA ALA A 174 3.56 8.30 -15.50
C ALA A 174 2.33 9.16 -15.77
N CYS A 175 1.95 9.95 -14.77
CA CYS A 175 0.75 10.77 -14.89
C CYS A 175 0.99 11.94 -15.85
N PRO A 176 0.12 12.19 -16.81
CA PRO A 176 0.38 13.16 -17.86
C PRO A 176 0.02 14.59 -17.48
N LYS A 177 0.40 15.00 -16.29
CA LYS A 177 0.16 16.38 -15.87
C LYS A 177 1.45 16.97 -15.32
N VAL A 178 2.27 16.12 -14.70
CA VAL A 178 3.54 16.58 -14.18
C VAL A 178 4.50 16.84 -15.33
N SER A 179 5.53 17.63 -15.04
CA SER A 179 6.56 17.93 -16.02
C SER A 179 7.88 17.35 -15.56
N PHE A 180 8.68 16.86 -16.50
CA PHE A 180 10.04 16.48 -16.16
C PHE A 180 11.00 17.62 -16.43
N GLU A 181 10.66 18.79 -15.91
CA GLU A 181 11.60 19.86 -16.14
C GLU A 181 12.41 20.11 -14.88
N PRO A 182 13.67 20.44 -15.03
CA PRO A 182 14.49 20.74 -13.85
C PRO A 182 14.11 22.06 -13.23
N ILE A 183 13.44 22.01 -12.09
CA ILE A 183 13.03 23.20 -11.35
C ILE A 183 13.99 23.37 -10.17
N PRO A 184 14.74 24.46 -10.10
CA PRO A 184 15.96 24.48 -9.27
C PRO A 184 15.66 24.43 -7.79
N ILE A 185 16.59 23.83 -7.07
CA ILE A 185 16.42 23.54 -5.65
C ILE A 185 17.49 24.30 -4.89
N HIS A 186 17.06 25.20 -4.01
CA HIS A 186 17.95 25.77 -3.02
C HIS A 186 18.02 24.81 -1.84
N TYR A 187 19.20 24.73 -1.23
CA TYR A 187 19.41 23.97 0.00
C TYR A 187 19.73 24.91 1.15
N CYS A 188 19.18 24.61 2.33
CA CYS A 188 19.48 25.36 3.54
C CYS A 188 19.90 24.41 4.66
N ALA A 189 20.79 24.90 5.50
CA ALA A 189 21.32 24.14 6.62
C ALA A 189 20.26 23.97 7.70
N PRO A 190 20.35 22.93 8.51
CA PRO A 190 19.50 22.85 9.71
C PRO A 190 19.91 23.90 10.72
N ALA A 191 19.00 24.15 11.65
CA ALA A 191 19.17 25.21 12.63
C ALA A 191 20.25 24.82 13.64
N GLY A 192 21.48 25.24 13.38
CA GLY A 192 22.58 24.93 14.27
C GLY A 192 23.85 24.55 13.55
N PHE A 193 23.79 24.43 12.23
CA PHE A 193 24.95 24.13 11.39
C PHE A 193 25.17 25.30 10.42
N ALA A 194 26.11 25.13 9.50
CA ALA A 194 26.45 26.21 8.58
C ALA A 194 26.96 25.65 7.26
N ILE A 195 26.53 26.29 6.17
CA ILE A 195 26.95 25.91 4.82
C ILE A 195 28.11 26.81 4.42
N LEU A 196 29.22 26.20 4.04
CA LEU A 196 30.43 26.94 3.72
C LEU A 196 30.79 26.77 2.26
N LYS A 197 31.29 27.84 1.66
CA LYS A 197 31.74 27.78 0.27
C LYS A 197 32.91 28.71 0.07
N CYS A 198 33.90 28.24 -0.68
CA CYS A 198 34.99 29.09 -1.11
C CYS A 198 34.66 29.69 -2.46
N LYS A 199 34.86 30.99 -2.60
CA LYS A 199 34.81 31.66 -3.88
C LYS A 199 36.12 31.56 -4.64
N ASP A 200 37.04 30.76 -4.15
CA ASP A 200 38.37 30.67 -4.72
C ASP A 200 38.34 29.89 -6.03
N LYS A 201 39.50 29.85 -6.66
CA LYS A 201 39.63 29.57 -8.08
C LYS A 201 40.56 28.41 -8.30
N LYS A 202 40.24 27.59 -9.31
CA LYS A 202 41.15 26.62 -9.93
C LYS A 202 41.56 25.53 -8.93
N PHE A 203 40.56 24.81 -8.44
CA PHE A 203 40.84 23.63 -7.61
C PHE A 203 41.38 22.52 -8.50
N ASN A 204 42.12 21.59 -7.91
CA ASN A 204 42.40 20.34 -8.59
C ASN A 204 41.48 19.23 -8.08
N GLY A 205 40.23 19.61 -7.82
CA GLY A 205 39.27 18.77 -7.11
C GLY A 205 39.22 19.14 -5.65
N THR A 206 40.31 18.92 -4.94
CA THR A 206 40.43 19.39 -3.57
C THR A 206 41.12 20.76 -3.58
N GLY A 207 41.54 21.23 -2.41
CA GLY A 207 42.37 22.41 -2.34
C GLY A 207 42.18 23.23 -1.09
N PRO A 208 43.29 23.63 -0.47
CA PRO A 208 43.21 24.58 0.66
C PRO A 208 42.86 25.97 0.20
N CYS A 209 41.58 26.20 -0.03
CA CYS A 209 41.11 27.49 -0.52
C CYS A 209 41.19 28.56 0.56
N PRO A 210 41.98 29.63 0.36
CA PRO A 210 42.07 30.68 1.38
C PRO A 210 40.80 31.50 1.59
N SER A 211 40.24 32.09 0.55
CA SER A 211 39.07 32.96 0.74
C SER A 211 37.81 32.13 0.84
N VAL A 212 36.92 32.54 1.74
CA VAL A 212 35.75 31.73 2.04
C VAL A 212 34.65 32.67 2.54
N SER A 213 33.41 32.27 2.28
CA SER A 213 32.25 32.94 2.84
C SER A 213 31.27 31.88 3.29
N THR A 214 30.43 32.25 4.25
CA THR A 214 29.43 31.33 4.76
C THR A 214 28.04 31.75 4.30
N VAL A 215 27.14 30.77 4.22
CA VAL A 215 25.74 30.98 3.91
C VAL A 215 24.91 30.09 4.81
N GLN A 216 23.67 30.51 5.06
CA GLN A 216 22.68 29.61 5.59
C GLN A 216 21.94 28.85 4.51
N CYS A 217 21.96 29.35 3.28
CA CYS A 217 21.18 28.77 2.20
C CYS A 217 21.96 28.84 0.89
N THR A 218 21.89 27.76 0.11
CA THR A 218 22.68 27.66 -1.11
C THR A 218 21.92 28.29 -2.29
N HIS A 219 22.52 28.21 -3.46
CA HIS A 219 21.85 28.69 -4.65
C HIS A 219 21.04 27.57 -5.28
N GLY A 220 20.29 27.92 -6.32
CA GLY A 220 19.41 26.95 -6.95
C GLY A 220 20.18 26.07 -7.91
N ILE A 221 20.00 24.76 -7.76
CA ILE A 221 20.70 23.79 -8.59
C ILE A 221 19.65 22.96 -9.34
N LYS A 222 19.92 22.69 -10.62
CA LYS A 222 18.79 22.20 -11.40
C LYS A 222 18.75 20.67 -11.40
N PRO A 223 17.57 20.11 -11.26
CA PRO A 223 17.42 18.66 -11.35
C PRO A 223 17.57 18.11 -12.76
N VAL A 224 18.80 18.10 -13.29
CA VAL A 224 19.04 17.54 -14.60
C VAL A 224 19.68 16.17 -14.42
N VAL A 225 19.55 15.34 -15.45
CA VAL A 225 20.09 13.97 -15.41
C VAL A 225 20.45 13.54 -16.82
N SER A 226 21.68 13.11 -16.99
CA SER A 226 22.19 12.63 -18.28
C SER A 226 23.49 11.87 -18.04
N THR A 227 24.03 11.33 -19.11
CA THR A 227 25.38 10.80 -19.11
C THR A 227 26.12 11.33 -20.33
N GLN A 228 27.46 11.36 -20.21
CA GLN A 228 28.46 11.73 -21.20
C GLN A 228 28.49 13.23 -21.53
N LEU A 229 27.48 13.97 -21.09
CA LEU A 229 27.39 15.42 -21.32
C LEU A 229 26.42 15.98 -20.30
N LEU A 230 26.89 16.88 -19.46
CA LEU A 230 25.97 17.64 -18.64
C LEU A 230 25.38 18.77 -19.46
N LEU A 231 24.31 19.35 -18.94
CA LEU A 231 23.65 20.44 -19.65
C LEU A 231 22.91 21.31 -18.64
N ASN A 232 22.67 22.55 -19.06
CA ASN A 232 22.01 23.59 -18.25
C ASN A 232 22.69 23.80 -16.90
N GLY A 233 24.01 23.60 -16.85
CA GLY A 233 24.75 23.69 -15.62
C GLY A 233 25.47 25.03 -15.47
N SER A 234 26.29 25.11 -14.43
CA SER A 234 27.09 26.30 -14.21
C SER A 234 28.24 26.36 -15.21
N LEU A 235 28.90 27.50 -15.26
CA LEU A 235 30.04 27.68 -16.15
C LEU A 235 31.33 27.76 -15.34
N ALA A 236 32.43 27.76 -16.06
CA ALA A 236 33.75 27.80 -15.43
C ALA A 236 34.14 29.25 -15.15
N GLU A 237 35.38 29.44 -14.71
CA GLU A 237 35.93 30.75 -14.43
C GLU A 237 36.71 31.31 -15.61
N GLU A 238 37.77 30.63 -16.01
CA GLU A 238 38.61 31.06 -17.12
C GLU A 238 38.85 29.98 -18.16
N GLU A 239 39.03 28.74 -17.73
CA GLU A 239 39.47 27.68 -18.63
C GLU A 239 38.77 26.38 -18.27
N VAL A 240 39.28 25.29 -18.82
CA VAL A 240 38.90 23.96 -18.39
C VAL A 240 39.48 23.70 -17.01
N ILE A 241 38.70 23.05 -16.16
CA ILE A 241 39.18 22.60 -14.86
C ILE A 241 39.00 21.10 -14.84
N ILE A 242 40.07 20.36 -15.13
CA ILE A 242 39.97 18.90 -15.06
C ILE A 242 39.91 18.48 -13.60
N ARG A 243 39.07 17.50 -13.30
CA ARG A 243 38.85 17.09 -11.92
C ARG A 243 38.84 15.58 -11.85
N SER A 244 39.55 15.05 -10.86
CA SER A 244 39.68 13.61 -10.68
C SER A 244 40.06 13.36 -9.23
N GLU A 245 40.50 12.13 -8.95
CA GLU A 245 41.19 11.80 -7.72
C GLU A 245 42.65 11.48 -8.00
N ASN A 246 42.87 10.51 -8.88
CA ASN A 246 44.18 9.91 -9.12
C ASN A 246 44.30 9.82 -10.64
N ILE A 247 45.01 10.79 -11.22
CA ILE A 247 45.22 10.82 -12.67
C ILE A 247 46.05 9.62 -13.11
N THR A 248 46.96 9.18 -12.25
CA THR A 248 47.71 7.95 -12.53
C THR A 248 46.85 6.70 -12.39
N ASN A 249 45.66 6.79 -11.80
CA ASN A 249 44.71 5.69 -11.87
C ASN A 249 43.86 5.85 -13.13
N ASN A 250 43.61 4.73 -13.80
CA ASN A 250 42.80 4.72 -15.00
C ASN A 250 41.32 4.50 -14.73
N ALA A 251 40.97 3.87 -13.61
CA ALA A 251 39.60 3.51 -13.30
C ALA A 251 38.78 4.68 -12.78
N LYS A 252 39.34 5.88 -12.71
CA LYS A 252 38.59 7.04 -12.27
C LYS A 252 37.66 7.52 -13.38
N ASN A 253 36.75 8.41 -13.01
CA ASN A 253 35.92 9.13 -13.97
C ASN A 253 36.42 10.56 -14.01
N ILE A 254 37.10 10.92 -15.09
CA ILE A 254 37.73 12.23 -15.18
C ILE A 254 36.67 13.25 -15.56
N LEU A 255 36.48 14.25 -14.70
CA LEU A 255 35.52 15.31 -14.94
C LEU A 255 36.18 16.44 -15.71
N VAL A 256 35.44 17.02 -16.64
CA VAL A 256 35.92 18.12 -17.46
C VAL A 256 34.92 19.26 -17.34
N GLN A 257 35.36 20.36 -16.76
CA GLN A 257 34.55 21.57 -16.69
C GLN A 257 34.80 22.39 -17.94
N LEU A 258 33.72 22.92 -18.52
CA LEU A 258 33.80 23.68 -19.75
C LEU A 258 33.66 25.18 -19.47
N ASN A 259 34.48 25.97 -20.16
CA ASN A 259 34.42 27.42 -20.01
C ASN A 259 33.19 28.01 -20.71
N THR A 260 33.01 27.69 -21.99
CA THR A 260 32.04 28.38 -22.81
C THR A 260 30.97 27.42 -23.30
N PRO A 261 29.70 27.71 -23.07
CA PRO A 261 28.64 26.76 -23.42
C PRO A 261 28.36 26.70 -24.90
N VAL A 262 27.79 25.57 -25.32
CA VAL A 262 27.55 25.25 -26.72
C VAL A 262 26.06 25.04 -26.92
N GLN A 263 25.48 25.72 -27.90
CA GLN A 263 24.06 25.55 -28.20
C GLN A 263 23.80 24.18 -28.81
N ILE A 264 22.86 23.45 -28.25
CA ILE A 264 22.44 22.16 -28.76
C ILE A 264 20.94 22.23 -29.04
N ASN A 265 20.59 22.17 -30.31
CA ASN A 265 19.19 22.07 -30.72
C ASN A 265 18.87 20.62 -31.00
N CYS A 266 17.73 20.17 -30.51
CA CYS A 266 17.31 18.78 -30.69
C CYS A 266 15.83 18.74 -31.03
N THR A 267 15.43 17.69 -31.73
CA THR A 267 14.05 17.61 -32.19
C THR A 267 13.62 16.16 -32.41
N ARG A 268 12.31 15.99 -32.46
CA ARG A 268 11.68 14.74 -32.91
C ARG A 268 10.67 15.16 -33.97
N PRO A 269 11.09 15.31 -35.19
CA PRO A 269 10.20 15.92 -36.20
C PRO A 269 9.19 14.92 -36.76
N ASN A 270 8.22 14.57 -35.91
CA ASN A 270 7.11 13.72 -36.32
C ASN A 270 5.82 14.36 -35.84
N ASN A 271 5.00 14.81 -36.78
CA ASN A 271 3.64 15.19 -36.45
C ASN A 271 2.88 13.91 -36.10
N ASN A 272 2.48 13.79 -34.84
CA ASN A 272 2.03 12.51 -34.30
C ASN A 272 0.67 12.70 -33.65
N THR A 273 -0.22 11.72 -33.81
CA THR A 273 -1.55 11.75 -33.22
C THR A 273 -1.58 10.83 -32.01
N VAL A 274 -2.01 11.38 -30.88
CA VAL A 274 -2.08 10.65 -29.62
C VAL A 274 -3.54 10.41 -29.30
N LYS A 275 -3.92 9.14 -29.16
CA LYS A 275 -5.28 8.78 -28.78
C LYS A 275 -5.31 8.24 -27.37
N SER A 276 -6.51 8.14 -26.81
CA SER A 276 -6.69 7.77 -25.42
C SER A 276 -7.76 6.70 -25.31
N ILE A 277 -7.56 5.79 -24.35
CA ILE A 277 -8.49 4.71 -24.06
C ILE A 277 -8.54 4.51 -22.55
N ARG A 278 -9.50 3.72 -22.10
CA ARG A 278 -9.67 3.37 -20.70
C ARG A 278 -9.53 1.85 -20.58
N ILE A 279 -8.57 1.40 -19.79
CA ILE A 279 -8.27 -0.02 -19.79
C ILE A 279 -9.20 -0.77 -18.85
N GLY A 280 -9.71 -0.11 -17.82
CA GLY A 280 -10.51 -0.78 -16.82
C GLY A 280 -11.39 0.16 -16.03
N PRO A 281 -11.50 -0.09 -14.74
CA PRO A 281 -12.33 0.77 -13.89
C PRO A 281 -11.69 2.14 -13.64
N GLY A 282 -11.82 3.03 -14.61
CA GLY A 282 -11.33 4.39 -14.43
C GLY A 282 -9.84 4.53 -14.56
N GLN A 283 -9.22 3.78 -15.46
CA GLN A 283 -7.78 3.83 -15.64
C GLN A 283 -7.53 4.20 -17.09
N ALA A 284 -7.21 5.47 -17.32
CA ALA A 284 -6.96 5.93 -18.67
C ALA A 284 -5.60 5.44 -19.16
N PHE A 285 -5.42 5.50 -20.48
CA PHE A 285 -4.16 5.09 -21.09
C PHE A 285 -4.00 5.80 -22.42
N TYR A 286 -2.76 6.19 -22.71
CA TYR A 286 -2.44 6.90 -23.94
C TYR A 286 -1.56 6.02 -24.82
N TYR A 287 -1.68 6.22 -26.12
CA TYR A 287 -0.88 5.43 -27.05
C TYR A 287 -0.72 6.22 -28.34
N THR A 288 0.33 5.89 -29.07
CA THR A 288 0.58 6.54 -30.36
C THR A 288 -0.40 6.00 -31.38
N GLY A 289 -1.37 6.82 -31.76
CA GLY A 289 -2.38 6.40 -32.72
C GLY A 289 -1.82 6.26 -34.12
N ASP A 290 -1.43 7.38 -34.71
CA ASP A 290 -0.88 7.38 -36.06
C ASP A 290 -0.04 8.64 -36.20
N ILE A 291 0.84 8.64 -37.19
CA ILE A 291 1.56 9.85 -37.55
C ILE A 291 1.01 10.36 -38.88
N ILE A 292 1.10 11.67 -39.06
CA ILE A 292 0.41 12.30 -40.20
C ILE A 292 1.13 11.99 -41.52
N GLY A 293 2.43 11.71 -41.49
CA GLY A 293 2.98 11.09 -42.68
C GLY A 293 4.41 11.32 -43.13
N ASP A 294 5.15 12.20 -42.51
CA ASP A 294 6.55 12.41 -42.91
C ASP A 294 7.44 11.68 -41.91
N ILE A 295 7.75 10.42 -42.21
CA ILE A 295 8.56 9.60 -41.33
C ILE A 295 9.99 10.13 -41.35
N ARG A 296 10.47 10.57 -40.20
CA ARG A 296 11.80 11.13 -40.08
C ARG A 296 12.57 10.42 -38.98
N GLN A 297 13.72 10.96 -38.60
CA GLN A 297 14.50 10.43 -37.49
C GLN A 297 14.87 11.59 -36.59
N ALA A 298 14.87 11.33 -35.28
CA ALA A 298 15.22 12.36 -34.32
C ALA A 298 16.71 12.61 -34.33
N HIS A 299 17.10 13.87 -34.14
CA HIS A 299 18.49 14.25 -34.30
C HIS A 299 18.79 15.53 -33.54
N CYS A 300 20.08 15.85 -33.49
CA CYS A 300 20.56 17.05 -32.81
C CYS A 300 21.67 17.68 -33.62
N ASN A 301 21.60 19.00 -33.81
CA ASN A 301 22.65 19.74 -34.49
C ASN A 301 23.66 20.29 -33.49
N VAL A 302 24.93 20.25 -33.88
CA VAL A 302 26.03 20.84 -33.13
C VAL A 302 26.82 21.72 -34.08
N SER A 303 27.07 22.97 -33.68
CA SER A 303 27.90 23.86 -34.47
C SER A 303 29.33 23.34 -34.54
N LYS A 304 29.82 23.13 -35.78
CA LYS A 304 31.06 22.42 -35.98
C LYS A 304 32.27 23.20 -35.49
N ALA A 305 32.42 24.44 -35.96
CA ALA A 305 33.58 25.25 -35.60
C ALA A 305 33.58 25.64 -34.14
N THR A 306 32.42 25.65 -33.49
CA THR A 306 32.37 25.86 -32.05
C THR A 306 32.98 24.67 -31.32
N TRP A 307 32.77 23.47 -31.84
CA TRP A 307 33.19 22.28 -31.11
C TRP A 307 34.70 22.05 -31.19
N ASN A 308 35.32 22.34 -32.34
CA ASN A 308 36.76 22.20 -32.43
C ASN A 308 37.47 23.22 -31.54
N GLU A 309 36.87 24.40 -31.37
CA GLU A 309 37.44 25.41 -30.48
C GLU A 309 37.42 24.96 -29.02
N THR A 310 36.48 24.08 -28.68
CA THR A 310 36.43 23.53 -27.33
C THR A 310 37.61 22.60 -27.06
N LEU A 311 37.84 21.64 -27.96
CA LEU A 311 38.78 20.56 -27.69
C LEU A 311 40.23 21.01 -27.68
N GLY A 312 40.54 22.15 -28.31
CA GLY A 312 41.88 22.69 -28.22
C GLY A 312 42.23 23.16 -26.82
N LYS A 313 41.23 23.57 -26.06
CA LYS A 313 41.47 23.96 -24.68
C LYS A 313 41.80 22.75 -23.82
N VAL A 314 41.25 21.59 -24.15
CA VAL A 314 41.38 20.41 -23.29
C VAL A 314 42.77 19.81 -23.41
N VAL A 315 43.25 19.65 -24.64
CA VAL A 315 44.58 19.10 -24.89
C VAL A 315 45.66 20.07 -24.42
N LYS A 316 45.33 21.37 -24.37
CA LYS A 316 46.22 22.37 -23.79
C LYS A 316 46.51 22.08 -22.32
N GLN A 317 45.55 21.52 -21.60
CA GLN A 317 45.77 21.17 -20.20
C GLN A 317 46.24 19.74 -20.00
N LEU A 318 45.90 18.83 -20.91
CA LEU A 318 46.33 17.46 -20.72
C LEU A 318 47.79 17.25 -21.09
N ARG A 319 48.39 18.18 -21.82
CA ARG A 319 49.84 18.21 -21.92
C ARG A 319 50.47 18.42 -20.55
N LYS A 320 49.87 19.28 -19.75
CA LYS A 320 50.39 19.65 -18.45
C LYS A 320 50.26 18.52 -17.44
N HIS A 321 49.36 17.57 -17.68
CA HIS A 321 49.15 16.46 -16.76
C HIS A 321 49.62 15.12 -17.28
N PHE A 322 50.05 15.05 -18.53
CA PHE A 322 50.56 13.77 -19.02
C PHE A 322 51.95 13.89 -19.65
N GLY A 323 52.22 14.97 -20.36
CA GLY A 323 53.54 15.16 -20.93
C GLY A 323 53.49 15.99 -22.20
N ASN A 324 54.67 16.49 -22.58
CA ASN A 324 54.81 17.38 -23.73
C ASN A 324 54.80 16.62 -25.04
N ASN A 325 55.00 15.31 -25.03
CA ASN A 325 55.14 14.52 -26.23
C ASN A 325 54.08 13.41 -26.30
N THR A 326 52.89 13.71 -25.82
CA THR A 326 51.82 12.72 -25.73
C THR A 326 50.83 12.90 -26.86
N ILE A 327 50.21 11.79 -27.26
CA ILE A 327 49.22 11.78 -28.32
C ILE A 327 47.87 11.56 -27.67
N ILE A 328 46.98 12.55 -27.80
CA ILE A 328 45.64 12.47 -27.23
C ILE A 328 44.70 11.92 -28.28
N ARG A 329 44.17 10.73 -28.04
CA ARG A 329 43.22 10.12 -28.95
C ARG A 329 41.83 10.11 -28.34
N PHE A 330 40.83 9.98 -29.18
CA PHE A 330 39.47 9.85 -28.72
C PHE A 330 38.78 8.74 -29.50
N ALA A 331 37.77 8.15 -28.87
CA ALA A 331 36.99 7.09 -29.48
C ALA A 331 35.60 7.11 -28.87
N GLN A 332 34.76 6.20 -29.33
CA GLN A 332 33.39 6.13 -28.84
C GLN A 332 33.36 5.29 -27.56
N SER A 333 32.16 4.97 -27.10
CA SER A 333 32.06 4.04 -25.99
C SER A 333 32.33 2.62 -26.50
N SER A 334 32.67 1.74 -25.56
CA SER A 334 33.03 0.37 -25.91
C SER A 334 31.79 -0.43 -26.29
N GLY A 335 30.88 -0.59 -25.34
CA GLY A 335 29.72 -1.44 -25.55
C GLY A 335 28.73 -1.33 -24.41
N GLY A 336 28.22 -2.47 -23.96
CA GLY A 336 27.20 -2.45 -22.93
C GLY A 336 25.88 -1.98 -23.51
N ASP A 337 25.01 -1.54 -22.62
CA ASP A 337 23.76 -0.97 -23.09
C ASP A 337 24.00 0.44 -23.60
N LEU A 338 23.10 0.90 -24.47
CA LEU A 338 23.16 2.26 -24.98
C LEU A 338 22.96 3.31 -23.89
N GLU A 339 22.33 2.93 -22.78
CA GLU A 339 22.32 3.77 -21.58
C GLU A 339 23.75 4.03 -21.11
N VAL A 340 24.60 3.02 -21.18
CA VAL A 340 26.02 3.22 -20.88
C VAL A 340 26.74 3.74 -22.11
N THR A 341 26.37 3.25 -23.29
CA THR A 341 27.12 3.55 -24.50
C THR A 341 26.85 4.98 -24.99
N THR A 342 25.62 5.29 -25.32
CA THR A 342 25.34 6.56 -25.95
C THR A 342 24.92 7.59 -24.92
N HIS A 343 24.45 8.72 -25.41
CA HIS A 343 24.10 9.87 -24.58
C HIS A 343 22.67 9.73 -24.09
N SER A 344 22.50 9.47 -22.80
CA SER A 344 21.18 9.55 -22.20
C SER A 344 20.76 11.02 -22.13
N PHE A 345 19.48 11.27 -22.36
CA PHE A 345 19.04 12.64 -22.60
C PHE A 345 17.54 12.75 -22.38
N ASN A 346 17.13 13.67 -21.51
CA ASN A 346 15.74 14.03 -21.38
C ASN A 346 15.45 15.23 -22.27
N CYS A 347 14.20 15.33 -22.72
CA CYS A 347 13.74 16.51 -23.45
C CYS A 347 12.23 16.59 -23.37
N GLY A 348 11.72 17.53 -22.56
CA GLY A 348 10.35 18.00 -22.64
C GLY A 348 9.28 16.96 -22.44
N GLY A 349 9.54 15.97 -21.59
CA GLY A 349 8.63 14.85 -21.46
C GLY A 349 8.94 13.68 -22.38
N GLU A 350 10.09 13.70 -23.04
CA GLU A 350 10.54 12.58 -23.86
C GLU A 350 11.99 12.27 -23.52
N PHE A 351 12.33 10.99 -23.55
CA PHE A 351 13.59 10.51 -23.01
C PHE A 351 14.41 10.01 -24.20
N PHE A 352 15.34 10.83 -24.66
CA PHE A 352 16.04 10.49 -25.89
C PHE A 352 17.19 9.54 -25.58
N TYR A 353 17.70 8.94 -26.64
CA TYR A 353 18.97 8.22 -26.61
C TYR A 353 19.66 8.53 -27.91
N CYS A 354 20.80 9.20 -27.84
CA CYS A 354 21.39 9.75 -29.05
C CYS A 354 22.84 9.28 -29.19
N ASN A 355 23.14 8.68 -30.33
CA ASN A 355 24.47 8.20 -30.63
C ASN A 355 25.40 9.37 -30.87
N THR A 356 26.57 9.35 -30.25
CA THR A 356 27.49 10.48 -30.28
C THR A 356 28.82 10.08 -30.89
N SER A 357 28.80 9.35 -31.99
CA SER A 357 30.04 8.91 -32.61
C SER A 357 30.76 10.03 -33.35
N GLY A 358 30.03 11.05 -33.80
CA GLY A 358 30.65 12.13 -34.52
C GLY A 358 31.19 13.23 -33.63
N LEU A 359 31.42 12.92 -32.36
CA LEU A 359 31.94 13.89 -31.40
C LEU A 359 33.28 13.53 -30.81
N PHE A 360 33.71 12.28 -30.96
CA PHE A 360 34.97 11.82 -30.39
C PHE A 360 35.79 11.08 -31.43
N ASN A 361 35.62 11.47 -32.69
CA ASN A 361 36.42 10.98 -33.79
C ASN A 361 37.47 12.05 -34.09
N SER A 362 38.49 12.11 -33.23
CA SER A 362 39.60 13.04 -33.38
C SER A 362 40.77 12.53 -32.56
N THR A 363 41.98 12.71 -33.08
CA THR A 363 43.20 12.36 -32.37
C THR A 363 44.13 13.56 -32.39
N TRP A 364 44.54 14.02 -31.22
CA TRP A 364 45.47 15.14 -31.10
C TRP A 364 46.85 14.58 -30.84
N ILE A 365 47.84 15.08 -31.60
CA ILE A 365 49.11 14.39 -31.77
C ILE A 365 50.23 15.27 -31.25
N SER A 366 51.03 14.71 -30.34
CA SER A 366 52.37 15.14 -29.93
C SER A 366 52.41 16.43 -29.12
N ASN A 367 51.27 17.07 -28.85
CA ASN A 367 51.14 18.30 -28.06
C ASN A 367 51.99 19.45 -28.60
N THR A 368 52.26 19.46 -29.91
CA THR A 368 53.08 20.51 -30.53
C THR A 368 52.61 20.66 -31.96
N SER A 369 51.91 21.77 -32.23
CA SER A 369 51.24 22.05 -33.50
C SER A 369 50.32 20.90 -33.90
N VAL A 370 49.37 20.63 -33.01
CA VAL A 370 48.45 19.51 -33.12
C VAL A 370 47.50 19.67 -34.30
N SER A 378 33.77 26.34 -40.94
CA SER A 378 32.62 26.98 -40.30
C SER A 378 31.41 26.99 -41.22
N ASN A 379 30.34 27.63 -40.73
CA ASN A 379 29.01 27.63 -41.35
C ASN A 379 28.53 26.19 -41.59
N ASP A 380 28.82 25.32 -40.61
CA ASP A 380 28.58 23.90 -40.74
C ASP A 380 27.95 23.40 -39.46
N SER A 381 27.34 22.22 -39.54
CA SER A 381 26.69 21.64 -38.38
C SER A 381 26.70 20.13 -38.52
N ILE A 382 27.50 19.45 -37.71
CA ILE A 382 27.38 18.00 -37.62
C ILE A 382 26.07 17.66 -36.94
N THR A 383 25.57 16.45 -37.23
CA THR A 383 24.25 16.08 -36.77
C THR A 383 24.30 14.65 -36.25
N LEU A 384 23.68 14.42 -35.11
CA LEU A 384 23.80 13.10 -34.54
C LEU A 384 22.53 12.28 -34.74
N PRO A 385 22.64 10.99 -34.94
CA PRO A 385 21.45 10.12 -34.95
C PRO A 385 20.97 9.87 -33.53
N CYS A 386 19.70 10.16 -33.28
CA CYS A 386 19.12 10.00 -31.95
C CYS A 386 17.93 9.06 -32.03
N ARG A 387 17.82 8.14 -31.08
CA ARG A 387 16.72 7.19 -31.04
C ARG A 387 15.70 7.61 -29.99
N ILE A 388 14.54 6.93 -30.03
CA ILE A 388 13.44 7.18 -29.11
C ILE A 388 13.08 5.89 -28.42
N LYS A 389 13.05 5.91 -27.09
CA LYS A 389 12.53 4.81 -26.30
C LYS A 389 11.35 5.27 -25.47
N GLN A 390 10.63 4.30 -24.92
CA GLN A 390 9.50 4.57 -24.05
C GLN A 390 9.55 3.83 -22.73
N ILE A 391 10.27 2.72 -22.64
CA ILE A 391 10.35 1.92 -21.43
C ILE A 391 11.73 2.10 -20.84
N ILE A 392 11.78 2.75 -19.69
CA ILE A 392 13.03 3.24 -19.14
C ILE A 392 13.33 2.41 -17.90
N ASN A 393 14.57 2.47 -17.42
CA ASN A 393 14.94 1.96 -16.11
C ASN A 393 15.83 3.03 -15.47
N MET A 394 15.23 3.87 -14.64
CA MET A 394 15.96 5.00 -14.07
C MET A 394 16.85 4.54 -12.92
N TRP A 395 18.13 4.90 -13.00
CA TRP A 395 19.18 4.59 -12.02
C TRP A 395 19.35 3.10 -11.79
N GLN A 396 19.11 2.30 -12.84
CA GLN A 396 19.37 0.86 -12.90
C GLN A 396 18.63 0.07 -11.82
N ARG A 397 17.56 0.62 -11.25
CA ARG A 397 16.83 -0.04 -10.19
C ARG A 397 15.89 -1.05 -10.84
N ILE A 398 16.34 -2.30 -10.93
CA ILE A 398 15.68 -3.29 -11.76
C ILE A 398 14.38 -3.74 -11.09
N GLY A 399 13.29 -3.73 -11.85
CA GLY A 399 11.99 -4.08 -11.33
C GLY A 399 11.02 -2.94 -11.55
N GLN A 400 11.50 -1.73 -11.34
CA GLN A 400 10.70 -0.54 -11.60
C GLN A 400 10.79 -0.20 -13.08
N ALA A 401 9.64 -0.05 -13.72
CA ALA A 401 9.57 0.25 -15.14
C ALA A 401 8.55 1.34 -15.36
N MET A 402 9.03 2.50 -15.78
CA MET A 402 8.16 3.65 -16.00
C MET A 402 7.90 3.84 -17.49
N TYR A 403 6.65 4.08 -17.82
CA TYR A 403 6.21 4.24 -19.19
C TYR A 403 6.27 5.70 -19.60
N ALA A 404 6.59 5.93 -20.86
CA ALA A 404 6.64 7.29 -21.38
C ALA A 404 5.38 7.58 -22.16
N PRO A 405 4.54 8.50 -21.72
CA PRO A 405 3.39 8.89 -22.51
C PRO A 405 3.83 9.70 -23.71
N PRO A 406 3.50 9.26 -24.91
CA PRO A 406 3.88 10.04 -26.09
C PRO A 406 3.01 11.29 -26.20
N ILE A 407 3.62 12.38 -26.65
CA ILE A 407 2.95 13.67 -26.65
C ILE A 407 2.81 14.19 -28.07
N GLN A 408 1.86 15.09 -28.24
CA GLN A 408 1.43 15.56 -29.55
C GLN A 408 2.17 16.83 -29.92
N GLY A 409 2.15 17.17 -31.20
CA GLY A 409 2.87 18.33 -31.69
C GLY A 409 4.25 17.95 -32.18
N VAL A 410 5.21 18.84 -32.02
CA VAL A 410 6.60 18.52 -32.34
C VAL A 410 7.45 18.75 -31.10
N ILE A 411 8.74 18.48 -31.20
CA ILE A 411 9.65 18.53 -30.06
C ILE A 411 10.78 19.48 -30.40
N ARG A 412 11.01 20.46 -29.52
CA ARG A 412 12.16 21.34 -29.60
C ARG A 412 12.63 21.65 -28.19
N CYS A 413 13.91 21.42 -27.91
CA CYS A 413 14.49 21.85 -26.66
C CYS A 413 15.94 22.23 -26.88
N VAL A 414 16.34 23.32 -26.25
CA VAL A 414 17.66 23.91 -26.44
C VAL A 414 18.39 23.82 -25.11
N SER A 415 19.67 23.46 -25.14
CA SER A 415 20.42 23.36 -23.90
C SER A 415 21.86 23.77 -24.12
N ASN A 416 22.46 24.32 -23.07
CA ASN A 416 23.88 24.55 -23.04
C ASN A 416 24.64 23.24 -22.86
N ILE A 417 25.95 23.30 -23.07
CA ILE A 417 26.87 22.23 -22.72
C ILE A 417 27.78 22.74 -21.61
N THR A 418 27.81 22.04 -20.49
CA THR A 418 28.64 22.52 -19.41
C THR A 418 29.64 21.48 -18.91
N GLY A 419 29.25 20.21 -18.83
CA GLY A 419 30.07 19.22 -18.17
C GLY A 419 30.30 18.01 -19.05
N LEU A 420 31.48 17.43 -18.91
CA LEU A 420 31.90 16.30 -19.72
C LEU A 420 32.51 15.23 -18.82
N ILE A 421 32.42 13.99 -19.25
CA ILE A 421 33.00 12.87 -18.54
C ILE A 421 33.93 12.14 -19.51
N LEU A 422 35.19 11.99 -19.11
CA LEU A 422 36.14 11.21 -19.89
C LEU A 422 36.73 10.12 -19.02
N THR A 423 37.20 9.07 -19.69
CA THR A 423 37.72 7.89 -19.00
C THR A 423 39.02 7.48 -19.65
N ARG A 424 40.11 7.56 -18.88
CA ARG A 424 41.40 7.06 -19.32
C ARG A 424 41.35 5.54 -19.41
N ASP A 425 41.52 5.01 -20.62
CA ASP A 425 41.51 3.57 -20.79
C ASP A 425 42.80 2.95 -20.24
N GLY A 426 42.73 1.64 -19.98
CA GLY A 426 43.86 0.92 -19.42
C GLY A 426 44.96 0.66 -20.42
N SER A 431 54.73 3.80 -25.11
CA SER A 431 54.44 5.02 -25.87
C SER A 431 53.69 6.04 -25.03
N THR A 432 53.82 7.31 -25.40
CA THR A 432 53.12 8.39 -24.73
C THR A 432 51.73 8.62 -25.30
N THR A 433 51.29 7.80 -26.24
CA THR A 433 49.96 7.99 -26.83
C THR A 433 48.88 7.62 -25.82
N GLU A 434 47.73 8.28 -25.95
CA GLU A 434 46.67 8.12 -24.95
C GLU A 434 45.31 8.36 -25.57
N THR A 435 44.37 7.45 -25.29
CA THR A 435 43.02 7.51 -25.82
C THR A 435 42.05 7.78 -24.69
N PHE A 436 41.10 8.67 -24.92
CA PHE A 436 40.02 8.90 -23.97
C PHE A 436 38.68 8.54 -24.59
N ARG A 437 37.75 8.12 -23.73
CA ARG A 437 36.41 7.72 -24.12
C ARG A 437 35.40 8.40 -23.21
N PRO A 438 34.22 8.72 -23.72
CA PRO A 438 33.18 9.28 -22.85
C PRO A 438 32.59 8.25 -21.90
N GLY A 439 32.96 8.34 -20.61
CA GLY A 439 32.46 7.43 -19.62
C GLY A 439 31.10 7.86 -19.10
N GLY A 440 30.74 7.32 -17.94
CA GLY A 440 29.51 7.70 -17.27
C GLY A 440 28.75 6.50 -16.76
N GLY A 441 27.60 6.79 -16.16
CA GLY A 441 26.73 5.76 -15.62
C GLY A 441 26.26 6.03 -14.21
N ASP A 442 27.13 6.56 -13.36
CA ASP A 442 26.71 6.98 -12.03
C ASP A 442 26.21 8.41 -12.11
N MET A 443 24.99 8.62 -11.66
CA MET A 443 24.46 9.97 -11.63
C MET A 443 24.97 10.77 -10.44
N ARG A 444 25.62 10.11 -9.47
CA ARG A 444 26.26 10.82 -8.37
C ARG A 444 27.35 11.74 -8.86
N ASP A 445 28.06 11.33 -9.91
CA ASP A 445 29.10 12.17 -10.50
C ASP A 445 28.52 13.41 -11.15
N ASN A 446 27.24 13.38 -11.53
CA ASN A 446 26.62 14.59 -12.06
C ASN A 446 26.36 15.59 -10.94
N TRP A 447 25.90 15.10 -9.79
CA TRP A 447 25.61 16.04 -8.71
C TRP A 447 26.88 16.49 -8.02
N ARG A 448 27.88 15.62 -7.97
CA ARG A 448 29.19 16.00 -7.46
C ARG A 448 29.86 17.01 -8.38
N SER A 449 29.50 17.01 -9.66
CA SER A 449 30.06 17.97 -10.61
C SER A 449 29.64 19.40 -10.29
N GLU A 450 28.49 19.58 -9.66
CA GLU A 450 27.97 20.92 -9.41
C GLU A 450 27.78 21.19 -7.92
N LEU A 451 28.43 20.41 -7.06
CA LEU A 451 28.39 20.63 -5.62
C LEU A 451 29.77 20.53 -4.98
N TYR A 452 30.83 20.70 -5.76
CA TYR A 452 32.17 20.66 -5.20
C TYR A 452 32.51 21.92 -4.42
N LYS A 453 31.75 22.99 -4.61
CA LYS A 453 32.05 24.27 -3.99
C LYS A 453 31.64 24.34 -2.54
N TYR A 454 30.97 23.34 -2.01
CA TYR A 454 30.32 23.45 -0.71
C TYR A 454 30.94 22.51 0.31
N LYS A 455 30.85 22.93 1.58
CA LYS A 455 31.01 21.99 2.68
C LYS A 455 30.16 22.46 3.85
N VAL A 456 29.90 21.53 4.76
CA VAL A 456 29.02 21.74 5.90
C VAL A 456 29.85 21.47 7.16
N VAL A 457 29.69 22.31 8.18
CA VAL A 457 30.41 22.16 9.43
C VAL A 457 29.43 22.02 10.58
N LYS A 458 29.77 21.13 11.52
CA LYS A 458 29.08 20.99 12.78
C LYS A 458 29.47 22.16 13.68
N ILE A 459 28.63 22.47 14.66
CA ILE A 459 28.90 23.59 15.56
C ILE A 459 28.90 23.09 17.00
N GLU A 460 30.02 23.32 17.70
CA GLU A 460 30.20 23.01 19.12
C GLU A 460 30.83 24.22 19.81
N PRO A 461 30.02 25.22 20.18
CA PRO A 461 30.58 26.48 20.66
C PRO A 461 31.06 26.45 22.10
N LEU A 462 32.31 26.02 22.32
CA LEU A 462 32.85 25.97 23.67
C LEU A 462 34.35 26.18 23.62
N GLY A 463 34.84 27.20 24.29
CA GLY A 463 36.27 27.48 24.34
C GLY A 463 36.74 27.66 25.76
N VAL A 464 37.92 27.12 26.06
CA VAL A 464 38.49 27.13 27.40
C VAL A 464 39.90 27.72 27.32
N ALA A 465 40.01 29.04 27.46
CA ALA A 465 41.27 29.73 27.29
C ALA A 465 41.71 30.35 28.60
N PRO A 466 42.90 30.03 29.10
CA PRO A 466 43.29 30.50 30.43
C PRO A 466 43.78 31.94 30.43
N THR A 467 43.46 32.64 31.52
CA THR A 467 44.04 33.94 31.83
C THR A 467 44.29 33.97 33.33
N ARG A 468 44.54 35.16 33.87
CA ARG A 468 44.89 35.33 35.28
C ARG A 468 43.71 36.03 35.96
N CYS A 469 42.70 35.24 36.35
CA CYS A 469 41.54 35.79 37.03
C CYS A 469 41.37 35.24 38.44
N LYS A 470 41.29 33.91 38.60
CA LYS A 470 41.31 33.15 39.86
C LYS A 470 40.04 33.31 40.71
N ARG A 471 39.20 34.29 40.40
CA ARG A 471 38.11 34.58 41.32
C ARG A 471 36.86 35.07 40.61
N PHE B 11 25.39 36.07 10.85
CA PHE B 11 25.69 35.06 11.85
C PHE B 11 27.16 35.10 12.21
N LEU B 12 27.96 34.31 11.51
CA LEU B 12 29.35 34.14 11.87
C LEU B 12 30.18 35.21 11.16
N GLY B 13 31.40 35.39 11.65
CA GLY B 13 32.29 36.36 11.07
C GLY B 13 33.52 36.54 11.93
N ALA B 14 34.62 36.96 11.32
CA ALA B 14 35.89 37.28 11.97
C ALA B 14 36.49 36.10 12.74
N ALA B 15 36.10 34.87 12.41
CA ALA B 15 36.75 33.73 13.02
C ALA B 15 38.14 33.48 12.45
N GLY B 16 38.41 34.04 11.27
CA GLY B 16 39.66 33.77 10.58
C GLY B 16 40.89 34.41 11.15
N SER B 17 41.00 35.73 11.05
CA SER B 17 42.23 36.43 11.42
C SER B 17 41.94 37.43 12.53
N THR B 18 41.90 36.93 13.76
CA THR B 18 41.98 37.66 15.01
C THR B 18 42.07 36.64 16.14
N MET B 19 42.27 37.14 17.35
CA MET B 19 42.46 36.28 18.51
C MET B 19 42.15 37.09 19.75
N GLY B 20 41.13 36.68 20.50
CA GLY B 20 40.75 37.43 21.68
C GLY B 20 39.82 38.59 21.38
N ALA B 21 40.11 39.34 20.32
CA ALA B 21 39.16 40.34 19.85
C ALA B 21 37.94 39.69 19.21
N ALA B 22 38.02 38.41 18.84
CA ALA B 22 36.84 37.66 18.48
C ALA B 22 35.92 37.46 19.68
N SER B 23 36.48 37.43 20.88
CA SER B 23 35.65 37.31 22.08
C SER B 23 34.89 38.58 22.38
N MET B 24 35.23 39.70 21.74
CA MET B 24 34.43 40.91 21.87
C MET B 24 33.05 40.72 21.27
N THR B 25 32.97 40.02 20.13
CA THR B 25 31.71 39.88 19.40
C THR B 25 31.03 38.54 19.64
N LEU B 26 31.23 37.94 20.82
CA LEU B 26 30.50 36.71 21.15
C LEU B 26 29.13 37.01 21.74
N THR B 27 28.35 37.77 21.00
CA THR B 27 26.96 38.06 21.36
C THR B 27 26.01 37.92 20.19
N VAL B 28 26.50 37.93 18.95
CA VAL B 28 25.68 37.56 17.81
C VAL B 28 25.71 36.04 17.61
N GLN B 29 26.67 35.35 18.22
CA GLN B 29 26.90 33.93 17.99
C GLN B 29 25.90 33.03 18.66
N ALA B 30 24.88 33.57 19.33
CA ALA B 30 23.92 32.71 20.01
C ALA B 30 22.49 33.05 19.64
N ARG B 31 22.23 34.32 19.34
CA ARG B 31 20.86 34.74 19.10
C ARG B 31 20.34 34.24 17.76
N ASN B 32 21.23 34.06 16.79
CA ASN B 32 20.84 33.41 15.55
C ASN B 32 20.98 31.90 15.63
N LEU B 33 21.74 31.41 16.61
CA LEU B 33 21.85 29.98 16.84
C LEU B 33 20.55 29.42 17.37
N LEU B 34 20.14 28.27 16.82
CA LEU B 34 18.86 27.60 17.10
C LEU B 34 17.67 28.50 16.80
N SER B 35 17.69 29.16 15.65
CA SER B 35 16.55 29.97 15.25
C SER B 35 16.38 29.98 13.74
N GLY B 61 8.55 15.78 6.71
CA GLY B 61 8.35 14.40 7.10
C GLY B 61 9.16 13.99 8.30
N ILE B 62 9.71 12.78 8.26
CA ILE B 62 10.50 12.27 9.37
C ILE B 62 11.98 12.56 9.16
N LYS B 63 12.42 12.50 7.91
CA LYS B 63 13.84 12.67 7.58
C LYS B 63 14.35 14.07 7.89
N GLN B 64 13.48 15.07 7.80
CA GLN B 64 13.83 16.42 8.21
C GLN B 64 13.54 16.67 9.68
N LEU B 65 12.90 15.72 10.35
CA LEU B 65 12.53 15.85 11.74
C LEU B 65 13.62 15.30 12.66
N GLN B 66 14.68 14.71 12.10
CA GLN B 66 15.90 14.53 12.87
C GLN B 66 16.48 15.88 13.26
N ALA B 67 16.36 16.86 12.37
CA ALA B 67 16.58 18.25 12.76
C ALA B 67 15.50 18.68 13.73
N ARG B 68 15.84 19.70 14.53
CA ARG B 68 15.08 20.18 15.68
C ARG B 68 14.90 19.12 16.75
N VAL B 69 15.75 18.10 16.76
CA VAL B 69 15.83 17.16 17.87
C VAL B 69 17.26 17.14 18.35
N LEU B 70 18.18 16.74 17.47
CA LEU B 70 19.59 16.87 17.78
C LEU B 70 20.01 18.33 17.74
N ALA B 71 19.29 19.15 16.98
CA ALA B 71 19.50 20.58 17.01
C ALA B 71 19.11 21.17 18.36
N VAL B 72 18.08 20.61 19.00
CA VAL B 72 17.70 21.08 20.33
C VAL B 72 18.32 20.21 21.42
N GLU B 73 18.85 19.04 21.09
CA GLU B 73 19.70 18.34 22.03
C GLU B 73 21.00 19.10 22.21
N HIS B 74 21.50 19.70 21.14
CA HIS B 74 22.54 20.70 21.28
C HIS B 74 21.92 22.02 21.70
N TYR B 75 22.73 22.85 22.36
CA TYR B 75 22.42 23.99 23.23
C TYR B 75 21.84 23.50 24.57
N LEU B 76 21.53 22.22 24.66
CA LEU B 76 21.06 21.65 25.91
C LEU B 76 22.17 20.92 26.64
N ARG B 77 22.84 19.99 25.97
CA ARG B 77 23.80 19.13 26.65
C ARG B 77 25.06 19.86 27.07
N ASP B 78 25.38 20.99 26.43
CA ASP B 78 26.45 21.82 26.94
C ASP B 78 25.97 22.68 28.10
N GLN B 79 24.77 23.24 27.98
CA GLN B 79 24.22 24.03 29.07
C GLN B 79 23.77 23.14 30.22
N GLN B 80 23.58 21.84 29.95
CA GLN B 80 23.57 20.84 31.00
C GLN B 80 24.82 20.92 31.86
N LEU B 81 25.98 20.86 31.23
CA LEU B 81 27.22 20.92 31.99
C LEU B 81 27.70 22.34 32.24
N LEU B 82 27.14 23.34 31.56
CA LEU B 82 27.59 24.70 31.80
C LEU B 82 27.10 25.22 33.14
N GLY B 83 25.92 24.80 33.58
CA GLY B 83 25.49 25.05 34.94
C GLY B 83 26.36 24.37 35.97
N ILE B 84 27.04 23.29 35.60
CA ILE B 84 27.95 22.63 36.51
C ILE B 84 29.31 23.33 36.53
N TRP B 85 29.67 24.05 35.46
CA TRP B 85 30.90 24.84 35.47
C TRP B 85 30.90 25.95 36.50
N GLY B 86 29.73 26.40 36.96
CA GLY B 86 29.67 27.49 37.90
C GLY B 86 29.18 28.75 37.24
N CYS B 87 29.64 29.00 36.03
CA CYS B 87 29.12 30.10 35.23
C CYS B 87 27.73 29.72 34.74
N SER B 88 26.71 30.31 35.35
CA SER B 88 25.34 29.81 35.18
C SER B 88 24.72 30.27 33.88
N GLY B 89 24.92 31.53 33.51
CA GLY B 89 24.30 32.04 32.30
C GLY B 89 25.32 32.35 31.23
N LYS B 90 25.14 33.46 30.53
CA LYS B 90 26.19 33.99 29.66
C LYS B 90 26.90 35.10 30.41
N LEU B 91 28.05 34.76 30.96
CA LEU B 91 29.08 35.72 31.28
C LEU B 91 30.37 35.16 30.73
N ILE B 92 31.12 35.98 30.02
CA ILE B 92 32.53 35.69 29.82
C ILE B 92 33.16 35.79 31.21
N CYS B 93 33.50 34.64 31.78
CA CYS B 93 33.67 34.52 33.22
C CYS B 93 34.90 33.68 33.51
N CYS B 94 35.41 33.81 34.73
CA CYS B 94 36.51 32.99 35.19
C CYS B 94 36.06 32.12 36.35
N THR B 95 36.60 30.92 36.40
CA THR B 95 36.41 30.01 37.51
C THR B 95 37.52 30.22 38.52
N ASN B 96 37.68 29.27 39.44
CA ASN B 96 38.82 29.29 40.36
C ASN B 96 39.66 28.02 40.27
N VAL B 97 39.37 27.14 39.34
CA VAL B 97 40.22 25.96 39.14
C VAL B 97 41.53 26.39 38.48
N PRO B 98 42.67 25.83 38.86
CA PRO B 98 43.92 26.18 38.20
C PRO B 98 44.02 25.63 36.79
N TRP B 99 44.55 26.45 35.90
CA TRP B 99 45.18 25.96 34.68
C TRP B 99 46.47 25.25 35.08
N ASN B 100 46.51 23.94 34.89
CA ASN B 100 47.78 23.23 35.02
C ASN B 100 48.68 23.64 33.87
N SER B 101 49.94 23.91 34.19
CA SER B 101 50.90 24.32 33.18
C SER B 101 51.52 23.14 32.45
N SER B 102 51.07 21.91 32.71
CA SER B 102 51.52 20.78 31.90
C SER B 102 50.88 20.77 30.52
N TRP B 103 49.88 21.61 30.29
CA TRP B 103 49.03 21.54 29.11
C TRP B 103 49.47 22.58 28.09
N SER B 104 50.68 22.36 27.57
CA SER B 104 51.35 23.19 26.56
C SER B 104 51.50 24.64 27.04
N ASN B 105 52.34 24.78 28.06
CA ASN B 105 52.64 26.09 28.63
C ASN B 105 53.47 26.88 27.63
N ARG B 106 52.80 27.71 26.82
CA ARG B 106 53.46 28.48 25.77
C ARG B 106 52.94 29.91 25.80
N ASN B 107 53.58 30.75 26.62
CA ASN B 107 53.53 32.22 26.54
C ASN B 107 52.11 32.78 26.53
N LEU B 108 51.40 32.51 27.61
CA LEU B 108 49.95 32.70 27.64
C LEU B 108 49.53 34.16 27.74
N SER B 109 50.47 35.09 27.80
CA SER B 109 50.19 36.49 27.53
C SER B 109 50.48 36.84 26.08
N GLU B 110 51.41 36.14 25.45
CA GLU B 110 51.86 36.45 24.10
C GLU B 110 50.95 35.80 23.05
N ILE B 111 50.69 34.50 23.20
CA ILE B 111 49.82 33.75 22.29
C ILE B 111 48.36 34.13 22.47
N TRP B 112 48.05 34.84 23.55
CA TRP B 112 46.69 35.30 23.83
C TRP B 112 46.16 36.23 22.75
N ASP B 113 47.02 37.00 22.10
CA ASP B 113 46.55 38.03 21.21
C ASP B 113 46.94 37.82 19.76
N ASN B 114 48.12 37.27 19.50
CA ASN B 114 48.63 37.17 18.13
C ASN B 114 48.16 35.89 17.44
N MET B 115 48.56 34.75 17.98
CA MET B 115 48.33 33.46 17.32
C MET B 115 46.87 33.07 17.46
N THR B 116 46.17 33.01 16.33
CA THR B 116 44.73 32.93 16.30
C THR B 116 44.23 31.57 16.75
N TRP B 117 42.92 31.53 17.00
CA TRP B 117 42.18 30.29 17.19
C TRP B 117 42.20 29.44 15.91
N LEU B 118 41.80 28.16 16.10
CA LEU B 118 41.88 27.02 15.19
C LEU B 118 43.30 26.49 15.02
N GLN B 119 44.29 27.21 15.54
CA GLN B 119 45.65 26.71 15.67
C GLN B 119 45.87 26.25 17.09
N TRP B 120 45.63 27.16 18.03
CA TRP B 120 45.74 26.88 19.46
C TRP B 120 44.75 25.82 19.90
N ASP B 121 43.63 25.69 19.19
CA ASP B 121 42.61 24.72 19.55
C ASP B 121 43.11 23.31 19.32
N LYS B 122 43.86 23.08 18.24
CA LYS B 122 44.51 21.80 18.03
C LYS B 122 45.56 21.53 19.09
N GLU B 123 46.19 22.58 19.60
CA GLU B 123 47.20 22.41 20.65
C GLU B 123 46.55 21.91 21.94
N ILE B 124 45.33 22.35 22.22
CA ILE B 124 44.63 21.99 23.45
C ILE B 124 43.48 21.03 23.14
N SER B 125 43.48 20.45 21.94
CA SER B 125 42.48 19.44 21.59
C SER B 125 42.66 18.17 22.40
N ASN B 126 43.89 17.88 22.82
CA ASN B 126 44.14 16.66 23.57
C ASN B 126 43.60 16.76 24.99
N TYR B 127 43.82 17.91 25.63
CA TYR B 127 43.41 18.10 27.01
C TYR B 127 42.08 18.85 27.02
N THR B 128 41.01 18.09 26.83
CA THR B 128 39.66 18.61 27.07
C THR B 128 38.93 17.80 28.13
N GLN B 129 39.00 16.47 27.99
CA GLN B 129 38.31 15.56 28.90
C GLN B 129 38.80 15.69 30.33
N ILE B 130 40.09 15.98 30.49
CA ILE B 130 40.68 16.05 31.83
C ILE B 130 40.24 17.32 32.54
N ILE B 131 40.15 18.43 31.80
CA ILE B 131 39.56 19.66 32.33
C ILE B 131 38.11 19.42 32.72
N TYR B 132 37.43 18.54 31.98
CA TYR B 132 36.03 18.26 32.26
C TYR B 132 35.85 17.47 33.55
N GLY B 133 36.88 16.77 34.00
CA GLY B 133 36.85 16.26 35.36
C GLY B 133 37.23 17.31 36.39
N LEU B 134 37.98 18.32 35.99
CA LEU B 134 38.35 19.40 36.88
C LEU B 134 37.32 20.51 36.92
N LEU B 135 36.28 20.44 36.10
CA LEU B 135 35.20 21.42 36.20
C LEU B 135 34.23 21.09 37.31
N GLU B 136 34.29 19.88 37.85
CA GLU B 136 33.26 19.40 38.75
C GLU B 136 33.82 19.03 40.12
N GLU B 137 35.13 19.05 40.27
CA GLU B 137 35.80 18.65 41.49
C GLU B 137 36.40 19.81 42.25
N SER B 138 36.93 20.79 41.53
CA SER B 138 37.62 21.90 42.18
C SER B 138 36.63 22.87 42.80
N GLN B 139 35.80 23.50 41.96
CA GLN B 139 34.81 24.42 42.45
C GLN B 139 33.54 23.71 42.88
N ASN B 140 33.30 22.53 42.36
CA ASN B 140 31.96 21.97 42.39
C ASN B 140 31.88 20.70 43.21
N GLN B 141 32.94 20.36 43.91
CA GLN B 141 32.87 19.43 45.02
C GLN B 141 33.21 20.10 46.33
N GLN B 142 34.25 20.95 46.34
CA GLN B 142 34.65 21.64 47.55
C GLN B 142 33.78 22.86 47.79
N GLU B 143 33.86 23.83 46.88
CA GLU B 143 33.36 25.18 47.11
C GLU B 143 31.84 25.23 47.13
N LYS B 144 31.16 24.27 46.50
CA LYS B 144 29.71 24.22 46.61
C LYS B 144 29.25 23.86 48.01
N ASN B 145 30.03 23.04 48.72
CA ASN B 145 29.67 22.67 50.09
C ASN B 145 30.48 23.46 51.11
N GLU B 146 30.88 24.68 50.75
CA GLU B 146 31.51 25.59 51.69
C GLU B 146 30.67 26.82 51.98
N GLN B 147 29.73 27.15 51.11
CA GLN B 147 28.76 28.20 51.40
C GLN B 147 27.60 27.68 52.23
N ASP B 148 27.51 26.37 52.44
CA ASP B 148 26.48 25.77 53.26
C ASP B 148 26.88 25.73 54.73
N LEU B 149 28.09 26.18 55.06
CA LEU B 149 28.56 26.16 56.44
C LEU B 149 27.79 27.15 57.31
N LEU B 150 27.49 28.32 56.76
CA LEU B 150 26.74 29.34 57.47
C LEU B 150 25.29 28.93 57.69
N VAL C 2 11.78 24.99 -67.23
CA VAL C 2 13.13 24.45 -67.29
C VAL C 2 13.48 24.03 -68.70
N GLN C 3 14.59 24.54 -69.22
CA GLN C 3 15.12 24.09 -70.50
C GLN C 3 16.29 23.15 -70.27
N LEU C 4 16.60 22.38 -71.30
CA LEU C 4 17.86 21.64 -71.36
C LEU C 4 18.18 21.36 -72.82
N ARG C 5 19.48 21.26 -73.12
CA ARG C 5 19.94 20.89 -74.45
C ARG C 5 21.24 20.12 -74.31
N GLU C 6 21.38 19.07 -75.11
CA GLU C 6 22.61 18.28 -75.18
C GLU C 6 23.66 19.00 -76.02
N SER C 7 24.76 18.30 -76.29
CA SER C 7 25.85 18.80 -77.14
C SER C 7 26.65 17.61 -77.60
N GLY C 8 26.80 17.45 -78.92
CA GLY C 8 27.46 16.28 -79.47
C GLY C 8 28.19 16.51 -80.78
N PRO C 9 29.13 15.61 -81.11
CA PRO C 9 29.87 15.72 -82.37
C PRO C 9 29.18 15.07 -83.56
N GLY C 10 28.33 14.07 -83.30
CA GLY C 10 27.63 13.37 -84.35
C GLY C 10 28.30 12.08 -84.83
N LEU C 11 29.48 12.19 -85.43
CA LEU C 11 30.21 11.04 -85.93
C LEU C 11 31.50 10.88 -85.14
N VAL C 12 31.68 9.70 -84.54
CA VAL C 12 32.86 9.37 -83.75
C VAL C 12 33.47 8.12 -84.35
N LYS C 13 34.80 8.13 -84.53
CA LYS C 13 35.50 6.93 -84.97
C LYS C 13 35.54 5.89 -83.86
N PRO C 14 35.70 4.61 -84.21
CA PRO C 14 35.96 3.60 -83.19
C PRO C 14 37.32 3.80 -82.51
N SER C 15 37.43 3.25 -81.31
CA SER C 15 38.60 3.23 -80.44
C SER C 15 39.08 4.62 -80.02
N GLU C 16 38.27 5.64 -80.20
CA GLU C 16 38.56 6.99 -79.73
C GLU C 16 37.71 7.26 -78.49
N THR C 17 37.66 8.50 -78.05
CA THR C 17 36.93 8.85 -76.84
C THR C 17 35.64 9.60 -77.15
N LEU C 18 34.97 10.07 -76.11
CA LEU C 18 33.67 10.69 -76.24
C LEU C 18 33.57 11.89 -75.31
N SER C 19 33.14 13.02 -75.86
CA SER C 19 32.99 14.26 -75.11
C SER C 19 31.59 14.80 -75.34
N LEU C 20 30.74 14.68 -74.32
CA LEU C 20 29.37 15.15 -74.39
C LEU C 20 29.09 16.05 -73.21
N SER C 21 28.06 16.88 -73.34
CA SER C 21 27.63 17.74 -72.24
C SER C 21 26.16 18.08 -72.43
N CYS C 22 25.57 18.64 -71.37
CA CYS C 22 24.13 18.94 -71.36
C CYS C 22 23.93 20.24 -70.60
N THR C 23 23.49 21.28 -71.30
CA THR C 23 23.34 22.61 -70.72
C THR C 23 21.93 22.79 -70.18
N VAL C 24 21.83 23.30 -68.96
CA VAL C 24 20.56 23.47 -68.26
C VAL C 24 20.33 24.96 -68.03
N SER C 25 19.10 25.41 -68.26
CA SER C 25 18.71 26.77 -67.92
C SER C 25 17.29 26.74 -67.37
N ASN C 26 16.84 27.92 -66.94
CA ASN C 26 15.50 28.13 -66.35
C ASN C 26 15.27 27.17 -65.18
N ASP C 27 16.23 27.12 -64.27
CA ASP C 27 16.14 26.25 -63.11
C ASP C 27 16.36 27.10 -61.88
N SER C 28 15.31 27.25 -61.07
CA SER C 28 15.40 28.15 -59.92
C SER C 28 16.28 27.56 -58.82
N ARG C 29 16.21 26.24 -58.61
CA ARG C 29 17.14 25.53 -57.73
C ARG C 29 17.84 24.48 -58.57
N PRO C 30 18.93 24.85 -59.26
CA PRO C 30 19.73 23.85 -59.97
C PRO C 30 20.61 23.05 -59.06
N SER C 31 20.79 23.48 -57.81
CA SER C 31 21.83 22.94 -56.96
C SER C 31 21.43 21.69 -56.19
N ASP C 32 20.15 21.32 -56.19
CA ASP C 32 19.69 20.26 -55.31
C ASP C 32 19.06 19.09 -56.04
N HIS C 33 19.26 18.97 -57.34
CA HIS C 33 18.81 17.82 -58.08
C HIS C 33 19.95 16.82 -58.23
N SER C 34 19.68 15.76 -58.97
CA SER C 34 20.72 14.86 -59.47
C SER C 34 20.78 14.99 -60.98
N TRP C 35 21.96 14.71 -61.54
CA TRP C 35 22.18 14.86 -62.96
C TRP C 35 22.81 13.58 -63.47
N THR C 36 22.25 13.01 -64.54
CA THR C 36 22.60 11.67 -64.94
C THR C 36 22.63 11.55 -66.46
N TRP C 37 23.44 10.61 -66.93
CA TRP C 37 23.44 10.18 -68.32
C TRP C 37 22.81 8.81 -68.39
N VAL C 38 21.91 8.62 -69.35
CA VAL C 38 21.31 7.32 -69.65
C VAL C 38 21.31 7.18 -71.17
N ARG C 39 21.77 6.04 -71.67
CA ARG C 39 21.82 5.84 -73.10
C ARG C 39 20.77 4.82 -73.52
N GLN C 40 20.57 4.74 -74.84
CA GLN C 40 19.61 3.81 -75.41
C GLN C 40 20.12 3.33 -76.76
N SER C 41 20.08 2.07 -76.97
CA SER C 41 20.34 1.37 -78.23
C SER C 41 19.04 1.25 -79.02
N PRO C 42 19.11 1.20 -80.35
CA PRO C 42 17.88 1.11 -81.16
C PRO C 42 17.18 -0.23 -80.98
N GLY C 43 15.87 -0.17 -80.76
CA GLY C 43 15.08 -1.36 -80.53
C GLY C 43 15.42 -2.10 -79.26
N LYS C 44 15.96 -1.41 -78.26
CA LYS C 44 16.42 -2.03 -77.04
C LYS C 44 15.84 -1.31 -75.84
N ALA C 45 16.24 -1.75 -74.66
CA ALA C 45 15.82 -1.10 -73.43
C ALA C 45 16.69 0.11 -73.15
N LEU C 46 16.43 0.78 -72.04
CA LEU C 46 17.26 1.89 -71.64
C LEU C 46 18.52 1.38 -70.98
N GLU C 47 19.48 2.27 -70.76
CA GLU C 47 20.77 1.84 -70.25
C GLU C 47 21.36 2.97 -69.42
N TRP C 48 21.23 2.84 -68.11
CA TRP C 48 21.79 3.82 -67.18
C TRP C 48 23.30 3.81 -67.26
N ILE C 49 23.89 4.97 -67.11
CA ILE C 49 25.34 5.13 -67.18
C ILE C 49 25.91 5.54 -65.84
N GLY C 50 25.55 6.71 -65.37
CA GLY C 50 26.11 7.22 -64.13
C GLY C 50 25.32 8.42 -63.69
N ASP C 51 25.84 9.08 -62.67
CA ASP C 51 25.16 10.24 -62.10
C ASP C 51 26.15 11.08 -61.33
N ILE C 52 25.76 12.32 -61.09
CA ILE C 52 26.63 13.28 -60.40
C ILE C 52 25.76 14.18 -59.54
N HIS C 53 26.29 14.57 -58.39
CA HIS C 53 25.64 15.54 -57.52
C HIS C 53 26.65 16.62 -57.20
N TYR C 54 26.15 17.79 -56.82
CA TYR C 54 27.00 18.98 -56.79
C TYR C 54 27.95 18.99 -55.60
N ASN C 55 27.83 18.05 -54.67
CA ASN C 55 28.90 17.83 -53.71
C ASN C 55 30.16 17.33 -54.38
N GLY C 56 30.01 16.62 -55.49
CA GLY C 56 31.12 15.98 -56.18
C GLY C 56 31.04 14.47 -56.17
N ALA C 57 30.09 13.90 -55.43
CA ALA C 57 29.97 12.46 -55.35
C ALA C 57 29.34 11.92 -56.63
N THR C 58 30.00 10.95 -57.24
CA THR C 58 29.52 10.30 -58.45
C THR C 58 29.44 8.80 -58.22
N THR C 59 28.44 8.18 -58.83
CA THR C 59 28.42 6.73 -59.00
C THR C 59 28.32 6.43 -60.49
N TYR C 60 28.53 5.16 -60.83
CA TYR C 60 28.58 4.75 -62.23
C TYR C 60 27.97 3.37 -62.36
N ASN C 61 27.62 3.02 -63.59
CA ASN C 61 27.38 1.63 -63.94
C ASN C 61 28.71 0.89 -63.79
N PRO C 62 28.80 -0.12 -62.92
CA PRO C 62 30.10 -0.77 -62.66
C PRO C 62 30.65 -1.54 -63.84
N SER C 63 29.82 -2.01 -64.76
CA SER C 63 30.34 -2.68 -65.95
C SER C 63 30.96 -1.68 -66.92
N LEU C 64 30.44 -0.45 -66.97
CA LEU C 64 30.94 0.58 -67.85
C LEU C 64 31.93 1.50 -67.16
N ARG C 65 32.19 1.27 -65.88
CA ARG C 65 32.90 2.20 -65.01
C ARG C 65 34.33 2.44 -65.46
N SER C 66 34.95 1.44 -66.08
CA SER C 66 36.35 1.50 -66.47
C SER C 66 36.61 2.40 -67.67
N ARG C 67 35.57 2.88 -68.36
CA ARG C 67 35.76 3.71 -69.53
C ARG C 67 35.04 5.04 -69.46
N VAL C 68 34.31 5.32 -68.38
CA VAL C 68 33.46 6.49 -68.33
C VAL C 68 33.92 7.44 -67.22
N ARG C 69 33.48 8.69 -67.34
CA ARG C 69 33.63 9.70 -66.30
C ARG C 69 32.65 10.82 -66.59
N ILE C 70 32.01 11.33 -65.54
CA ILE C 70 31.06 12.43 -65.67
C ILE C 70 31.56 13.57 -64.80
N GLU C 71 31.71 14.74 -65.38
CA GLU C 71 32.15 15.91 -64.62
C GLU C 71 31.22 17.08 -64.90
N LEU C 72 31.55 18.22 -64.28
CA LEU C 72 30.54 19.20 -63.94
C LEU C 72 31.10 20.61 -63.92
N ASP C 73 30.40 21.52 -64.58
CA ASP C 73 30.52 22.94 -64.30
C ASP C 73 29.20 23.42 -63.74
N GLN C 74 29.27 24.29 -62.73
CA GLN C 74 28.07 24.78 -62.07
C GLN C 74 27.77 26.24 -62.34
N SER C 75 28.78 27.02 -62.76
CA SER C 75 28.54 28.41 -63.18
C SER C 75 27.62 28.45 -64.38
N ILE C 76 28.07 27.89 -65.49
CA ILE C 76 27.18 27.47 -66.56
C ILE C 76 26.62 26.13 -66.11
N PRO C 77 25.30 25.99 -65.94
CA PRO C 77 24.76 24.70 -65.47
C PRO C 77 24.85 23.60 -66.52
N ARG C 78 26.08 23.16 -66.80
CA ARG C 78 26.35 22.20 -67.85
C ARG C 78 27.30 21.16 -67.29
N PHE C 79 26.85 19.91 -67.25
CA PHE C 79 27.70 18.82 -66.80
C PHE C 79 28.15 18.00 -68.01
N SER C 80 29.36 17.47 -67.92
CA SER C 80 30.05 16.91 -69.06
C SER C 80 29.87 15.39 -69.10
N LEU C 81 30.57 14.76 -70.05
CA LEU C 81 30.62 13.30 -70.16
C LEU C 81 31.92 12.90 -70.83
N LYS C 82 32.64 11.98 -70.20
CA LYS C 82 33.94 11.49 -70.66
C LYS C 82 33.87 9.98 -70.81
N MET C 83 33.47 9.48 -71.98
CA MET C 83 33.63 8.06 -72.26
C MET C 83 34.86 7.85 -73.13
N THR C 84 35.65 6.84 -72.79
CA THR C 84 36.82 6.46 -73.55
C THR C 84 36.54 5.16 -74.30
N SER C 85 37.40 4.90 -75.30
CA SER C 85 37.49 3.62 -76.01
C SER C 85 36.18 3.24 -76.68
N MET C 86 35.77 4.08 -77.65
CA MET C 86 34.47 3.92 -78.28
C MET C 86 34.44 2.69 -79.18
N THR C 87 33.41 1.87 -79.02
CA THR C 87 33.17 0.71 -79.87
C THR C 87 31.88 0.90 -80.64
N ALA C 88 31.74 0.13 -81.73
CA ALA C 88 30.56 0.24 -82.58
C ALA C 88 29.30 -0.30 -81.92
N ALA C 89 29.43 -1.13 -80.88
CA ALA C 89 28.26 -1.61 -80.16
C ALA C 89 27.63 -0.52 -79.30
N ASP C 90 28.34 0.56 -79.03
CA ASP C 90 27.82 1.68 -78.26
C ASP C 90 27.16 2.73 -79.13
N THR C 91 26.91 2.40 -80.39
CA THR C 91 26.15 3.27 -81.28
C THR C 91 24.68 3.30 -80.83
N GLY C 92 24.18 4.50 -80.53
CA GLY C 92 22.81 4.59 -80.06
C GLY C 92 22.36 6.01 -79.81
N MET C 93 21.32 6.14 -78.98
CA MET C 93 20.67 7.40 -78.69
C MET C 93 20.87 7.71 -77.22
N TYR C 94 21.58 8.79 -76.93
CA TYR C 94 22.04 9.03 -75.57
C TYR C 94 21.29 10.23 -74.98
N TYR C 95 21.14 10.23 -73.67
CA TYR C 95 20.29 11.21 -73.01
C TYR C 95 20.94 11.73 -71.72
N CYS C 96 20.75 13.02 -71.49
CA CYS C 96 20.96 13.65 -70.18
C CYS C 96 19.61 13.84 -69.52
N ALA C 97 19.59 13.76 -68.19
CA ALA C 97 18.32 13.82 -67.49
C ALA C 97 18.50 14.35 -66.07
N ARG C 98 17.45 14.98 -65.57
CA ARG C 98 17.41 15.50 -64.21
C ARG C 98 16.63 14.52 -63.34
N ASN C 99 17.26 14.03 -62.29
CA ASN C 99 16.61 13.17 -61.31
C ASN C 99 16.36 14.01 -60.07
N ALA C 100 15.10 14.36 -59.82
CA ALA C 100 14.80 15.28 -58.75
C ALA C 100 14.78 14.55 -57.41
N ILE C 101 15.07 15.31 -56.36
CA ILE C 101 15.09 14.83 -54.99
C ILE C 101 14.35 15.86 -54.15
N ARG C 102 13.35 15.42 -53.41
CA ARG C 102 12.78 16.33 -52.43
C ARG C 102 13.19 15.93 -51.04
N ILE C 103 13.03 16.88 -50.13
CA ILE C 103 13.65 16.86 -48.83
C ILE C 103 12.57 16.88 -47.77
N TYR C 104 12.61 15.92 -46.86
CA TYR C 104 11.74 15.97 -45.69
C TYR C 104 12.54 16.10 -44.41
N GLY C 105 13.75 16.64 -44.47
CA GLY C 105 14.48 16.89 -43.25
C GLY C 105 15.98 17.03 -43.41
N VAL C 106 16.75 16.38 -42.55
CA VAL C 106 18.19 16.55 -42.54
C VAL C 106 18.79 15.82 -43.73
N VAL C 107 19.52 16.55 -44.56
CA VAL C 107 20.17 15.96 -45.73
C VAL C 107 21.30 15.04 -45.28
N ALA C 108 22.04 15.44 -44.25
CA ALA C 108 23.17 14.64 -43.79
C ALA C 108 22.75 13.36 -43.09
N LEU C 109 21.50 13.25 -42.66
CA LEU C 109 21.01 12.02 -42.07
C LEU C 109 20.20 11.18 -43.04
N GLY C 110 20.18 11.54 -44.31
CA GLY C 110 19.44 10.77 -45.28
C GLY C 110 17.94 10.88 -45.17
N GLU C 111 17.44 12.05 -44.78
CA GLU C 111 15.99 12.27 -44.76
C GLU C 111 15.49 12.90 -46.06
N TRP C 112 15.86 12.27 -47.17
CA TRP C 112 15.45 12.69 -48.50
C TRP C 112 15.07 11.45 -49.29
N PHE C 113 14.50 11.69 -50.46
CA PHE C 113 14.11 10.61 -51.35
C PHE C 113 14.16 11.13 -52.77
N HIS C 114 14.43 10.24 -53.71
CA HIS C 114 14.36 10.62 -55.12
C HIS C 114 12.92 10.83 -55.54
N TYR C 115 12.63 12.01 -56.09
CA TYR C 115 11.33 12.27 -56.69
C TYR C 115 11.11 11.40 -57.92
N GLY C 116 12.14 11.25 -58.74
CA GLY C 116 11.99 10.62 -60.03
C GLY C 116 12.61 11.47 -61.11
N MET C 117 12.90 10.86 -62.26
CA MET C 117 13.57 11.56 -63.37
C MET C 117 12.51 12.24 -64.21
N ASP C 118 12.35 13.54 -64.01
CA ASP C 118 11.25 14.28 -64.63
C ASP C 118 11.57 14.78 -66.03
N VAL C 119 12.78 15.27 -66.25
CA VAL C 119 13.13 16.01 -67.44
C VAL C 119 14.13 15.20 -68.24
N TRP C 120 13.86 15.03 -69.53
CA TRP C 120 14.68 14.21 -70.39
C TRP C 120 15.27 15.02 -71.53
N GLY C 121 16.43 14.59 -71.99
CA GLY C 121 17.23 15.35 -72.92
C GLY C 121 16.75 15.27 -74.36
N GLN C 122 17.56 15.86 -75.23
CA GLN C 122 17.24 15.92 -76.66
C GLN C 122 17.34 14.56 -77.32
N GLY C 123 18.34 13.77 -76.92
CA GLY C 123 18.72 12.59 -77.67
C GLY C 123 19.75 12.94 -78.72
N THR C 124 20.77 12.09 -78.88
CA THR C 124 21.79 12.34 -79.88
C THR C 124 22.13 11.04 -80.61
N ALA C 125 22.19 11.11 -81.93
CA ALA C 125 22.50 9.96 -82.76
C ALA C 125 24.00 9.70 -82.65
N VAL C 126 24.38 8.99 -81.59
CA VAL C 126 25.77 8.64 -81.36
C VAL C 126 26.14 7.57 -82.38
N THR C 127 26.92 7.96 -83.39
CA THR C 127 27.29 7.08 -84.49
C THR C 127 28.77 6.74 -84.35
N VAL C 128 29.07 5.48 -84.02
CA VAL C 128 30.43 5.00 -83.97
C VAL C 128 30.68 4.28 -85.30
N SER C 129 31.30 4.98 -86.24
CA SER C 129 31.56 4.42 -87.55
C SER C 129 32.80 5.09 -88.12
N SER C 130 33.18 4.69 -89.33
CA SER C 130 34.38 5.22 -89.96
C SER C 130 34.10 5.82 -91.33
N GLU D 3 18.17 -9.10 -61.99
CA GLU D 3 17.57 -7.98 -62.72
C GLU D 3 16.07 -7.92 -62.56
N LEU D 4 15.40 -7.51 -63.63
CA LEU D 4 13.95 -7.39 -63.67
C LEU D 4 13.37 -8.34 -64.70
N THR D 5 12.06 -8.51 -64.64
CA THR D 5 11.37 -9.45 -65.50
C THR D 5 10.03 -8.84 -65.90
N GLN D 6 9.78 -8.78 -67.20
CA GLN D 6 8.57 -8.20 -67.75
C GLN D 6 8.00 -9.11 -68.81
N PRO D 7 6.70 -8.98 -69.12
CA PRO D 7 6.20 -9.54 -70.37
C PRO D 7 6.75 -8.75 -71.55
N PRO D 8 7.01 -9.42 -72.68
CA PRO D 8 7.52 -8.69 -73.85
C PRO D 8 6.50 -7.77 -74.48
N SER D 9 5.26 -8.22 -74.62
CA SER D 9 4.22 -7.41 -75.23
C SER D 9 2.87 -7.76 -74.61
N VAL D 10 1.99 -6.77 -74.52
CA VAL D 10 0.67 -6.92 -73.94
C VAL D 10 -0.36 -6.40 -74.95
N SER D 11 -1.30 -7.26 -75.33
CA SER D 11 -2.34 -6.92 -76.29
C SER D 11 -3.66 -6.70 -75.58
N VAL D 12 -4.34 -5.61 -75.92
CA VAL D 12 -5.64 -5.29 -75.33
C VAL D 12 -6.40 -4.42 -76.31
N SER D 13 -7.71 -4.50 -76.28
CA SER D 13 -8.56 -3.59 -77.02
C SER D 13 -8.64 -2.26 -76.28
N PRO D 14 -9.04 -1.18 -76.96
CA PRO D 14 -9.31 0.07 -76.25
C PRO D 14 -10.51 -0.07 -75.33
N GLY D 15 -10.50 0.73 -74.25
CA GLY D 15 -11.59 0.76 -73.31
C GLY D 15 -11.43 -0.16 -72.13
N GLN D 16 -10.61 -1.19 -72.23
CA GLN D 16 -10.48 -2.17 -71.16
C GLN D 16 -9.37 -1.75 -70.21
N THR D 17 -8.95 -2.66 -69.34
CA THR D 17 -7.94 -2.38 -68.32
C THR D 17 -6.75 -3.31 -68.57
N ALA D 18 -5.66 -2.76 -69.07
CA ALA D 18 -4.45 -3.53 -69.32
C ALA D 18 -3.54 -3.50 -68.10
N ARG D 19 -2.93 -4.64 -67.81
CA ARG D 19 -2.07 -4.75 -66.63
C ARG D 19 -0.76 -5.43 -67.00
N ILE D 20 0.34 -4.82 -66.55
CA ILE D 20 1.69 -5.27 -66.87
C ILE D 20 2.38 -5.62 -65.57
N THR D 21 2.98 -6.79 -65.51
CA THR D 21 3.56 -7.31 -64.28
C THR D 21 5.09 -7.27 -64.39
N CYS D 22 5.70 -6.28 -63.76
CA CYS D 22 7.15 -6.25 -63.65
C CYS D 22 7.58 -7.12 -62.46
N SER D 23 8.34 -8.16 -62.75
CA SER D 23 8.86 -9.05 -61.73
C SER D 23 10.36 -8.86 -61.62
N GLY D 24 10.94 -9.44 -60.57
CA GLY D 24 12.36 -9.35 -60.37
C GLY D 24 12.73 -9.54 -58.92
N ALA D 25 13.97 -9.95 -58.71
CA ALA D 25 14.56 -10.17 -57.39
C ALA D 25 14.74 -8.92 -56.51
N PRO D 26 15.14 -7.74 -57.00
CA PRO D 26 15.21 -6.58 -56.07
C PRO D 26 13.88 -6.04 -55.61
N LEU D 27 12.76 -6.47 -56.21
CA LEU D 27 11.47 -5.90 -55.89
C LEU D 27 10.87 -6.47 -54.60
N THR D 28 11.61 -7.31 -53.89
CA THR D 28 11.23 -7.69 -52.53
C THR D 28 11.15 -6.48 -51.62
N SER D 29 12.09 -5.55 -51.78
CA SER D 29 12.25 -4.42 -50.88
C SER D 29 12.05 -3.08 -51.56
N ARG D 30 12.76 -2.82 -52.64
CA ARG D 30 12.94 -1.47 -53.15
C ARG D 30 11.71 -0.98 -53.91
N PHE D 31 11.76 0.30 -54.27
CA PHE D 31 10.67 0.99 -54.94
C PHE D 31 10.81 0.88 -56.45
N THR D 32 9.66 0.86 -57.14
CA THR D 32 9.60 0.66 -58.58
C THR D 32 9.23 1.96 -59.27
N TYR D 33 10.00 2.33 -60.29
CA TYR D 33 9.64 3.43 -61.17
C TYR D 33 8.78 2.97 -62.33
N TRP D 34 8.27 3.95 -63.08
CA TRP D 34 7.61 3.70 -64.35
C TRP D 34 7.93 4.83 -65.31
N TYR D 35 8.02 4.48 -66.59
CA TYR D 35 8.29 5.45 -67.64
C TYR D 35 7.40 5.19 -68.84
N ARG D 36 7.36 6.18 -69.73
CA ARG D 36 6.79 6.05 -71.07
C ARG D 36 7.76 6.66 -72.06
N GLN D 37 8.05 5.95 -73.14
CA GLN D 37 8.83 6.53 -74.22
C GLN D 37 8.13 6.28 -75.54
N LYS D 38 7.76 7.35 -76.24
CA LYS D 38 7.41 7.24 -77.65
C LYS D 38 8.65 6.87 -78.46
N PRO D 39 8.47 6.14 -79.56
CA PRO D 39 9.60 5.90 -80.46
C PRO D 39 10.06 7.18 -81.13
N GLY D 40 11.37 7.36 -81.20
CA GLY D 40 11.97 8.55 -81.74
C GLY D 40 12.00 9.74 -80.81
N GLN D 41 11.54 9.59 -79.57
CA GLN D 41 11.47 10.70 -78.63
C GLN D 41 11.98 10.22 -77.27
N ALA D 42 11.82 11.07 -76.27
CA ALA D 42 12.42 10.92 -74.96
C ALA D 42 11.55 10.06 -74.05
N PRO D 43 12.13 9.46 -73.02
CA PRO D 43 11.33 8.84 -71.97
C PRO D 43 10.56 9.89 -71.19
N VAL D 44 9.48 9.45 -70.55
CA VAL D 44 8.62 10.32 -69.74
C VAL D 44 8.32 9.59 -68.44
N LEU D 45 8.71 10.19 -67.32
CA LEU D 45 8.27 9.72 -66.01
C LEU D 45 6.76 9.80 -65.90
N ILE D 46 6.14 8.68 -65.53
CA ILE D 46 4.68 8.62 -65.48
C ILE D 46 4.20 8.30 -64.08
N ILE D 47 5.01 7.60 -63.28
CA ILE D 47 4.67 7.32 -61.89
C ILE D 47 5.89 7.66 -61.04
N SER D 48 5.77 8.74 -60.27
CA SER D 48 6.74 9.17 -59.28
C SER D 48 6.17 8.89 -57.90
N ARG D 49 6.85 9.40 -56.87
CA ARG D 49 6.47 9.10 -55.51
C ARG D 49 6.55 10.33 -54.63
N SER D 50 5.65 10.37 -53.66
CA SER D 50 5.67 11.29 -52.53
C SER D 50 6.41 10.62 -51.38
N SER D 51 6.18 11.07 -50.15
CA SER D 51 6.72 10.44 -48.95
C SER D 51 6.27 8.98 -48.83
N GLN D 52 6.92 8.28 -47.89
CA GLN D 52 6.99 6.82 -47.94
C GLN D 52 5.64 6.17 -47.66
N ARG D 53 4.91 6.65 -46.66
CA ARG D 53 3.59 6.10 -46.36
C ARG D 53 2.47 6.87 -47.07
N SER D 54 2.60 7.04 -48.38
CA SER D 54 1.62 7.87 -49.09
C SER D 54 1.21 7.30 -50.44
N SER D 55 1.47 6.01 -50.69
CA SER D 55 1.16 5.30 -51.95
C SER D 55 1.81 5.94 -53.17
N GLY D 56 2.87 6.73 -52.97
CA GLY D 56 3.38 7.57 -54.03
C GLY D 56 2.33 8.54 -54.50
N TRP D 57 1.77 8.29 -55.67
CA TRP D 57 0.80 9.18 -56.32
C TRP D 57 -0.25 8.35 -57.05
N SER D 58 -1.52 8.73 -56.89
CA SER D 58 -2.63 8.06 -57.57
C SER D 58 -3.42 9.09 -58.35
N GLY D 59 -3.23 9.09 -59.67
CA GLY D 59 -4.01 9.90 -60.60
C GLY D 59 -4.76 9.10 -61.64
N ARG D 60 -4.10 8.89 -62.76
CA ARG D 60 -4.63 8.14 -63.89
C ARG D 60 -4.18 6.68 -63.92
N PHE D 61 -3.02 6.38 -63.34
CA PHE D 61 -2.50 5.03 -63.28
C PHE D 61 -2.42 4.59 -61.82
N SER D 62 -2.17 3.30 -61.62
CA SER D 62 -1.94 2.78 -60.27
C SER D 62 -1.08 1.53 -60.37
N ALA D 63 -0.58 1.10 -59.21
CA ALA D 63 0.25 -0.09 -59.14
C ALA D 63 0.08 -0.75 -57.79
N SER D 64 -0.01 -2.07 -57.81
CA SER D 64 -0.06 -2.87 -56.59
C SER D 64 1.16 -3.75 -56.52
N TRP D 65 1.32 -4.40 -55.37
CA TRP D 65 2.52 -5.18 -55.08
C TRP D 65 2.12 -6.49 -54.43
N SER D 66 2.69 -7.59 -54.92
CA SER D 66 2.43 -8.90 -54.35
C SER D 66 3.64 -9.77 -54.62
N GLY D 67 4.40 -10.08 -53.57
CA GLY D 67 5.62 -10.85 -53.74
C GLY D 67 6.64 -10.05 -54.52
N THR D 68 7.40 -10.75 -55.36
CA THR D 68 8.37 -10.08 -56.21
C THR D 68 7.75 -9.48 -57.46
N THR D 69 6.43 -9.50 -57.58
CA THR D 69 5.72 -9.00 -58.73
C THR D 69 5.11 -7.64 -58.42
N VAL D 70 5.15 -6.74 -59.40
CA VAL D 70 4.49 -5.44 -59.32
C VAL D 70 3.61 -5.30 -60.55
N THR D 71 2.32 -5.10 -60.34
CA THR D 71 1.37 -5.00 -61.43
C THR D 71 1.18 -3.53 -61.83
N LEU D 72 1.26 -3.25 -63.12
CA LEU D 72 1.06 -1.90 -63.65
C LEU D 72 -0.36 -1.78 -64.18
N THR D 73 -1.23 -1.14 -63.40
CA THR D 73 -2.63 -1.00 -63.80
C THR D 73 -2.80 0.20 -64.71
N ILE D 74 -3.42 -0.03 -65.87
CA ILE D 74 -3.76 1.03 -66.82
C ILE D 74 -5.27 1.06 -66.95
N ARG D 75 -5.89 2.10 -66.39
CA ARG D 75 -7.33 2.25 -66.42
C ARG D 75 -7.74 3.07 -67.62
N GLY D 76 -8.68 2.57 -68.40
CA GLY D 76 -9.21 3.33 -69.52
C GLY D 76 -8.25 3.40 -70.69
N VAL D 77 -7.98 2.25 -71.30
CA VAL D 77 -7.06 2.18 -72.42
C VAL D 77 -7.73 2.81 -73.65
N GLN D 78 -7.03 3.76 -74.27
CA GLN D 78 -7.39 4.24 -75.59
C GLN D 78 -6.25 3.94 -76.56
N ALA D 79 -6.39 4.39 -77.79
CA ALA D 79 -5.44 4.08 -78.84
C ALA D 79 -4.27 5.07 -78.92
N ASP D 80 -4.23 6.08 -78.07
CA ASP D 80 -3.18 7.08 -78.18
C ASP D 80 -1.98 6.80 -77.29
N ASP D 81 -2.12 5.92 -76.28
CA ASP D 81 -1.04 5.64 -75.36
C ASP D 81 -0.13 4.51 -75.86
N GLU D 82 -0.10 4.27 -77.17
CA GLU D 82 0.70 3.21 -77.78
C GLU D 82 2.17 3.57 -77.73
N ALA D 83 2.93 2.85 -76.91
CA ALA D 83 4.37 3.09 -76.75
C ALA D 83 5.01 1.83 -76.20
N ASP D 84 6.24 1.97 -75.72
CA ASP D 84 6.94 0.90 -75.01
C ASP D 84 7.20 1.35 -73.58
N TYR D 85 7.02 0.43 -72.63
CA TYR D 85 6.98 0.77 -71.23
C TYR D 85 8.09 0.07 -70.45
N TYR D 86 8.46 0.67 -69.32
CA TYR D 86 9.65 0.26 -68.59
C TYR D 86 9.44 0.44 -67.10
N CYS D 87 9.68 -0.62 -66.34
CA CYS D 87 9.82 -0.54 -64.90
C CYS D 87 11.27 -0.35 -64.53
N GLN D 88 11.52 0.40 -63.47
CA GLN D 88 12.87 0.71 -63.05
C GLN D 88 12.95 0.66 -61.54
N SER D 89 14.05 0.12 -61.02
CA SER D 89 14.33 0.14 -59.60
C SER D 89 15.84 0.19 -59.42
N SER D 90 16.28 -0.05 -58.19
CA SER D 90 17.70 -0.27 -57.94
C SER D 90 17.85 -1.54 -57.12
N ASP D 91 19.06 -1.82 -56.65
CA ASP D 91 19.28 -2.99 -55.83
C ASP D 91 19.02 -2.68 -54.35
N THR D 92 18.74 -3.74 -53.60
CA THR D 92 18.54 -3.63 -52.15
C THR D 92 19.81 -3.18 -51.45
N SER D 93 20.96 -3.55 -52.00
CA SER D 93 22.23 -3.02 -51.50
C SER D 93 22.41 -1.54 -51.78
N ASP D 94 21.59 -0.96 -52.67
CA ASP D 94 21.63 0.45 -53.07
C ASP D 94 23.01 0.80 -53.64
N SER D 95 23.35 0.14 -54.73
CA SER D 95 24.63 0.40 -55.37
C SER D 95 24.50 0.80 -56.84
N TYR D 96 23.63 0.15 -57.59
CA TYR D 96 23.48 0.46 -59.01
C TYR D 96 22.00 0.37 -59.39
N LYS D 97 21.71 0.90 -60.57
CA LYS D 97 20.34 1.09 -61.03
C LYS D 97 20.13 0.29 -62.32
N MET D 98 19.11 -0.56 -62.33
CA MET D 98 18.81 -1.36 -63.50
C MET D 98 17.44 -0.99 -64.04
N PHE D 99 17.21 -1.39 -65.29
CA PHE D 99 15.96 -1.17 -65.99
C PHE D 99 15.22 -2.48 -66.21
N GLY D 100 13.94 -2.36 -66.54
CA GLY D 100 13.19 -3.49 -67.03
C GLY D 100 13.59 -3.84 -68.45
N GLY D 101 13.11 -5.00 -68.90
CA GLY D 101 13.45 -5.46 -70.23
C GLY D 101 12.79 -4.66 -71.33
N GLY D 102 11.61 -4.12 -71.05
CA GLY D 102 10.85 -3.42 -72.08
C GLY D 102 9.56 -4.15 -72.42
N THR D 103 8.47 -3.41 -72.50
CA THR D 103 7.16 -4.01 -72.74
C THR D 103 6.40 -3.15 -73.73
N LYS D 104 6.02 -3.75 -74.86
CA LYS D 104 5.26 -3.04 -75.87
C LYS D 104 3.77 -3.07 -75.55
N LEU D 105 3.12 -1.93 -75.68
CA LEU D 105 1.67 -1.87 -75.63
C LEU D 105 1.11 -2.14 -77.02
N THR D 106 0.23 -3.13 -77.12
CA THR D 106 -0.46 -3.48 -78.36
C THR D 106 -1.93 -3.15 -78.18
N VAL D 107 -2.41 -2.19 -78.96
CA VAL D 107 -3.79 -1.70 -78.86
C VAL D 107 -4.55 -2.12 -80.11
N LEU D 108 -5.70 -2.74 -79.91
CA LEU D 108 -6.53 -3.22 -81.00
C LEU D 108 -7.34 -2.11 -81.64
N ASN E 3 14.39 60.10 33.18
CA ASN E 3 15.33 59.21 33.85
C ASN E 3 14.71 57.83 34.00
N LEU E 4 14.47 57.19 32.86
CA LEU E 4 13.74 55.94 32.80
C LEU E 4 14.68 54.82 32.39
N TRP E 5 14.47 53.64 32.98
CA TRP E 5 15.42 52.54 32.87
C TRP E 5 14.60 51.26 32.65
N VAL E 6 14.71 50.69 31.45
CA VAL E 6 13.76 49.67 31.02
C VAL E 6 14.04 48.35 31.74
N THR E 7 12.97 47.63 32.07
CA THR E 7 13.00 46.36 32.78
C THR E 7 12.39 45.28 31.91
N VAL E 8 12.56 44.02 32.33
CA VAL E 8 12.10 42.88 31.55
C VAL E 8 11.27 41.96 32.42
N TYR E 9 10.19 41.42 31.85
CA TYR E 9 9.10 40.78 32.57
C TYR E 9 8.75 39.44 31.92
N TYR E 10 7.77 38.76 32.52
CA TYR E 10 7.09 37.60 31.95
C TYR E 10 5.59 37.79 31.86
N GLY E 11 5.15 38.92 31.29
CA GLY E 11 3.76 39.30 31.38
C GLY E 11 2.83 38.42 30.59
N VAL E 12 1.55 38.50 30.97
CA VAL E 12 0.44 37.83 30.31
C VAL E 12 0.06 38.25 28.88
N PRO E 13 0.24 39.53 28.37
CA PRO E 13 -0.41 39.87 27.09
C PRO E 13 0.37 39.28 25.93
N VAL E 14 -0.20 38.26 25.31
CA VAL E 14 0.49 37.47 24.30
C VAL E 14 -0.41 37.37 23.09
N TRP E 15 -1.49 38.12 23.11
CA TRP E 15 -2.74 37.80 22.42
C TRP E 15 -2.61 38.05 20.92
N LYS E 16 -1.81 37.23 20.26
CA LYS E 16 -1.62 37.37 18.83
C LYS E 16 -2.38 36.28 18.08
N ASP E 17 -2.28 36.35 16.75
CA ASP E 17 -2.88 35.34 15.89
C ASP E 17 -2.19 34.00 16.09
N ALA E 18 -2.96 32.93 15.91
CA ALA E 18 -2.44 31.58 16.10
C ALA E 18 -2.79 30.73 14.90
N GLU E 19 -1.96 30.79 13.87
CA GLU E 19 -1.88 29.67 12.95
C GLU E 19 -1.12 28.55 13.66
N THR E 20 -1.72 27.37 13.68
CA THR E 20 -1.24 26.33 14.59
C THR E 20 -1.76 24.98 14.17
N THR E 21 -1.26 23.96 14.83
CA THR E 21 -1.86 22.64 14.83
C THR E 21 -2.72 22.50 16.08
N LEU E 22 -3.27 21.31 16.26
CA LEU E 22 -4.31 21.09 17.26
C LEU E 22 -4.47 19.58 17.40
N PHE E 23 -4.96 19.16 18.56
CA PHE E 23 -5.27 17.75 18.76
C PHE E 23 -6.52 17.62 19.62
N CYS E 24 -7.03 16.39 19.70
CA CYS E 24 -8.37 16.08 20.17
C CYS E 24 -8.35 15.44 21.55
N ALA E 25 -9.53 15.33 22.15
CA ALA E 25 -9.69 14.79 23.50
C ALA E 25 -10.96 13.95 23.62
N SER E 26 -11.16 13.01 22.70
CA SER E 26 -12.41 12.24 22.58
C SER E 26 -12.86 11.53 23.85
N ASP E 27 -12.09 10.54 24.31
CA ASP E 27 -12.39 9.82 25.54
C ASP E 27 -11.14 9.11 26.02
N HIS E 36 -14.61 0.21 21.87
CA HIS E 36 -14.83 -0.25 20.50
C HIS E 36 -13.92 0.52 19.56
N ASN E 37 -13.62 -0.08 18.40
CA ASN E 37 -12.73 0.51 17.41
C ASN E 37 -13.48 1.24 16.31
N VAL E 38 -14.58 1.91 16.68
CA VAL E 38 -15.34 2.72 15.74
C VAL E 38 -14.48 3.89 15.28
N TRP E 39 -14.76 4.39 14.06
CA TRP E 39 -13.84 5.13 13.20
C TRP E 39 -13.10 6.30 13.85
N ALA E 40 -13.60 6.86 14.94
CA ALA E 40 -12.82 7.84 15.70
C ALA E 40 -11.64 7.20 16.43
N THR E 41 -11.76 5.91 16.77
CA THR E 41 -10.75 5.01 17.34
C THR E 41 -10.26 5.40 18.72
N HIS E 42 -10.84 6.43 19.34
CA HIS E 42 -10.42 6.99 20.64
C HIS E 42 -8.94 7.33 20.68
N ALA E 43 -8.38 7.75 19.55
CA ALA E 43 -6.94 7.98 19.47
C ALA E 43 -6.59 9.42 19.79
N CYS E 44 -7.12 9.94 20.89
CA CYS E 44 -6.86 11.34 21.26
C CYS E 44 -6.13 11.47 22.58
N VAL E 45 -6.80 11.21 23.70
CA VAL E 45 -6.32 11.30 25.08
C VAL E 45 -7.54 10.90 25.91
N PRO E 46 -7.39 10.42 27.15
CA PRO E 46 -8.54 10.42 28.05
C PRO E 46 -8.97 11.83 28.40
N THR E 47 -10.28 12.06 28.37
CA THR E 47 -10.84 13.39 28.54
C THR E 47 -10.83 13.78 30.03
N ASP E 48 -10.21 14.90 30.34
CA ASP E 48 -10.20 15.44 31.69
C ASP E 48 -11.53 16.11 32.01
N PRO E 49 -11.88 16.23 33.29
CA PRO E 49 -13.14 16.92 33.64
C PRO E 49 -13.11 18.43 33.44
N ASN E 50 -11.93 19.00 33.16
CA ASN E 50 -11.58 20.37 32.76
C ASN E 50 -12.47 21.52 33.24
N PRO E 51 -12.73 21.66 34.58
CA PRO E 51 -13.69 22.68 35.04
C PRO E 51 -13.09 24.08 35.10
N GLN E 52 -12.46 24.51 34.01
CA GLN E 52 -11.54 25.63 34.04
C GLN E 52 -11.93 26.68 33.02
N GLU E 53 -13.22 26.98 32.91
CA GLU E 53 -13.65 28.15 32.15
C GLU E 53 -13.38 29.38 33.01
N ILE E 54 -12.12 29.82 32.98
CA ILE E 54 -11.66 30.88 33.86
C ILE E 54 -12.15 32.20 33.30
N HIS E 55 -13.15 32.79 33.96
CA HIS E 55 -13.80 33.97 33.42
C HIS E 55 -12.92 35.20 33.59
N LEU E 56 -12.87 36.01 32.54
CA LEU E 56 -11.99 37.17 32.50
C LEU E 56 -12.79 38.45 32.60
N GLU E 57 -12.12 39.51 33.02
CA GLU E 57 -12.76 40.79 33.27
C GLU E 57 -12.46 41.76 32.13
N ASN E 58 -13.48 42.04 31.31
CA ASN E 58 -13.56 43.20 30.42
C ASN E 58 -12.44 43.22 29.38
N VAL E 59 -12.45 42.22 28.51
CA VAL E 59 -11.46 42.09 27.44
C VAL E 59 -12.18 42.35 26.13
N THR E 60 -11.99 43.52 25.55
CA THR E 60 -12.59 43.83 24.26
C THR E 60 -11.82 43.09 23.18
N GLU E 61 -12.40 42.00 22.68
CA GLU E 61 -11.79 41.18 21.64
C GLU E 61 -12.82 40.86 20.57
N GLU E 62 -12.46 41.07 19.31
CA GLU E 62 -13.36 40.85 18.19
C GLU E 62 -12.97 39.57 17.47
N PHE E 63 -13.96 38.74 17.19
CA PHE E 63 -13.73 37.47 16.51
C PHE E 63 -13.81 37.65 15.00
N ASN E 64 -13.48 36.58 14.30
CA ASN E 64 -13.74 36.47 12.86
C ASN E 64 -14.00 34.99 12.60
N MET E 65 -15.28 34.60 12.65
CA MET E 65 -15.64 33.21 12.44
C MET E 65 -15.43 32.77 11.01
N TRP E 66 -15.38 33.71 10.06
CA TRP E 66 -15.22 33.34 8.67
C TRP E 66 -13.77 33.09 8.30
N LYS E 67 -12.82 33.56 9.10
CA LYS E 67 -11.40 33.43 8.80
C LYS E 67 -10.69 32.85 10.02
N ASN E 68 -10.66 31.52 10.11
CA ASN E 68 -9.80 30.86 11.09
C ASN E 68 -9.38 29.51 10.54
N ASN E 69 -8.30 28.99 11.08
CA ASN E 69 -7.77 27.70 10.66
C ASN E 69 -8.37 26.54 11.43
N MET E 70 -9.20 26.83 12.44
CA MET E 70 -9.87 25.76 13.17
C MET E 70 -10.87 25.05 12.29
N VAL E 71 -11.60 25.81 11.47
CA VAL E 71 -12.50 25.21 10.49
C VAL E 71 -11.70 24.47 9.43
N GLU E 72 -10.56 25.04 9.03
CA GLU E 72 -9.78 24.45 7.95
C GLU E 72 -9.13 23.14 8.36
N GLN E 73 -8.72 23.05 9.63
CA GLN E 73 -8.14 21.81 10.12
C GLN E 73 -9.21 20.75 10.34
N MET E 74 -10.37 21.16 10.86
CA MET E 74 -11.47 20.24 11.16
C MET E 74 -11.98 19.57 9.90
N HIS E 75 -12.03 20.31 8.80
CA HIS E 75 -12.36 19.72 7.51
C HIS E 75 -11.29 18.74 7.06
N GLU E 76 -10.02 19.00 7.41
CA GLU E 76 -8.93 18.13 6.99
C GLU E 76 -8.82 16.91 7.89
N ASP E 77 -9.24 17.01 9.14
CA ASP E 77 -9.08 15.92 10.08
C ASP E 77 -10.01 14.75 9.75
N ILE E 78 -11.29 15.03 9.58
CA ILE E 78 -12.30 13.98 9.53
C ILE E 78 -12.21 13.21 8.23
N ILE E 79 -11.92 13.91 7.13
CA ILE E 79 -11.73 13.26 5.84
C ILE E 79 -10.56 12.29 5.89
N SER E 80 -9.46 12.71 6.53
CA SER E 80 -8.34 11.81 6.73
C SER E 80 -8.70 10.70 7.71
N LEU E 81 -9.47 11.02 8.75
CA LEU E 81 -9.82 10.03 9.74
C LEU E 81 -10.80 9.00 9.19
N TRP E 82 -11.78 9.46 8.43
CA TRP E 82 -12.77 8.53 7.89
C TRP E 82 -12.19 7.69 6.77
N ASP E 83 -11.21 8.22 6.04
CA ASP E 83 -10.51 7.40 5.07
C ASP E 83 -9.65 6.34 5.76
N GLN E 84 -9.19 6.63 6.98
CA GLN E 84 -8.36 5.68 7.70
C GLN E 84 -9.15 4.45 8.12
N SER E 85 -10.44 4.63 8.41
CA SER E 85 -11.29 3.48 8.69
C SER E 85 -11.59 2.68 7.43
N LEU E 86 -11.43 3.28 6.27
CA LEU E 86 -11.75 2.61 5.01
C LEU E 86 -10.62 1.71 4.54
N LYS E 87 -9.45 1.75 5.19
CA LYS E 87 -8.29 1.02 4.68
C LYS E 87 -8.39 -0.50 4.80
N PRO E 88 -8.59 -1.10 5.99
CA PRO E 88 -8.49 -2.57 6.04
C PRO E 88 -9.70 -3.31 5.51
N CYS E 89 -10.71 -2.60 5.00
CA CYS E 89 -11.90 -3.27 4.50
C CYS E 89 -11.63 -3.94 3.16
N VAL E 90 -12.62 -4.70 2.71
CA VAL E 90 -12.52 -5.40 1.43
C VAL E 90 -12.55 -4.38 0.31
N LYS E 91 -11.62 -4.52 -0.65
CA LYS E 91 -11.66 -3.70 -1.85
C LYS E 91 -12.94 -3.95 -2.63
N LEU E 92 -13.10 -5.17 -3.14
CA LEU E 92 -14.31 -5.66 -3.80
C LEU E 92 -14.62 -4.83 -5.05
N THR E 93 -13.71 -4.97 -6.00
CA THR E 93 -14.04 -4.68 -7.38
C THR E 93 -13.95 -5.83 -8.38
N PRO E 94 -14.53 -7.05 -8.14
CA PRO E 94 -14.74 -7.91 -9.30
C PRO E 94 -16.14 -7.79 -9.85
N LEU E 95 -17.02 -7.07 -9.15
CA LEU E 95 -18.43 -7.09 -9.53
C LEU E 95 -18.77 -6.11 -10.64
N CYS E 96 -17.85 -5.24 -11.04
CA CYS E 96 -18.14 -4.30 -12.12
C CYS E 96 -18.14 -5.07 -13.44
N VAL E 97 -19.24 -5.80 -13.67
CA VAL E 97 -19.40 -6.67 -14.81
C VAL E 97 -20.72 -6.32 -15.50
N THR E 98 -21.08 -7.10 -16.51
CA THR E 98 -22.29 -6.85 -17.28
C THR E 98 -23.52 -7.30 -16.49
N LEU E 99 -23.92 -6.46 -15.55
CA LEU E 99 -25.14 -6.75 -14.80
C LEU E 99 -26.35 -6.55 -15.68
N GLN E 100 -27.31 -7.45 -15.55
CA GLN E 100 -28.57 -7.40 -16.28
C GLN E 100 -29.68 -7.63 -15.29
N CYS E 101 -30.75 -6.85 -15.41
CA CYS E 101 -31.79 -6.85 -14.39
C CYS E 101 -33.16 -6.86 -15.06
N THR E 102 -34.17 -6.78 -14.22
CA THR E 102 -35.55 -6.59 -14.61
C THR E 102 -36.26 -5.90 -13.45
N ASN E 103 -37.53 -5.58 -13.65
CA ASN E 103 -38.31 -5.10 -12.53
C ASN E 103 -38.60 -6.24 -11.56
N VAL E 104 -38.88 -5.86 -10.32
CA VAL E 104 -39.31 -6.83 -9.34
C VAL E 104 -40.70 -7.34 -9.71
N THR E 105 -40.83 -8.66 -9.77
CA THR E 105 -42.07 -9.26 -10.27
C THR E 105 -43.01 -9.56 -9.11
N ASN E 106 -44.29 -9.35 -9.36
CA ASN E 106 -45.31 -9.27 -8.32
C ASN E 106 -46.61 -9.91 -8.78
N ASN E 107 -46.48 -10.87 -9.70
CA ASN E 107 -47.45 -11.76 -10.37
C ASN E 107 -48.36 -11.04 -11.35
N ILE E 108 -48.75 -9.81 -11.00
CA ILE E 108 -49.15 -8.66 -11.81
C ILE E 108 -49.42 -7.60 -10.75
N THR E 109 -49.08 -6.34 -11.04
CA THR E 109 -49.63 -5.08 -10.50
C THR E 109 -49.07 -3.95 -11.36
N ASP E 110 -49.32 -2.73 -10.93
CA ASP E 110 -48.65 -1.56 -11.46
C ASP E 110 -47.42 -1.24 -10.61
N ASP E 111 -46.39 -0.70 -11.27
CA ASP E 111 -45.12 -0.27 -10.68
C ASP E 111 -44.41 -1.36 -9.87
N GLU E 115 -38.52 0.96 -7.94
CA GLU E 115 -37.47 1.37 -7.02
C GLU E 115 -36.60 0.21 -6.62
N LEU E 116 -36.89 -0.96 -7.18
CA LEU E 116 -36.07 -2.14 -7.00
C LEU E 116 -35.79 -2.74 -8.37
N LYS E 117 -34.67 -3.44 -8.47
CA LYS E 117 -34.35 -4.20 -9.68
C LYS E 117 -33.83 -5.57 -9.29
N ASN E 118 -34.49 -6.60 -9.80
CA ASN E 118 -34.05 -7.97 -9.61
C ASN E 118 -33.04 -8.28 -10.70
N CYS E 119 -31.81 -8.58 -10.31
CA CYS E 119 -30.67 -8.51 -11.21
C CYS E 119 -30.00 -9.87 -11.40
N SER E 120 -29.94 -10.33 -12.64
CA SER E 120 -29.09 -11.46 -12.99
C SER E 120 -27.64 -11.03 -12.89
N PHE E 121 -26.78 -11.93 -12.42
CA PHE E 121 -25.48 -11.50 -11.94
C PHE E 121 -24.49 -12.65 -11.90
N ASN E 122 -23.32 -12.44 -12.49
CA ASN E 122 -22.20 -13.37 -12.42
C ASN E 122 -21.08 -12.80 -11.60
N MET E 123 -20.25 -13.69 -11.04
CA MET E 123 -19.26 -13.31 -10.05
C MET E 123 -18.27 -14.46 -9.89
N THR E 124 -17.08 -14.13 -9.41
CA THR E 124 -16.09 -15.16 -9.07
C THR E 124 -16.47 -15.86 -7.77
N THR E 125 -15.70 -16.87 -7.43
CA THR E 125 -15.81 -17.59 -6.17
C THR E 125 -14.48 -17.52 -5.42
N GLU E 126 -14.40 -18.29 -4.34
CA GLU E 126 -13.14 -18.40 -3.59
C GLU E 126 -12.02 -18.92 -4.47
N LEU E 127 -12.29 -20.01 -5.19
CA LEU E 127 -11.35 -20.47 -6.19
C LEU E 127 -11.36 -19.52 -7.37
N ARG E 128 -10.26 -19.53 -8.12
CA ARG E 128 -10.04 -18.50 -9.12
C ARG E 128 -10.88 -18.73 -10.37
N ASP E 129 -11.08 -19.98 -10.77
CA ASP E 129 -11.76 -20.23 -12.03
C ASP E 129 -13.28 -20.31 -11.90
N LYS E 130 -13.78 -20.85 -10.77
CA LYS E 130 -15.19 -21.17 -10.66
C LYS E 130 -16.03 -19.90 -10.57
N LYS E 131 -17.08 -19.84 -11.36
CA LYS E 131 -17.94 -18.68 -11.42
C LYS E 131 -19.15 -18.89 -10.53
N GLN E 132 -20.03 -17.89 -10.50
CA GLN E 132 -21.10 -17.87 -9.52
C GLN E 132 -22.24 -17.04 -10.09
N LYS E 133 -23.33 -17.70 -10.43
CA LYS E 133 -24.51 -17.02 -10.98
C LYS E 133 -25.52 -16.86 -9.85
N VAL E 134 -25.56 -15.66 -9.26
CA VAL E 134 -26.51 -15.38 -8.19
C VAL E 134 -27.37 -14.19 -8.60
N TYR E 135 -28.27 -13.79 -7.71
CA TYR E 135 -29.14 -12.66 -7.95
C TYR E 135 -29.24 -11.85 -6.67
N SER E 136 -29.50 -10.55 -6.84
CA SER E 136 -29.65 -9.67 -5.70
C SER E 136 -30.59 -8.54 -6.09
N LEU E 137 -30.68 -7.54 -5.22
CA LEU E 137 -31.56 -6.40 -5.43
C LEU E 137 -30.76 -5.12 -5.31
N PHE E 138 -31.21 -4.08 -6.02
CA PHE E 138 -30.59 -2.78 -5.94
C PHE E 138 -31.67 -1.72 -6.06
N TYR E 139 -31.27 -0.47 -5.89
CA TYR E 139 -32.19 0.65 -5.99
C TYR E 139 -32.21 1.22 -7.40
N ARG E 140 -32.78 2.41 -7.56
CA ARG E 140 -32.82 3.04 -8.87
C ARG E 140 -31.53 3.79 -9.17
N LEU E 141 -31.10 4.63 -8.24
CA LEU E 141 -30.05 5.62 -8.47
C LEU E 141 -28.64 5.06 -8.34
N ASP E 142 -28.48 3.75 -8.32
CA ASP E 142 -27.17 3.12 -8.18
C ASP E 142 -26.88 2.20 -9.35
N VAL E 143 -27.57 2.39 -10.47
CA VAL E 143 -27.45 1.49 -11.61
C VAL E 143 -27.90 2.28 -12.83
N VAL E 144 -27.32 1.97 -13.99
CA VAL E 144 -27.53 2.78 -15.18
C VAL E 144 -27.76 1.87 -16.38
N GLN E 145 -28.68 2.27 -17.24
CA GLN E 145 -28.97 1.56 -18.48
C GLN E 145 -27.75 1.57 -19.40
N ILE E 146 -27.57 0.49 -20.14
CA ILE E 146 -26.63 0.48 -21.25
C ILE E 146 -27.38 0.38 -22.58
N LYS E 159 -32.06 -6.54 -20.32
CA LYS E 159 -31.36 -5.34 -20.75
C LYS E 159 -30.16 -5.05 -19.84
N GLU E 160 -29.01 -4.75 -20.45
CA GLU E 160 -27.77 -4.65 -19.72
C GLU E 160 -27.74 -3.37 -18.88
N TYR E 161 -27.41 -3.52 -17.60
CA TYR E 161 -27.36 -2.42 -16.64
C TYR E 161 -25.99 -2.34 -16.00
N ARG E 162 -25.23 -1.29 -16.32
CA ARG E 162 -23.95 -1.08 -15.66
C ARG E 162 -24.18 -0.50 -14.26
N LEU E 163 -23.18 -0.67 -13.40
CA LEU E 163 -23.14 0.07 -12.15
C LEU E 163 -23.00 1.58 -12.42
N ILE E 164 -23.32 2.37 -11.39
CA ILE E 164 -23.43 3.81 -11.58
C ILE E 164 -22.09 4.52 -11.57
N ASN E 165 -21.02 3.85 -11.15
CA ASN E 165 -19.75 4.54 -10.95
C ASN E 165 -18.59 3.98 -11.75
N CYS E 166 -18.82 2.99 -12.61
CA CYS E 166 -17.75 2.43 -13.41
C CYS E 166 -17.40 3.25 -14.63
N ASN E 167 -17.80 4.53 -14.69
CA ASN E 167 -17.05 5.48 -15.49
C ASN E 167 -15.63 5.47 -15.00
N THR E 168 -15.47 5.96 -13.76
CA THR E 168 -14.16 6.17 -13.16
C THR E 168 -14.30 6.19 -11.64
N SER E 169 -13.98 5.06 -11.02
CA SER E 169 -14.04 4.88 -9.58
C SER E 169 -13.39 3.55 -9.24
N ALA E 170 -13.46 3.20 -7.97
CA ALA E 170 -13.18 1.84 -7.51
C ALA E 170 -14.08 1.62 -6.31
N ILE E 171 -15.05 0.70 -6.48
CA ILE E 171 -16.06 0.45 -5.45
C ILE E 171 -15.36 -0.12 -4.22
N THR E 172 -15.82 0.29 -3.04
CA THR E 172 -15.21 -0.16 -1.79
C THR E 172 -16.29 -0.40 -0.74
N GLN E 173 -16.30 -1.60 -0.18
CA GLN E 173 -17.23 -1.92 0.90
C GLN E 173 -16.72 -1.34 2.21
N ALA E 174 -17.63 -0.83 3.03
CA ALA E 174 -17.31 -0.47 4.39
C ALA E 174 -17.45 -1.70 5.29
N CYS E 175 -16.61 -1.76 6.32
CA CYS E 175 -16.61 -2.92 7.21
C CYS E 175 -17.83 -2.89 8.11
N PRO E 176 -18.57 -3.99 8.23
CA PRO E 176 -19.86 -3.99 8.92
C PRO E 176 -19.75 -4.19 10.43
N LYS E 177 -18.81 -3.47 11.06
CA LYS E 177 -18.69 -3.53 12.50
C LYS E 177 -18.63 -2.12 13.07
N VAL E 178 -18.07 -1.20 12.29
CA VAL E 178 -18.01 0.18 12.74
C VAL E 178 -19.40 0.81 12.64
N SER E 179 -19.58 1.91 13.36
CA SER E 179 -20.83 2.64 13.34
C SER E 179 -20.59 4.02 12.75
N PHE E 180 -21.56 4.50 12.00
CA PHE E 180 -21.51 5.89 11.56
C PHE E 180 -22.27 6.79 12.52
N GLU E 181 -21.98 6.64 13.80
CA GLU E 181 -22.68 7.52 14.70
C GLU E 181 -21.77 8.66 15.13
N PRO E 182 -22.31 9.84 15.29
CA PRO E 182 -21.49 10.95 15.76
C PRO E 182 -21.11 10.81 17.22
N ILE E 183 -19.86 10.47 17.48
CA ILE E 183 -19.34 10.33 18.83
C ILE E 183 -18.53 11.57 19.14
N PRO E 184 -18.90 12.36 20.16
CA PRO E 184 -18.45 13.75 20.24
C PRO E 184 -16.97 13.88 20.54
N ILE E 185 -16.38 14.94 20.01
CA ILE E 185 -14.95 15.16 20.06
C ILE E 185 -14.67 16.42 20.85
N HIS E 186 -13.96 16.28 21.96
CA HIS E 186 -13.39 17.42 22.63
C HIS E 186 -12.08 17.78 21.96
N TYR E 187 -11.79 19.07 21.89
CA TYR E 187 -10.52 19.57 21.40
C TYR E 187 -9.74 20.23 22.53
N CYS E 188 -8.42 20.01 22.54
CA CYS E 188 -7.54 20.66 23.50
C CYS E 188 -6.37 21.32 22.78
N ALA E 189 -5.92 22.43 23.36
CA ALA E 189 -4.84 23.22 22.80
C ALA E 189 -3.51 22.49 22.97
N PRO E 190 -2.52 22.77 22.13
CA PRO E 190 -1.17 22.27 22.39
C PRO E 190 -0.56 22.97 23.59
N ALA E 191 0.48 22.35 24.13
CA ALA E 191 1.11 22.84 25.35
C ALA E 191 1.87 24.12 25.08
N GLY E 192 1.21 25.25 25.31
CA GLY E 192 1.84 26.53 25.09
C GLY E 192 0.92 27.55 24.44
N PHE E 193 -0.27 27.13 24.04
CA PHE E 193 -1.28 28.01 23.46
C PHE E 193 -2.52 28.00 24.36
N ALA E 194 -3.60 28.64 23.90
CA ALA E 194 -4.79 28.77 24.72
C ALA E 194 -6.03 28.87 23.85
N ILE E 195 -7.09 28.20 24.28
CA ILE E 195 -8.38 28.22 23.58
C ILE E 195 -9.26 29.26 24.25
N LEU E 196 -9.76 30.20 23.47
CA LEU E 196 -10.55 31.30 23.99
C LEU E 196 -11.97 31.23 23.48
N LYS E 197 -12.91 31.60 24.34
CA LYS E 197 -14.31 31.65 23.94
C LYS E 197 -15.01 32.76 24.67
N CYS E 198 -15.86 33.48 23.96
CA CYS E 198 -16.75 34.45 24.59
C CYS E 198 -18.07 33.78 24.90
N LYS E 199 -18.55 33.99 26.13
CA LYS E 199 -19.89 33.61 26.51
C LYS E 199 -20.92 34.66 26.12
N ASP E 200 -20.51 35.66 25.35
CA ASP E 200 -21.36 36.77 25.01
C ASP E 200 -22.41 36.37 23.97
N LYS E 201 -23.28 37.31 23.69
CA LYS E 201 -24.58 37.02 23.10
C LYS E 201 -24.75 37.83 21.82
N LYS E 202 -25.43 37.21 20.85
CA LYS E 202 -26.00 37.88 19.68
C LYS E 202 -24.92 38.51 18.80
N PHE E 203 -24.03 37.66 18.29
CA PHE E 203 -23.07 38.11 17.31
C PHE E 203 -23.77 38.33 15.98
N ASN E 204 -23.19 39.18 15.14
CA ASN E 204 -23.61 39.21 13.73
C ASN E 204 -22.64 38.42 12.87
N GLY E 205 -22.15 37.31 13.40
CA GLY E 205 -21.05 36.56 12.84
C GLY E 205 -19.74 36.91 13.52
N THR E 206 -19.30 38.15 13.35
CA THR E 206 -18.16 38.65 14.10
C THR E 206 -18.67 39.35 15.35
N GLY E 207 -17.80 40.10 16.02
CA GLY E 207 -18.22 40.96 17.10
C GLY E 207 -17.19 41.15 18.19
N PRO E 208 -16.98 42.40 18.61
CA PRO E 208 -16.13 42.67 19.77
C PRO E 208 -16.80 42.26 21.07
N CYS E 209 -16.74 40.97 21.37
CA CYS E 209 -17.38 40.43 22.56
C CYS E 209 -16.64 40.85 23.82
N PRO E 210 -17.28 41.59 24.74
CA PRO E 210 -16.60 41.99 25.97
C PRO E 210 -16.26 40.85 26.93
N SER E 211 -17.24 40.06 27.34
CA SER E 211 -16.96 39.02 28.34
C SER E 211 -16.35 37.81 27.69
N VAL E 212 -15.37 37.21 28.36
CA VAL E 212 -14.60 36.14 27.76
C VAL E 212 -14.08 35.25 28.89
N SER E 213 -13.91 33.98 28.57
CA SER E 213 -13.24 33.03 29.45
C SER E 213 -12.31 32.17 28.62
N THR E 214 -11.29 31.64 29.25
CA THR E 214 -10.34 30.78 28.57
C THR E 214 -10.52 29.34 29.03
N VAL E 215 -10.12 28.42 28.14
CA VAL E 215 -10.11 26.99 28.42
C VAL E 215 -8.84 26.40 27.83
N GLN E 216 -8.40 25.29 28.43
CA GLN E 216 -7.42 24.45 27.76
C GLN E 216 -8.08 23.42 26.85
N CYS E 217 -9.35 23.12 27.08
CA CYS E 217 -10.03 22.06 26.35
C CYS E 217 -11.47 22.45 26.07
N THR E 218 -11.94 22.14 24.85
CA THR E 218 -13.26 22.55 24.42
C THR E 218 -14.31 21.54 24.85
N HIS E 219 -15.54 21.79 24.45
CA HIS E 219 -16.61 20.83 24.74
C HIS E 219 -16.72 19.84 23.59
N GLY E 220 -17.59 18.85 23.78
CA GLY E 220 -17.74 17.80 22.80
C GLY E 220 -18.61 18.25 21.65
N ILE E 221 -18.12 18.07 20.43
CA ILE E 221 -18.86 18.46 19.24
C ILE E 221 -19.09 17.23 18.38
N LYS E 222 -20.29 17.13 17.81
CA LYS E 222 -20.62 15.81 17.28
C LYS E 222 -20.26 15.72 15.80
N PRO E 223 -19.70 14.60 15.40
CA PRO E 223 -19.40 14.38 13.98
C PRO E 223 -20.64 14.12 13.14
N VAL E 224 -21.43 15.15 12.89
CA VAL E 224 -22.60 15.02 12.03
C VAL E 224 -22.28 15.62 10.67
N VAL E 225 -23.01 15.18 9.66
CA VAL E 225 -22.78 15.66 8.30
C VAL E 225 -24.10 15.61 7.53
N SER E 226 -24.48 16.73 6.95
CA SER E 226 -25.71 16.84 6.16
C SER E 226 -25.63 18.13 5.35
N THR E 227 -26.65 18.36 4.53
CA THR E 227 -26.87 19.63 3.89
C THR E 227 -28.33 20.03 4.08
N GLN E 228 -28.56 21.35 4.00
CA GLN E 228 -29.85 22.05 4.04
C GLN E 228 -30.51 22.04 5.41
N LEU E 229 -30.01 21.23 6.34
CA LEU E 229 -30.54 21.13 7.69
C LEU E 229 -29.46 20.50 8.56
N LEU E 230 -29.01 21.22 9.57
CA LEU E 230 -28.19 20.58 10.56
C LEU E 230 -29.07 19.83 11.55
N LEU E 231 -28.45 18.96 12.35
CA LEU E 231 -29.19 18.18 13.30
C LEU E 231 -28.27 17.77 14.44
N ASN E 232 -28.89 17.47 15.59
CA ASN E 232 -28.20 17.10 16.83
C ASN E 232 -27.16 18.14 17.26
N GLY E 233 -27.41 19.41 16.95
CA GLY E 233 -26.46 20.47 17.23
C GLY E 233 -26.82 21.23 18.48
N SER E 234 -26.07 22.31 18.72
CA SER E 234 -26.35 23.18 19.83
C SER E 234 -27.59 24.03 19.55
N LEU E 235 -28.08 24.69 20.59
CA LEU E 235 -29.24 25.54 20.47
C LEU E 235 -28.84 27.01 20.60
N ALA E 236 -29.80 27.88 20.32
CA ALA E 236 -29.55 29.31 20.36
C ALA E 236 -29.72 29.82 21.79
N GLU E 237 -29.68 31.14 21.95
CA GLU E 237 -29.86 31.80 23.23
C GLU E 237 -31.31 32.24 23.44
N GLU E 238 -31.79 33.13 22.59
CA GLU E 238 -33.15 33.65 22.69
C GLU E 238 -33.93 33.55 21.39
N GLU E 239 -33.28 33.80 20.25
CA GLU E 239 -33.99 33.94 18.99
C GLU E 239 -33.16 33.32 17.88
N VAL E 240 -33.56 33.62 16.65
CA VAL E 240 -32.75 33.31 15.49
C VAL E 240 -31.55 34.24 15.48
N ILE E 241 -30.39 33.70 15.10
CA ILE E 241 -29.18 34.50 14.91
C ILE E 241 -28.77 34.27 13.47
N ILE E 242 -29.14 35.19 12.57
CA ILE E 242 -28.70 35.07 11.19
C ILE E 242 -27.23 35.39 11.10
N ARG E 243 -26.50 34.62 10.31
CA ARG E 243 -25.06 34.76 10.22
C ARG E 243 -24.63 34.72 8.76
N SER E 244 -23.77 35.65 8.39
CA SER E 244 -23.29 35.78 7.02
C SER E 244 -21.97 36.52 7.04
N GLU E 245 -21.54 36.97 5.87
CA GLU E 245 -20.48 37.96 5.75
C GLU E 245 -21.03 39.28 5.23
N ASN E 246 -21.69 39.22 4.08
CA ASN E 246 -22.11 40.39 3.32
C ASN E 246 -23.54 40.09 2.89
N ILE E 247 -24.50 40.65 3.64
CA ILE E 247 -25.91 40.46 3.33
C ILE E 247 -26.26 41.09 2.00
N THR E 248 -25.59 42.19 1.66
CA THR E 248 -25.75 42.78 0.33
C THR E 248 -25.10 41.94 -0.77
N ASN E 249 -24.27 40.96 -0.44
CA ASN E 249 -23.84 39.99 -1.42
C ASN E 249 -24.84 38.84 -1.46
N ASN E 250 -25.14 38.37 -2.67
CA ASN E 250 -26.06 37.26 -2.86
C ASN E 250 -25.37 35.90 -2.87
N ALA E 251 -24.08 35.86 -3.20
CA ALA E 251 -23.36 34.61 -3.34
C ALA E 251 -22.93 34.00 -2.01
N LYS E 252 -23.29 34.60 -0.89
CA LYS E 252 -22.96 34.05 0.40
C LYS E 252 -23.87 32.87 0.72
N ASN E 253 -23.51 32.12 1.76
CA ASN E 253 -24.35 31.09 2.33
C ASN E 253 -24.86 31.63 3.66
N ILE E 254 -26.14 32.00 3.71
CA ILE E 254 -26.69 32.62 4.90
C ILE E 254 -27.01 31.54 5.92
N LEU E 255 -26.38 31.63 7.08
CA LEU E 255 -26.62 30.68 8.16
C LEU E 255 -27.77 31.15 9.03
N VAL E 256 -28.59 30.20 9.47
CA VAL E 256 -29.74 30.48 10.31
C VAL E 256 -29.64 29.60 11.54
N GLN E 257 -29.46 30.22 12.70
CA GLN E 257 -29.48 29.50 13.96
C GLN E 257 -30.91 29.44 14.47
N LEU E 258 -31.30 28.26 14.96
CA LEU E 258 -32.66 28.03 15.43
C LEU E 258 -32.71 28.03 16.95
N ASN E 259 -33.75 28.66 17.50
CA ASN E 259 -33.93 28.69 18.95
C ASN E 259 -34.41 27.35 19.48
N THR E 260 -35.48 26.82 18.92
CA THR E 260 -36.17 25.68 19.51
C THR E 260 -36.13 24.49 18.57
N PRO E 261 -35.65 23.34 19.04
CA PRO E 261 -35.48 22.19 18.14
C PRO E 261 -36.80 21.52 17.79
N VAL E 262 -36.78 20.81 16.66
CA VAL E 262 -37.96 20.18 16.08
C VAL E 262 -37.71 18.69 15.97
N GLN E 263 -38.63 17.89 16.47
CA GLN E 263 -38.53 16.45 16.39
C GLN E 263 -38.71 15.98 14.95
N ILE E 264 -37.76 15.19 14.46
CA ILE E 264 -37.84 14.60 13.13
C ILE E 264 -37.73 13.10 13.28
N ASN E 265 -38.82 12.40 12.99
CA ASN E 265 -38.82 10.95 12.95
C ASN E 265 -38.66 10.51 11.50
N CYS E 266 -37.81 9.52 11.28
CA CYS E 266 -37.54 9.01 9.94
C CYS E 266 -37.47 7.50 9.98
N THR E 267 -37.77 6.88 8.84
CA THR E 267 -37.85 5.44 8.80
C THR E 267 -37.60 4.91 7.39
N ARG E 268 -37.26 3.61 7.33
CA ARG E 268 -37.24 2.85 6.10
C ARG E 268 -38.05 1.61 6.38
N PRO E 269 -39.36 1.68 6.21
CA PRO E 269 -40.21 0.58 6.67
C PRO E 269 -40.24 -0.58 5.69
N ASN E 270 -39.13 -1.31 5.63
CA ASN E 270 -39.02 -2.50 4.82
C ASN E 270 -38.40 -3.60 5.68
N ASN E 271 -39.17 -4.62 5.99
CA ASN E 271 -38.60 -5.84 6.56
C ASN E 271 -37.78 -6.52 5.47
N ASN E 272 -36.47 -6.56 5.67
CA ASN E 272 -35.54 -6.90 4.59
C ASN E 272 -34.62 -8.02 5.06
N THR E 273 -34.33 -8.95 4.15
CA THR E 273 -33.44 -10.07 4.43
C THR E 273 -32.07 -9.80 3.81
N VAL E 274 -31.03 -9.89 4.62
CA VAL E 274 -29.66 -9.64 4.18
C VAL E 274 -28.93 -10.96 4.17
N LYS E 275 -28.41 -11.35 3.01
CA LYS E 275 -27.63 -12.57 2.87
C LYS E 275 -26.16 -12.22 2.66
N SER E 276 -25.31 -13.23 2.80
CA SER E 276 -23.87 -13.04 2.75
C SER E 276 -23.23 -14.09 1.85
N ILE E 277 -22.19 -13.66 1.15
CA ILE E 277 -21.41 -14.52 0.26
C ILE E 277 -19.94 -14.15 0.40
N ARG E 278 -19.09 -15.00 -0.18
CA ARG E 278 -17.65 -14.79 -0.20
C ARG E 278 -17.22 -14.68 -1.66
N ILE E 279 -16.62 -13.55 -2.02
CA ILE E 279 -16.35 -13.32 -3.44
C ILE E 279 -15.06 -13.99 -3.87
N GLY E 280 -14.12 -14.17 -2.95
CA GLY E 280 -12.83 -14.69 -3.31
C GLY E 280 -12.08 -15.29 -2.14
N PRO E 281 -10.77 -15.06 -2.09
CA PRO E 281 -9.97 -15.60 -0.98
C PRO E 281 -10.22 -14.86 0.33
N GLY E 282 -11.29 -15.21 1.00
CA GLY E 282 -11.59 -14.64 2.30
C GLY E 282 -12.11 -13.24 2.27
N GLN E 283 -12.95 -12.92 1.30
CA GLN E 283 -13.49 -11.57 1.15
C GLN E 283 -15.00 -11.72 1.18
N ALA E 284 -15.60 -11.43 2.33
CA ALA E 284 -17.05 -11.54 2.46
C ALA E 284 -17.73 -10.39 1.75
N PHE E 285 -19.03 -10.56 1.48
CA PHE E 285 -19.83 -9.53 0.84
C PHE E 285 -21.29 -9.71 1.22
N TYR E 286 -21.97 -8.59 1.41
CA TYR E 286 -23.36 -8.59 1.81
C TYR E 286 -24.20 -8.02 0.69
N TYR E 287 -25.45 -8.47 0.60
CA TYR E 287 -26.34 -7.99 -0.44
C TYR E 287 -27.77 -8.16 0.04
N THR E 288 -28.65 -7.36 -0.55
CA THR E 288 -30.07 -7.43 -0.23
C THR E 288 -30.65 -8.68 -0.88
N GLY E 289 -30.96 -9.69 -0.06
CA GLY E 289 -31.50 -10.93 -0.57
C GLY E 289 -32.92 -10.78 -1.06
N ASP E 290 -33.84 -10.52 -0.15
CA ASP E 290 -35.24 -10.37 -0.49
C ASP E 290 -35.89 -9.54 0.62
N ILE E 291 -37.04 -8.97 0.32
CA ILE E 291 -37.85 -8.32 1.35
C ILE E 291 -39.06 -9.20 1.60
N ILE E 292 -39.57 -9.12 2.83
CA ILE E 292 -40.61 -10.06 3.27
C ILE E 292 -41.95 -9.75 2.61
N GLY E 293 -42.19 -8.50 2.22
CA GLY E 293 -43.31 -8.31 1.31
C GLY E 293 -44.16 -7.05 1.28
N ASP E 294 -43.96 -6.13 2.20
CA ASP E 294 -44.74 -4.89 2.18
C ASP E 294 -43.87 -3.80 1.60
N ILE E 295 -43.93 -3.63 0.28
CA ILE E 295 -43.12 -2.63 -0.41
C ILE E 295 -43.63 -1.24 -0.04
N ARG E 296 -42.77 -0.45 0.58
CA ARG E 296 -43.13 0.88 1.03
C ARG E 296 -42.14 1.89 0.50
N GLN E 297 -42.20 3.12 0.99
CA GLN E 297 -41.24 4.15 0.63
C GLN E 297 -40.76 4.81 1.92
N ALA E 298 -39.47 5.13 1.96
CA ALA E 298 -38.89 5.78 3.13
C ALA E 298 -39.35 7.23 3.23
N HIS E 299 -39.57 7.69 4.45
CA HIS E 299 -40.17 9.00 4.65
C HIS E 299 -39.82 9.54 6.02
N CYS E 300 -40.19 10.80 6.22
CA CYS E 300 -39.95 11.50 7.48
C CYS E 300 -41.15 12.37 7.82
N ASN E 301 -41.61 12.29 9.06
CA ASN E 301 -42.69 13.16 9.53
C ASN E 301 -42.14 14.42 10.18
N VAL E 302 -42.83 15.54 9.93
CA VAL E 302 -42.54 16.82 10.54
C VAL E 302 -43.84 17.35 11.13
N SER E 303 -43.83 17.74 12.40
CA SER E 303 -44.99 18.36 13.01
C SER E 303 -45.30 19.70 12.35
N LYS E 304 -46.52 19.83 11.84
CA LYS E 304 -46.88 20.94 10.96
C LYS E 304 -46.90 22.26 11.71
N ALA E 305 -47.68 22.33 12.80
CA ALA E 305 -47.83 23.57 13.55
C ALA E 305 -46.55 23.99 14.25
N THR E 306 -45.64 23.04 14.51
CA THR E 306 -44.34 23.40 15.03
C THR E 306 -43.52 24.13 13.98
N TRP E 307 -43.67 23.75 12.71
CA TRP E 307 -42.82 24.31 11.67
C TRP E 307 -43.22 25.73 11.29
N ASN E 308 -44.53 26.02 11.26
CA ASN E 308 -44.95 27.39 10.96
C ASN E 308 -44.54 28.34 12.08
N GLU E 309 -44.50 27.86 13.32
CA GLU E 309 -44.05 28.68 14.44
C GLU E 309 -42.57 29.04 14.31
N THR E 310 -41.80 28.20 13.62
CA THR E 310 -40.39 28.50 13.38
C THR E 310 -40.23 29.66 12.42
N LEU E 311 -40.91 29.61 11.27
CA LEU E 311 -40.64 30.55 10.19
C LEU E 311 -41.10 31.96 10.49
N GLY E 312 -42.04 32.13 11.43
CA GLY E 312 -42.43 33.46 11.83
C GLY E 312 -41.31 34.20 12.56
N LYS E 313 -40.44 33.46 13.23
CA LYS E 313 -39.29 34.08 13.88
C LYS E 313 -38.29 34.60 12.85
N VAL E 314 -38.18 33.92 11.72
CA VAL E 314 -37.15 34.24 10.74
C VAL E 314 -37.47 35.51 9.99
N VAL E 315 -38.72 35.63 9.52
CA VAL E 315 -39.16 36.82 8.81
C VAL E 315 -39.23 38.03 9.74
N LYS E 316 -39.39 37.78 11.05
CA LYS E 316 -39.30 38.83 12.06
C LYS E 316 -37.93 39.50 12.06
N GLN E 317 -36.88 38.74 11.77
CA GLN E 317 -35.54 39.33 11.71
C GLN E 317 -35.15 39.78 10.32
N LEU E 318 -35.69 39.17 9.27
CA LEU E 318 -35.31 39.58 7.93
C LEU E 318 -35.98 40.87 7.50
N ARG E 319 -37.03 41.30 8.20
CA ARG E 319 -37.51 42.66 8.06
C ARG E 319 -36.44 43.64 8.48
N LYS E 320 -35.73 43.31 9.57
CA LYS E 320 -34.73 44.18 10.15
C LYS E 320 -33.48 44.30 9.28
N HIS E 321 -33.25 43.33 8.40
CA HIS E 321 -32.07 43.34 7.55
C HIS E 321 -32.38 43.59 6.08
N PHE E 322 -33.64 43.67 5.69
CA PHE E 322 -33.94 43.98 4.30
C PHE E 322 -34.91 45.13 4.14
N GLY E 323 -35.89 45.25 5.01
CA GLY E 323 -36.81 46.37 4.93
C GLY E 323 -38.18 46.01 5.47
N ASN E 324 -38.95 47.06 5.76
CA ASN E 324 -40.28 46.92 6.36
C ASN E 324 -41.33 46.52 5.34
N ASN E 325 -41.06 46.68 4.06
CA ASN E 325 -42.04 46.44 3.01
C ASN E 325 -41.57 45.37 2.04
N THR E 326 -40.88 44.37 2.54
CA THR E 326 -40.29 43.33 1.71
C THR E 326 -41.15 42.07 1.72
N ILE E 327 -41.11 41.33 0.63
CA ILE E 327 -41.84 40.09 0.49
C ILE E 327 -40.84 38.95 0.56
N ILE E 328 -40.96 38.10 1.57
CA ILE E 328 -40.07 36.97 1.75
C ILE E 328 -40.69 35.75 1.08
N ARG E 329 -40.05 35.26 0.03
CA ARG E 329 -40.51 34.08 -0.67
C ARG E 329 -39.57 32.91 -0.40
N PHE E 330 -40.09 31.71 -0.62
CA PHE E 330 -39.27 30.52 -0.51
C PHE E 330 -39.56 29.61 -1.68
N ALA E 331 -38.57 28.79 -2.03
CA ALA E 331 -38.71 27.83 -3.11
C ALA E 331 -37.79 26.66 -2.81
N GLN E 332 -37.77 25.69 -3.72
CA GLN E 332 -36.95 24.51 -3.55
C GLN E 332 -35.55 24.79 -4.08
N SER E 333 -34.73 23.75 -4.18
CA SER E 333 -33.46 23.93 -4.83
C SER E 333 -33.66 24.00 -6.34
N SER E 334 -32.66 24.53 -7.03
CA SER E 334 -32.76 24.74 -8.47
C SER E 334 -32.61 23.42 -9.21
N GLY E 335 -31.45 22.79 -9.07
CA GLY E 335 -31.15 21.58 -9.82
C GLY E 335 -29.85 20.95 -9.38
N GLY E 336 -29.04 20.54 -10.34
CA GLY E 336 -27.81 19.84 -9.99
C GLY E 336 -28.14 18.43 -9.52
N ASP E 337 -27.18 17.85 -8.83
CA ASP E 337 -27.43 16.54 -8.24
C ASP E 337 -28.30 16.69 -7.01
N LEU E 338 -28.99 15.61 -6.66
CA LEU E 338 -29.81 15.56 -5.45
C LEU E 338 -28.98 15.71 -4.19
N GLU E 339 -27.69 15.39 -4.24
CA GLU E 339 -26.76 15.75 -3.17
C GLU E 339 -26.74 17.25 -2.95
N VAL E 340 -26.78 18.01 -4.04
CA VAL E 340 -26.92 19.47 -3.92
C VAL E 340 -28.38 19.85 -3.76
N THR E 341 -29.27 19.15 -4.44
CA THR E 341 -30.67 19.56 -4.48
C THR E 341 -31.40 19.24 -3.19
N THR E 342 -31.47 17.96 -2.83
CA THR E 342 -32.28 17.56 -1.70
C THR E 342 -31.44 17.49 -0.44
N HIS E 343 -32.05 16.94 0.61
CA HIS E 343 -31.46 16.87 1.93
C HIS E 343 -30.60 15.63 2.04
N SER E 344 -29.28 15.81 2.09
CA SER E 344 -28.41 14.70 2.43
C SER E 344 -28.58 14.37 3.90
N PHE E 345 -28.52 13.08 4.23
CA PHE E 345 -28.95 12.65 5.55
C PHE E 345 -28.40 11.27 5.86
N ASN E 346 -27.69 11.14 6.97
CA ASN E 346 -27.29 9.85 7.49
C ASN E 346 -28.33 9.38 8.50
N CYS E 347 -28.46 8.06 8.61
CA CYS E 347 -29.30 7.47 9.65
C CYS E 347 -28.86 6.04 9.89
N GLY E 348 -28.20 5.81 11.04
CA GLY E 348 -28.03 4.48 11.61
C GLY E 348 -27.33 3.46 10.75
N GLY E 349 -26.36 3.91 9.94
CA GLY E 349 -25.75 3.03 8.97
C GLY E 349 -26.40 3.04 7.62
N GLU E 350 -27.33 3.96 7.36
CA GLU E 350 -27.94 4.13 6.06
C GLU E 350 -27.93 5.60 5.69
N PHE E 351 -27.74 5.88 4.41
CA PHE E 351 -27.45 7.22 3.93
C PHE E 351 -28.65 7.67 3.10
N PHE E 352 -29.52 8.46 3.72
CA PHE E 352 -30.76 8.79 3.04
C PHE E 352 -30.55 9.94 2.07
N TYR E 353 -31.53 10.13 1.21
CA TYR E 353 -31.66 11.33 0.40
C TYR E 353 -33.14 11.65 0.36
N CYS E 354 -33.51 12.79 0.91
CA CYS E 354 -34.92 13.06 1.11
C CYS E 354 -35.31 14.39 0.50
N ASN E 355 -36.32 14.33 -0.37
CA ASN E 355 -36.83 15.53 -1.04
C ASN E 355 -37.58 16.40 -0.04
N THR E 356 -37.28 17.69 -0.04
CA THR E 356 -37.82 18.61 0.95
C THR E 356 -38.64 19.70 0.31
N SER E 357 -39.49 19.36 -0.64
CA SER E 357 -40.28 20.38 -1.32
C SER E 357 -41.42 20.89 -0.48
N GLY E 358 -41.90 20.12 0.50
CA GLY E 358 -42.99 20.56 1.34
C GLY E 358 -42.54 21.35 2.54
N LEU E 359 -41.34 21.92 2.49
CA LEU E 359 -40.81 22.70 3.59
C LEU E 359 -40.51 24.14 3.22
N PHE E 360 -40.46 24.48 1.94
CA PHE E 360 -40.15 25.82 1.49
C PHE E 360 -41.15 26.29 0.46
N ASN E 361 -42.38 25.81 0.59
CA ASN E 361 -43.52 26.26 -0.20
C ASN E 361 -44.31 27.23 0.68
N SER E 362 -43.77 28.44 0.81
CA SER E 362 -44.42 29.50 1.57
C SER E 362 -43.83 30.83 1.15
N THR E 363 -44.67 31.86 1.09
CA THR E 363 -44.23 33.21 0.78
C THR E 363 -44.78 34.14 1.85
N TRP E 364 -43.89 34.87 2.51
CA TRP E 364 -44.28 35.84 3.53
C TRP E 364 -44.26 37.23 2.91
N ILE E 365 -45.33 37.99 3.12
CA ILE E 365 -45.66 39.13 2.29
C ILE E 365 -45.67 40.39 3.15
N SER E 366 -44.88 41.39 2.72
CA SER E 366 -44.95 42.80 3.10
C SER E 366 -44.50 43.11 4.52
N ASN E 367 -44.11 42.10 5.31
CA ASN E 367 -43.63 42.25 6.70
C ASN E 367 -44.62 42.97 7.61
N THR E 368 -45.91 42.87 7.31
CA THR E 368 -46.94 43.53 8.11
C THR E 368 -48.20 42.68 8.00
N SER E 369 -48.54 41.97 9.08
CA SER E 369 -49.64 41.01 9.15
C SER E 369 -49.49 39.97 8.04
N VAL E 370 -48.35 39.29 8.06
CA VAL E 370 -47.97 38.33 7.04
C VAL E 370 -48.86 37.10 7.03
N SER E 378 -53.14 22.34 13.45
CA SER E 378 -52.40 21.44 14.31
C SER E 378 -52.94 20.02 14.24
N ASN E 379 -52.36 19.15 15.08
CA ASN E 379 -52.60 17.70 15.07
C ASN E 379 -52.36 17.12 13.68
N ASP E 380 -51.32 17.63 13.02
CA ASP E 380 -51.05 17.32 11.63
C ASP E 380 -49.56 17.03 11.48
N SER E 381 -49.21 16.38 10.37
CA SER E 381 -47.81 16.06 10.13
C SER E 381 -47.60 15.96 8.63
N ILE E 382 -46.88 16.93 8.06
CA ILE E 382 -46.43 16.80 6.69
C ILE E 382 -45.38 15.70 6.63
N THR E 383 -45.24 15.10 5.46
CA THR E 383 -44.38 13.93 5.31
C THR E 383 -43.57 14.06 4.03
N LEU E 384 -42.30 13.78 4.11
CA LEU E 384 -41.48 13.99 2.94
C LEU E 384 -41.15 12.69 2.24
N PRO E 385 -41.06 12.70 0.91
CA PRO E 385 -40.57 11.52 0.20
C PRO E 385 -39.05 11.43 0.30
N CYS E 386 -38.56 10.29 0.78
CA CYS E 386 -37.13 10.09 0.96
C CYS E 386 -36.68 8.88 0.15
N ARG E 387 -35.54 9.00 -0.53
CA ARG E 387 -34.99 7.92 -1.34
C ARG E 387 -33.85 7.23 -0.61
N ILE E 388 -33.44 6.09 -1.15
CA ILE E 388 -32.35 5.29 -0.59
C ILE E 388 -31.30 5.09 -1.68
N LYS E 389 -30.05 5.42 -1.36
CA LYS E 389 -28.92 5.09 -2.21
C LYS E 389 -27.95 4.20 -1.46
N GLN E 390 -27.02 3.62 -2.21
CA GLN E 390 -25.98 2.78 -1.66
C GLN E 390 -24.58 3.16 -2.09
N ILE E 391 -24.42 3.82 -3.23
CA ILE E 391 -23.12 4.20 -3.75
C ILE E 391 -22.96 5.70 -3.58
N ILE E 392 -22.04 6.09 -2.71
CA ILE E 392 -21.96 7.46 -2.23
C ILE E 392 -20.68 8.06 -2.81
N ASN E 393 -20.58 9.37 -2.76
CA ASN E 393 -19.31 10.08 -3.01
C ASN E 393 -19.20 11.14 -1.93
N MET E 394 -18.46 10.83 -0.88
CA MET E 394 -18.37 11.72 0.26
C MET E 394 -17.41 12.86 0.00
N TRP E 395 -17.90 14.09 0.19
CA TRP E 395 -17.17 15.35 0.00
C TRP E 395 -16.66 15.53 -1.41
N GLN E 396 -17.40 14.99 -2.40
CA GLN E 396 -17.18 15.16 -3.83
C GLN E 396 -15.79 14.71 -4.29
N ARG E 397 -15.12 13.87 -3.53
CA ARG E 397 -13.78 13.43 -3.88
C ARG E 397 -13.91 12.31 -4.90
N ILE E 398 -13.81 12.67 -6.17
CA ILE E 398 -14.19 11.76 -7.25
C ILE E 398 -13.12 10.69 -7.42
N GLY E 399 -13.56 9.44 -7.46
CA GLY E 399 -12.66 8.30 -7.56
C GLY E 399 -12.89 7.36 -6.41
N GLN E 400 -13.10 7.92 -5.22
CA GLN E 400 -13.41 7.13 -4.06
C GLN E 400 -14.90 6.82 -4.05
N ALA E 401 -15.25 5.55 -3.93
CA ALA E 401 -16.63 5.11 -3.95
C ALA E 401 -16.83 4.11 -2.83
N MET E 402 -17.61 4.49 -1.83
CA MET E 402 -17.88 3.64 -0.68
C MET E 402 -19.24 3.00 -0.79
N TYR E 403 -19.29 1.71 -0.50
CA TYR E 403 -20.51 0.93 -0.61
C TYR E 403 -21.24 0.92 0.72
N ALA E 404 -22.57 0.90 0.65
CA ALA E 404 -23.39 0.86 1.84
C ALA E 404 -23.85 -0.55 2.08
N PRO E 405 -23.44 -1.21 3.16
CA PRO E 405 -23.98 -2.51 3.48
C PRO E 405 -25.41 -2.39 3.96
N PRO E 406 -26.36 -3.05 3.31
CA PRO E 406 -27.74 -2.98 3.78
C PRO E 406 -27.91 -3.79 5.05
N ILE E 407 -28.75 -3.30 5.95
CA ILE E 407 -28.88 -3.88 7.27
C ILE E 407 -30.29 -4.39 7.48
N GLN E 408 -30.42 -5.31 8.42
CA GLN E 408 -31.64 -6.07 8.62
C GLN E 408 -32.48 -5.40 9.72
N GLY E 409 -33.76 -5.76 9.77
CA GLY E 409 -34.67 -5.15 10.72
C GLY E 409 -35.39 -3.98 10.11
N VAL E 410 -35.71 -2.98 10.91
CA VAL E 410 -36.28 -1.74 10.39
C VAL E 410 -35.39 -0.58 10.80
N ILE E 411 -35.75 0.63 10.38
CA ILE E 411 -34.93 1.81 10.58
C ILE E 411 -35.75 2.85 11.33
N ARG E 412 -35.22 3.34 12.44
CA ARG E 412 -35.80 4.46 13.17
C ARG E 412 -34.66 5.30 13.73
N CYS E 413 -34.68 6.60 13.44
CA CYS E 413 -33.75 7.51 14.07
C CYS E 413 -34.42 8.86 14.25
N VAL E 414 -34.19 9.47 15.40
CA VAL E 414 -34.84 10.71 15.80
C VAL E 414 -33.77 11.76 15.94
N SER E 415 -34.04 12.97 15.46
CA SER E 415 -33.04 14.02 15.54
C SER E 415 -33.71 15.37 15.75
N ASN E 416 -33.01 16.25 16.45
CA ASN E 416 -33.41 17.63 16.55
C ASN E 416 -33.11 18.37 15.24
N ILE E 417 -33.66 19.57 15.12
CA ILE E 417 -33.31 20.51 14.06
C ILE E 417 -32.63 21.69 14.72
N THR E 418 -31.43 22.00 14.27
CA THR E 418 -30.74 23.13 14.88
C THR E 418 -30.28 24.18 13.89
N GLY E 419 -29.81 23.78 12.71
CA GLY E 419 -29.18 24.71 11.80
C GLY E 419 -29.76 24.64 10.41
N LEU E 420 -29.80 25.80 9.77
CA LEU E 420 -30.41 25.94 8.45
C LEU E 420 -29.47 26.72 7.56
N ILE E 421 -29.55 26.47 6.26
CA ILE E 421 -28.78 27.18 5.26
C ILE E 421 -29.74 27.79 4.26
N LEU E 422 -29.67 29.09 4.07
CA LEU E 422 -30.45 29.77 3.05
C LEU E 422 -29.53 30.53 2.12
N THR E 423 -30.03 30.77 0.91
CA THR E 423 -29.25 31.41 -0.14
C THR E 423 -30.09 32.48 -0.81
N ARG E 424 -29.67 33.73 -0.67
CA ARG E 424 -30.29 34.83 -1.38
C ARG E 424 -30.02 34.71 -2.87
N ASP E 425 -31.06 34.52 -3.66
CA ASP E 425 -30.89 34.41 -5.10
C ASP E 425 -30.56 35.78 -5.71
N GLY E 426 -29.99 35.73 -6.91
CA GLY E 426 -29.58 36.94 -7.60
C GLY E 426 -30.74 37.72 -8.19
N SER E 431 -38.38 45.95 -7.12
CA SER E 431 -39.29 45.52 -6.07
C SER E 431 -38.55 45.07 -4.82
N THR E 432 -39.23 45.13 -3.68
CA THR E 432 -38.67 44.68 -2.42
C THR E 432 -38.91 43.20 -2.17
N THR E 433 -39.50 42.48 -3.13
CA THR E 433 -39.74 41.06 -2.94
C THR E 433 -38.43 40.28 -2.97
N GLU E 434 -38.42 39.15 -2.25
CA GLU E 434 -37.17 38.41 -2.09
C GLU E 434 -37.46 36.94 -1.85
N THR E 435 -36.75 36.08 -2.58
CA THR E 435 -36.91 34.65 -2.50
C THR E 435 -35.66 34.03 -1.90
N PHE E 436 -35.85 33.07 -0.99
CA PHE E 436 -34.73 32.31 -0.46
C PHE E 436 -34.89 30.85 -0.80
N ARG E 437 -33.75 30.17 -0.94
CA ARG E 437 -33.67 28.76 -1.27
C ARG E 437 -32.73 28.06 -0.32
N PRO E 438 -32.96 26.79 0.00
CA PRO E 438 -32.02 26.05 0.83
C PRO E 438 -30.73 25.71 0.10
N GLY E 439 -29.66 26.41 0.43
CA GLY E 439 -28.37 26.16 -0.20
C GLY E 439 -27.64 25.02 0.47
N GLY E 440 -26.34 24.96 0.23
CA GLY E 440 -25.48 23.98 0.87
C GLY E 440 -24.52 23.34 -0.11
N GLY E 441 -23.73 22.41 0.41
CA GLY E 441 -22.76 21.69 -0.39
C GLY E 441 -21.38 21.62 0.22
N ASP E 442 -20.93 22.71 0.84
CA ASP E 442 -19.67 22.70 1.57
C ASP E 442 -19.95 22.24 2.99
N MET E 443 -19.27 21.19 3.42
CA MET E 443 -19.42 20.74 4.79
C MET E 443 -18.63 21.59 5.77
N ARG E 444 -17.74 22.45 5.27
CA ARG E 444 -17.03 23.39 6.14
C ARG E 444 -17.99 24.34 6.82
N ASP E 445 -19.05 24.73 6.12
CA ASP E 445 -20.06 25.59 6.71
C ASP E 445 -20.82 24.91 7.84
N ASN E 446 -20.85 23.58 7.85
CA ASN E 446 -21.46 22.88 8.97
C ASN E 446 -20.59 22.96 10.21
N TRP E 447 -19.28 22.81 10.04
CA TRP E 447 -18.41 22.87 11.20
C TRP E 447 -18.19 24.30 11.66
N ARG E 448 -18.19 25.25 10.72
CA ARG E 448 -18.15 26.66 11.08
C ARG E 448 -19.41 27.09 11.79
N SER E 449 -20.52 26.39 11.56
CA SER E 449 -21.78 26.71 12.23
C SER E 449 -21.72 26.44 13.72
N GLU E 450 -20.87 25.52 14.15
CA GLU E 450 -20.81 25.14 15.56
C GLU E 450 -19.43 25.37 16.16
N LEU E 451 -18.61 26.20 15.52
CA LEU E 451 -17.30 26.56 16.05
C LEU E 451 -17.03 28.05 15.96
N TYR E 452 -18.07 28.87 15.85
CA TYR E 452 -17.88 30.31 15.79
C TYR E 452 -17.53 30.89 17.15
N LYS E 453 -17.77 30.15 18.22
CA LYS E 453 -17.57 30.66 19.57
C LYS E 453 -16.11 30.66 20.00
N TYR E 454 -15.21 30.12 19.20
CA TYR E 454 -13.85 29.85 19.66
C TYR E 454 -12.83 30.69 18.91
N LYS E 455 -11.72 30.98 19.59
CA LYS E 455 -10.51 31.39 18.90
C LYS E 455 -9.31 30.91 19.70
N VAL E 456 -8.17 30.86 19.01
CA VAL E 456 -6.92 30.35 19.56
C VAL E 456 -5.89 31.47 19.48
N VAL E 457 -5.09 31.63 20.54
CA VAL E 457 -4.06 32.65 20.58
C VAL E 457 -2.69 32.01 20.79
N LYS E 458 -1.70 32.57 20.10
CA LYS E 458 -0.30 32.24 20.31
C LYS E 458 0.17 32.91 21.59
N ILE E 459 1.23 32.38 22.19
CA ILE E 459 1.73 32.92 23.44
C ILE E 459 3.21 33.30 23.28
N GLU E 460 3.52 34.58 23.53
CA GLU E 460 4.88 35.12 23.53
C GLU E 460 5.08 35.96 24.78
N PRO E 461 5.40 35.32 25.91
CA PRO E 461 5.41 36.04 27.19
C PRO E 461 6.65 36.89 27.43
N LEU E 462 6.64 38.13 26.93
CA LEU E 462 7.78 39.02 27.12
C LEU E 462 7.29 40.46 27.16
N GLY E 463 7.55 41.14 28.25
CA GLY E 463 7.18 42.54 28.38
C GLY E 463 8.35 43.38 28.82
N VAL E 464 8.45 44.58 28.25
CA VAL E 464 9.56 45.50 28.50
C VAL E 464 8.98 46.85 28.91
N ALA E 465 8.78 47.04 30.21
CA ALA E 465 8.13 48.23 30.71
C ALA E 465 9.10 49.04 31.57
N PRO E 466 9.34 50.32 31.23
CA PRO E 466 10.39 51.06 31.94
C PRO E 466 9.93 51.59 33.29
N THR E 467 10.86 51.60 34.24
CA THR E 467 10.70 52.28 35.51
C THR E 467 12.03 52.95 35.84
N ARG E 468 12.19 53.37 37.09
CA ARG E 468 13.39 54.09 37.52
C ARG E 468 14.17 53.18 38.46
N CYS E 469 14.97 52.29 37.88
CA CYS E 469 15.78 51.36 38.68
C CYS E 469 17.27 51.57 38.47
N LYS E 470 17.76 51.49 37.21
CA LYS E 470 19.11 51.82 36.75
C LYS E 470 20.19 50.84 37.22
N ARG E 471 19.89 49.98 38.18
CA ARG E 471 20.97 49.20 38.76
C ARG E 471 20.51 47.82 39.22
N PHE F 11 -4.78 28.72 34.88
CA PHE F 11 -3.68 29.24 34.08
C PHE F 11 -3.74 30.75 34.06
N LEU F 12 -4.42 31.30 33.06
CA LEU F 12 -4.39 32.73 32.83
C LEU F 12 -5.51 33.37 33.63
N GLY F 13 -5.42 34.69 33.79
CA GLY F 13 -6.41 35.43 34.51
C GLY F 13 -5.96 36.85 34.75
N ALA F 14 -6.92 37.76 34.92
CA ALA F 14 -6.71 39.17 35.24
C ALA F 14 -5.86 39.90 34.21
N ALA F 15 -5.78 39.39 32.97
CA ALA F 15 -5.10 40.14 31.92
C ALA F 15 -5.95 41.30 31.43
N GLY F 16 -7.25 41.27 31.68
CA GLY F 16 -8.16 42.26 31.16
C GLY F 16 -8.09 43.64 31.77
N SER F 17 -8.51 43.77 33.03
CA SER F 17 -8.65 45.08 33.66
C SER F 17 -7.77 45.14 34.90
N THR F 18 -6.48 45.42 34.67
CA THR F 18 -5.50 45.86 35.65
C THR F 18 -4.23 46.22 34.88
N MET F 19 -3.27 46.76 35.60
CA MET F 19 -2.02 47.22 35.00
C MET F 19 -0.97 47.31 36.09
N GLY F 20 0.10 46.51 35.95
CA GLY F 20 1.12 46.49 36.97
C GLY F 20 0.82 45.57 38.12
N ALA F 21 -0.43 45.59 38.59
CA ALA F 21 -0.86 44.58 39.56
C ALA F 21 -0.99 43.21 38.92
N ALA F 22 -1.07 43.14 37.60
CA ALA F 22 -0.93 41.87 36.91
C ALA F 22 0.48 41.31 37.06
N SER F 23 1.48 42.18 37.23
CA SER F 23 2.83 41.70 37.45
C SER F 23 3.02 41.09 38.83
N MET F 24 2.07 41.30 39.75
CA MET F 24 2.11 40.61 41.02
C MET F 24 1.95 39.11 40.86
N THR F 25 1.07 38.69 39.94
CA THR F 25 0.73 37.29 39.77
C THR F 25 1.44 36.64 38.59
N LEU F 26 2.63 37.13 38.24
CA LEU F 26 3.42 36.48 37.19
C LEU F 26 4.26 35.33 37.74
N THR F 27 3.59 34.40 38.42
CA THR F 27 4.21 33.18 38.91
C THR F 27 3.40 31.94 38.61
N VAL F 28 2.11 32.07 38.31
CA VAL F 28 1.33 30.96 37.79
C VAL F 28 1.49 30.88 36.27
N GLN F 29 1.98 31.94 35.63
CA GLN F 29 2.02 32.04 34.19
C GLN F 29 3.13 31.22 33.54
N ALA F 30 3.89 30.45 34.31
CA ALA F 30 4.98 29.69 33.72
C ALA F 30 4.92 28.21 34.11
N ARG F 31 4.41 27.93 35.32
CA ARG F 31 4.44 26.56 35.81
C ARG F 31 3.42 25.68 35.10
N ASN F 32 2.33 26.26 34.62
CA ASN F 32 1.42 25.53 33.76
C ASN F 32 1.81 25.62 32.30
N LEU F 33 2.65 26.60 31.95
CA LEU F 33 3.16 26.72 30.60
C LEU F 33 4.14 25.58 30.30
N LEU F 34 3.99 25.00 29.11
CA LEU F 34 4.73 23.81 28.65
C LEU F 34 4.54 22.62 29.58
N SER F 35 3.30 22.35 29.98
CA SER F 35 3.04 21.19 30.80
C SER F 35 1.66 20.61 30.50
N GLY F 61 0.38 10.59 15.98
CA GLY F 61 1.12 10.46 14.74
C GLY F 61 2.14 11.55 14.53
N ILE F 62 2.24 12.01 13.29
CA ILE F 62 3.19 13.07 12.95
C ILE F 62 2.55 14.43 13.04
N LYS F 63 1.27 14.51 12.66
CA LYS F 63 0.56 15.79 12.60
C LYS F 63 0.40 16.42 13.99
N GLN F 64 0.30 15.61 15.03
CA GLN F 64 0.29 16.11 16.40
C GLN F 64 1.67 16.23 16.98
N LEU F 65 2.69 15.76 16.26
CA LEU F 65 4.06 15.80 16.73
C LEU F 65 4.77 17.07 16.28
N GLN F 66 4.11 17.91 15.48
CA GLN F 66 4.57 19.29 15.35
C GLN F 66 4.46 20.01 16.68
N ALA F 67 3.43 19.69 17.46
CA ALA F 67 3.41 20.07 18.86
C ALA F 67 4.50 19.31 19.61
N ARG F 68 4.93 19.90 20.73
CA ARG F 68 6.10 19.49 21.52
C ARG F 68 7.39 19.57 20.73
N VAL F 69 7.42 20.35 19.66
CA VAL F 69 8.67 20.69 18.98
C VAL F 69 8.74 22.20 18.92
N LEU F 70 7.79 22.82 18.24
CA LEU F 70 7.68 24.27 18.29
C LEU F 70 7.19 24.72 19.66
N ALA F 71 6.47 23.86 20.36
CA ALA F 71 6.12 24.13 21.75
C ALA F 71 7.35 24.14 22.64
N VAL F 72 8.35 23.30 22.34
CA VAL F 72 9.58 23.31 23.12
C VAL F 72 10.64 24.18 22.45
N GLU F 73 10.47 24.55 21.18
CA GLU F 73 11.31 25.60 20.62
C GLU F 73 10.95 26.93 21.26
N HIS F 74 9.68 27.14 21.57
CA HIS F 74 9.31 28.21 22.46
C HIS F 74 9.56 27.78 23.90
N TYR F 75 9.78 28.78 24.76
CA TYR F 75 10.41 28.77 26.09
C TYR F 75 11.92 28.55 25.96
N LEU F 76 12.40 28.23 24.76
CA LEU F 76 13.82 28.09 24.53
C LEU F 76 14.38 29.34 23.87
N ARG F 77 13.80 29.76 22.75
CA ARG F 77 14.39 30.83 21.95
C ARG F 77 14.29 32.19 22.63
N ASP F 78 13.35 32.36 23.56
CA ASP F 78 13.36 33.57 24.36
C ASP F 78 14.37 33.45 25.49
N GLN F 79 14.44 32.29 26.14
CA GLN F 79 15.42 32.10 27.20
C GLN F 79 16.81 31.94 26.62
N GLN F 80 16.91 31.63 25.32
CA GLN F 80 18.13 31.86 24.57
C GLN F 80 18.60 33.30 24.71
N LEU F 81 17.73 34.24 24.39
CA LEU F 81 18.10 35.64 24.49
C LEU F 81 17.90 36.23 25.87
N LEU F 82 17.16 35.54 26.76
CA LEU F 82 16.96 36.10 28.09
C LEU F 82 18.22 36.02 28.93
N GLY F 83 19.03 34.98 28.72
CA GLY F 83 20.36 34.95 29.31
C GLY F 83 21.27 36.05 28.79
N ILE F 84 20.99 36.55 27.58
CA ILE F 84 21.76 37.65 27.03
C ILE F 84 21.28 38.99 27.59
N TRP F 85 20.01 39.07 28.03
CA TRP F 85 19.51 40.29 28.67
C TRP F 85 20.23 40.61 29.98
N GLY F 86 20.85 39.64 30.62
CA GLY F 86 21.50 39.88 31.88
C GLY F 86 20.71 39.26 33.02
N CYS F 87 19.39 39.39 32.96
CA CYS F 87 18.52 38.72 33.92
C CYS F 87 18.51 37.23 33.58
N SER F 88 19.22 36.44 34.39
CA SER F 88 19.51 35.07 34.00
C SER F 88 18.35 34.13 34.24
N GLY F 89 17.65 34.27 35.36
CA GLY F 89 16.57 33.36 35.65
C GLY F 89 15.23 34.07 35.63
N LYS F 90 14.36 33.74 36.58
CA LYS F 90 13.16 34.54 36.80
C LYS F 90 13.42 35.46 37.97
N LEU F 91 13.70 36.71 37.64
CA LEU F 91 13.53 37.83 38.54
C LEU F 91 12.81 38.90 37.74
N ILE F 92 11.76 39.45 38.32
CA ILE F 92 11.28 40.75 37.84
C ILE F 92 12.39 41.73 38.17
N CYS F 93 13.11 42.17 37.14
CA CYS F 93 14.44 42.72 37.31
C CYS F 93 14.59 43.95 36.44
N CYS F 94 15.58 44.78 36.78
CA CYS F 94 15.92 45.94 35.97
C CYS F 94 17.32 45.78 35.42
N THR F 95 17.51 46.27 34.20
CA THR F 95 18.80 46.34 33.56
C THR F 95 19.42 47.70 33.88
N ASN F 96 20.47 48.07 33.13
CA ASN F 96 21.03 49.41 33.23
C ASN F 96 21.04 50.14 31.90
N VAL F 97 20.43 49.58 30.86
CA VAL F 97 20.31 50.29 29.60
C VAL F 97 19.25 51.38 29.75
N PRO F 98 19.45 52.57 29.17
CA PRO F 98 18.42 53.60 29.24
C PRO F 98 17.21 53.30 28.39
N TRP F 99 16.05 53.59 28.96
CA TRP F 99 14.86 53.85 28.16
C TRP F 99 15.05 55.16 27.42
N ASN F 100 15.17 55.10 26.09
CA ASN F 100 15.14 56.32 25.32
C ASN F 100 13.73 56.90 25.36
N SER F 101 13.65 58.20 25.57
CA SER F 101 12.35 58.87 25.65
C SER F 101 11.78 59.22 24.29
N SER F 102 12.43 58.81 23.20
CA SER F 102 11.82 58.97 21.88
C SER F 102 10.69 57.98 21.64
N TRP F 103 10.54 56.99 22.53
CA TRP F 103 9.67 55.84 22.28
C TRP F 103 8.35 56.04 23.03
N SER F 104 7.61 57.05 22.57
CA SER F 104 6.29 57.44 23.11
C SER F 104 6.38 57.78 24.59
N ASN F 105 7.08 58.88 24.87
CA ASN F 105 7.23 59.37 26.23
C ASN F 105 5.89 59.92 26.70
N ARG F 106 5.13 59.09 27.41
CA ARG F 106 3.78 59.47 27.86
C ARG F 106 3.61 59.04 29.31
N ASN F 107 4.02 59.90 30.24
CA ASN F 107 3.60 59.90 31.65
C ASN F 107 3.84 58.56 32.34
N LEU F 108 5.11 58.15 32.38
CA LEU F 108 5.45 56.77 32.72
C LEU F 108 5.32 56.45 34.21
N SER F 109 4.92 57.41 35.03
CA SER F 109 4.40 57.13 36.36
C SER F 109 2.89 57.03 36.36
N GLU F 110 2.23 57.72 35.44
CA GLU F 110 0.77 57.79 35.41
C GLU F 110 0.17 56.61 34.65
N ILE F 111 0.68 56.34 33.44
CA ILE F 111 0.22 55.24 32.61
C ILE F 111 0.69 53.90 33.15
N TRP F 112 1.61 53.92 34.12
CA TRP F 112 2.10 52.72 34.76
C TRP F 112 1.01 51.94 35.49
N ASP F 113 0.01 52.62 36.01
CA ASP F 113 -0.94 51.96 36.88
C ASP F 113 -2.36 51.93 36.31
N ASN F 114 -2.78 52.98 35.60
CA ASN F 114 -4.16 53.08 35.17
C ASN F 114 -4.39 52.40 33.82
N MET F 115 -3.72 52.88 32.78
CA MET F 115 -3.98 52.43 31.42
C MET F 115 -3.39 51.05 31.22
N THR F 116 -4.26 50.07 30.99
CA THR F 116 -3.89 48.67 31.05
C THR F 116 -3.03 48.26 29.86
N TRP F 117 -2.45 47.07 30.01
CA TRP F 117 -1.80 46.36 28.93
C TRP F 117 -2.79 46.00 27.83
N LEU F 118 -2.23 45.62 26.67
CA LEU F 118 -2.83 45.40 25.35
C LEU F 118 -3.24 46.69 24.66
N GLN F 119 -3.17 47.81 25.37
CA GLN F 119 -3.28 49.13 24.78
C GLN F 119 -1.90 49.72 24.60
N TRP F 120 -1.16 49.79 25.72
CA TRP F 120 0.21 50.27 25.74
C TRP F 120 1.13 49.39 24.91
N ASP F 121 0.77 48.11 24.75
CA ASP F 121 1.60 47.19 23.98
C ASP F 121 1.59 47.55 22.50
N LYS F 122 0.43 47.97 21.98
CA LYS F 122 0.37 48.48 20.62
C LYS F 122 1.15 49.78 20.48
N GLU F 123 1.23 50.57 21.55
CA GLU F 123 2.00 51.81 21.50
C GLU F 123 3.49 51.53 21.36
N ILE F 124 3.96 50.44 21.96
CA ILE F 124 5.37 50.08 21.96
C ILE F 124 5.62 48.87 21.06
N SER F 125 4.62 48.51 20.25
CA SER F 125 4.78 47.41 19.30
C SER F 125 5.79 47.75 18.22
N ASN F 126 5.93 49.04 17.89
CA ASN F 126 6.86 49.44 16.84
C ASN F 126 8.30 49.32 17.30
N TYR F 127 8.59 49.75 18.53
CA TYR F 127 9.94 49.73 19.05
C TYR F 127 10.12 48.50 19.92
N THR F 128 10.39 47.37 19.26
CA THR F 128 10.84 46.17 19.94
C THR F 128 12.20 45.72 19.45
N GLN F 129 12.37 45.69 18.13
CA GLN F 129 13.61 45.24 17.49
C GLN F 129 14.79 46.12 17.89
N ILE F 130 14.55 47.41 18.08
CA ILE F 130 15.64 48.35 18.36
C ILE F 130 16.12 48.16 19.79
N ILE F 131 15.20 47.92 20.72
CA ILE F 131 15.56 47.55 22.09
C ILE F 131 16.34 46.24 22.09
N TYR F 132 16.03 45.35 21.14
CA TYR F 132 16.72 44.09 21.07
C TYR F 132 18.16 44.22 20.59
N GLY F 133 18.48 45.32 19.91
CA GLY F 133 19.88 45.64 19.71
C GLY F 133 20.50 46.31 20.90
N LEU F 134 19.70 46.97 21.73
CA LEU F 134 20.19 47.61 22.93
C LEU F 134 20.23 46.68 24.13
N LEU F 135 19.75 45.45 23.99
CA LEU F 135 19.89 44.49 25.07
C LEU F 135 21.27 43.84 25.07
N GLU F 136 22.04 43.99 24.01
CA GLU F 136 23.27 43.24 23.84
C GLU F 136 24.48 44.13 23.73
N GLU F 137 24.28 45.44 23.65
CA GLU F 137 25.35 46.40 23.44
C GLU F 137 25.63 47.22 24.67
N SER F 138 24.60 47.58 25.43
CA SER F 138 24.78 48.47 26.56
C SER F 138 25.38 47.72 27.74
N GLN F 139 24.66 46.72 28.26
CA GLN F 139 25.16 45.93 29.36
C GLN F 139 26.06 44.80 28.89
N ASN F 140 25.90 44.39 27.65
CA ASN F 140 26.41 43.08 27.25
C ASN F 140 27.49 43.18 26.20
N GLN F 141 27.95 44.37 25.91
CA GLN F 141 29.23 44.57 25.25
C GLN F 141 30.22 45.29 26.15
N GLN F 142 29.76 46.31 26.87
CA GLN F 142 30.63 47.06 27.76
C GLN F 142 30.80 46.34 29.08
N GLU F 143 29.69 46.21 29.82
CA GLU F 143 29.73 45.84 31.24
C GLU F 143 30.12 44.39 31.44
N LYS F 144 29.93 43.53 30.44
CA LYS F 144 30.41 42.17 30.56
C LYS F 144 31.93 42.09 30.56
N ASN F 145 32.60 42.99 29.84
CA ASN F 145 34.05 43.02 29.80
C ASN F 145 34.62 44.10 30.71
N GLU F 146 33.90 44.43 31.78
CA GLU F 146 34.41 45.33 32.80
C GLU F 146 34.60 44.65 34.14
N GLN F 147 33.95 43.52 34.37
CA GLN F 147 34.23 42.71 35.55
C GLN F 147 35.43 41.80 35.34
N ASP F 148 35.94 41.72 34.13
CA ASP F 148 37.12 40.93 33.82
C ASP F 148 38.42 41.71 34.05
N LEU F 149 38.30 42.99 34.43
CA LEU F 149 39.49 43.81 34.65
C LEU F 149 40.26 43.35 35.89
N LEU F 150 39.55 42.96 36.93
CA LEU F 150 40.18 42.48 38.15
C LEU F 150 40.86 41.12 37.95
N VAL G 2 -71.64 -5.85 8.21
CA VAL G 2 -71.91 -4.58 7.54
C VAL G 2 -73.25 -4.66 6.81
N GLN G 3 -74.14 -3.73 7.10
CA GLN G 3 -75.38 -3.58 6.36
C GLN G 3 -75.27 -2.42 5.39
N LEU G 4 -76.15 -2.44 4.38
CA LEU G 4 -76.38 -1.28 3.55
C LEU G 4 -77.77 -1.37 2.95
N ARG G 5 -78.38 -0.22 2.68
CA ARG G 5 -79.66 -0.16 2.01
C ARG G 5 -79.72 1.11 1.16
N GLU G 6 -80.28 0.99 -0.04
CA GLU G 6 -80.50 2.11 -0.93
C GLU G 6 -81.72 2.92 -0.49
N SER G 7 -82.12 3.87 -1.33
CA SER G 7 -83.30 4.70 -1.11
C SER G 7 -83.70 5.30 -2.44
N GLY G 8 -84.94 5.07 -2.87
CA GLY G 8 -85.37 5.51 -4.18
C GLY G 8 -86.84 5.86 -4.28
N PRO G 9 -87.20 6.65 -5.32
CA PRO G 9 -88.62 7.00 -5.53
C PRO G 9 -89.40 5.98 -6.35
N GLY G 10 -88.71 5.21 -7.19
CA GLY G 10 -89.36 4.22 -8.03
C GLY G 10 -89.70 4.69 -9.44
N LEU G 11 -90.60 5.66 -9.56
CA LEU G 11 -91.01 6.19 -10.86
C LEU G 11 -90.58 7.64 -10.97
N VAL G 12 -89.80 7.95 -12.01
CA VAL G 12 -89.31 9.29 -12.27
C VAL G 12 -89.76 9.68 -13.68
N LYS G 13 -90.27 10.90 -13.82
CA LYS G 13 -90.62 11.41 -15.14
C LYS G 13 -89.36 11.72 -15.93
N PRO G 14 -89.44 11.75 -17.26
CA PRO G 14 -88.33 12.25 -18.07
C PRO G 14 -88.11 13.75 -17.86
N SER G 15 -86.88 14.17 -18.17
CA SER G 15 -86.37 15.54 -18.11
C SER G 15 -86.41 16.16 -16.71
N GLU G 16 -86.60 15.36 -15.68
CA GLU G 16 -86.53 15.82 -14.30
C GLU G 16 -85.20 15.35 -13.71
N THR G 17 -85.04 15.45 -12.40
CA THR G 17 -83.79 15.11 -11.75
C THR G 17 -83.91 13.81 -10.98
N LEU G 18 -82.85 13.48 -10.23
CA LEU G 18 -82.75 12.20 -9.53
C LEU G 18 -82.13 12.41 -8.17
N SER G 19 -82.78 11.88 -7.14
CA SER G 19 -82.31 11.98 -5.77
C SER G 19 -82.27 10.58 -5.16
N LEU G 20 -81.06 10.05 -4.99
CA LEU G 20 -80.87 8.73 -4.43
C LEU G 20 -79.88 8.83 -3.29
N SER G 21 -79.90 7.83 -2.41
CA SER G 21 -78.96 7.74 -1.31
C SER G 21 -78.81 6.29 -0.88
N CYS G 22 -77.79 6.03 -0.08
CA CYS G 22 -77.46 4.67 0.36
C CYS G 22 -76.98 4.72 1.79
N THR G 23 -77.75 4.14 2.70
CA THR G 23 -77.46 4.20 4.13
C THR G 23 -76.62 3.01 4.54
N VAL G 24 -75.55 3.26 5.31
CA VAL G 24 -74.60 2.24 5.72
C VAL G 24 -74.65 2.13 7.24
N SER G 25 -74.62 0.90 7.74
CA SER G 25 -74.50 0.66 9.17
C SER G 25 -73.60 -0.54 9.38
N ASN G 26 -73.34 -0.83 10.66
CA ASN G 26 -72.48 -1.94 11.11
C ASN G 26 -71.11 -1.86 10.43
N ASP G 27 -70.51 -0.68 10.48
CA ASP G 27 -69.19 -0.48 9.87
C ASP G 27 -68.28 0.10 10.93
N SER G 28 -67.27 -0.67 11.34
CA SER G 28 -66.42 -0.23 12.43
C SER G 28 -65.49 0.90 12.01
N ARG G 29 -64.99 0.85 10.77
CA ARG G 29 -64.26 1.97 10.17
C ARG G 29 -65.01 2.37 8.91
N PRO G 30 -66.02 3.23 9.04
CA PRO G 30 -66.68 3.76 7.85
C PRO G 30 -65.87 4.85 7.17
N SER G 31 -64.85 5.38 7.83
CA SER G 31 -64.21 6.60 7.39
C SER G 31 -63.11 6.39 6.36
N ASP G 32 -62.68 5.16 6.11
CA ASP G 32 -61.50 4.93 5.30
C ASP G 32 -61.77 4.07 4.07
N HIS G 33 -63.02 3.91 3.67
CA HIS G 33 -63.33 3.23 2.43
C HIS G 33 -63.56 4.26 1.33
N SER G 34 -63.95 3.76 0.16
CA SER G 34 -64.49 4.59 -0.90
C SER G 34 -65.96 4.23 -1.08
N TRP G 35 -66.73 5.19 -1.58
CA TRP G 35 -68.16 5.01 -1.76
C TRP G 35 -68.53 5.44 -3.16
N THR G 36 -69.25 4.59 -3.87
CA THR G 36 -69.43 4.78 -5.29
C THR G 36 -70.83 4.38 -5.72
N TRP G 37 -71.28 5.00 -6.81
CA TRP G 37 -72.50 4.59 -7.51
C TRP G 37 -72.09 3.92 -8.80
N VAL G 38 -72.72 2.78 -9.11
CA VAL G 38 -72.55 2.08 -10.38
C VAL G 38 -73.94 1.65 -10.82
N ARG G 39 -74.28 1.92 -12.07
CA ARG G 39 -75.60 1.56 -12.56
C ARG G 39 -75.49 0.41 -13.56
N GLN G 40 -76.65 -0.16 -13.87
CA GLN G 40 -76.74 -1.26 -14.82
C GLN G 40 -78.04 -1.16 -15.59
N SER G 41 -77.94 -1.30 -16.88
CA SER G 41 -79.04 -1.42 -17.82
C SER G 41 -79.40 -2.90 -17.99
N PRO G 42 -80.66 -3.20 -18.32
CA PRO G 42 -81.07 -4.61 -18.46
C PRO G 42 -80.43 -5.27 -19.66
N GLY G 43 -79.87 -6.47 -19.44
CA GLY G 43 -79.20 -7.19 -20.49
C GLY G 43 -77.94 -6.54 -20.98
N LYS G 44 -77.29 -5.72 -20.16
CA LYS G 44 -76.13 -4.94 -20.55
C LYS G 44 -75.00 -5.16 -19.55
N ALA G 45 -73.91 -4.46 -19.78
CA ALA G 45 -72.78 -4.50 -18.86
C ALA G 45 -73.03 -3.55 -17.70
N LEU G 46 -72.06 -3.48 -16.80
CA LEU G 46 -72.15 -2.53 -15.70
C LEU G 46 -71.74 -1.15 -16.20
N GLU G 47 -71.99 -0.14 -15.36
CA GLU G 47 -71.76 1.23 -15.80
C GLU G 47 -71.39 2.06 -14.58
N TRP G 48 -70.09 2.31 -14.43
CA TRP G 48 -69.58 3.12 -13.33
C TRP G 48 -70.05 4.56 -13.50
N ILE G 49 -70.34 5.20 -12.38
CA ILE G 49 -70.83 6.58 -12.38
C ILE G 49 -69.80 7.50 -11.76
N GLY G 50 -69.52 7.33 -10.48
CA GLY G 50 -68.63 8.23 -9.79
C GLY G 50 -68.26 7.64 -8.45
N ASP G 51 -67.58 8.44 -7.65
CA ASP G 51 -67.13 7.97 -6.35
C ASP G 51 -66.86 9.17 -5.46
N ILE G 52 -66.80 8.90 -4.16
CA ILE G 52 -66.59 9.95 -3.18
C ILE G 52 -65.76 9.38 -2.04
N HIS G 53 -64.90 10.23 -1.47
CA HIS G 53 -64.13 9.88 -0.29
C HIS G 53 -64.33 10.98 0.73
N TYR G 54 -64.10 10.63 2.00
CA TYR G 54 -64.55 11.49 3.09
C TYR G 54 -63.70 12.74 3.26
N ASN G 55 -62.58 12.84 2.53
CA ASN G 55 -61.91 14.13 2.43
C ASN G 55 -62.77 15.14 1.68
N GLY G 56 -63.62 14.67 0.78
CA GLY G 56 -64.42 15.52 -0.09
C GLY G 56 -64.05 15.40 -1.54
N ALA G 57 -62.98 14.69 -1.87
CA ALA G 57 -62.56 14.54 -3.24
C ALA G 57 -63.48 13.57 -3.97
N THR G 58 -64.02 14.00 -5.11
CA THR G 58 -64.88 13.18 -5.94
C THR G 58 -64.31 13.11 -7.35
N THR G 59 -64.47 11.97 -7.99
CA THR G 59 -64.32 11.86 -9.43
C THR G 59 -65.62 11.35 -10.01
N TYR G 60 -65.73 11.41 -11.34
CA TYR G 60 -66.95 11.05 -12.03
C TYR G 60 -66.61 10.38 -13.35
N ASN G 61 -67.60 9.70 -13.91
CA ASN G 61 -67.56 9.33 -15.32
C ASN G 61 -67.60 10.63 -16.13
N PRO G 62 -66.59 10.92 -16.95
CA PRO G 62 -66.56 12.22 -17.63
C PRO G 62 -67.64 12.41 -18.68
N SER G 63 -68.18 11.32 -19.24
CA SER G 63 -69.28 11.48 -20.18
C SER G 63 -70.58 11.83 -19.46
N LEU G 64 -70.75 11.36 -18.23
CA LEU G 64 -71.94 11.62 -17.44
C LEU G 64 -71.77 12.79 -16.50
N ARG G 65 -70.58 13.40 -16.50
CA ARG G 65 -70.16 14.34 -15.46
C ARG G 65 -71.01 15.61 -15.45
N SER G 66 -71.54 15.99 -16.62
CA SER G 66 -72.29 17.23 -16.75
C SER G 66 -73.68 17.17 -16.14
N ARG G 67 -74.15 16.00 -15.73
CA ARG G 67 -75.49 15.88 -15.18
C ARG G 67 -75.52 15.24 -13.79
N VAL G 68 -74.37 14.86 -13.24
CA VAL G 68 -74.35 14.09 -12.01
C VAL G 68 -73.65 14.87 -10.91
N ARG G 69 -73.92 14.45 -9.67
CA ARG G 69 -73.21 14.92 -8.49
C ARG G 69 -73.46 13.92 -7.37
N ILE G 70 -72.42 13.62 -6.60
CA ILE G 70 -72.52 12.71 -5.46
C ILE G 70 -72.09 13.47 -4.23
N GLU G 71 -72.95 13.48 -3.21
CA GLU G 71 -72.60 14.15 -1.97
C GLU G 71 -72.88 13.22 -0.79
N LEU G 72 -72.63 13.74 0.41
CA LEU G 72 -72.26 12.90 1.53
C LEU G 72 -72.69 13.49 2.86
N ASP G 73 -73.32 12.65 3.68
CA ASP G 73 -73.42 12.89 5.11
C ASP G 73 -72.64 11.79 5.82
N GLN G 74 -71.90 12.17 6.87
CA GLN G 74 -71.07 11.22 7.58
C GLN G 74 -71.57 10.91 8.98
N SER G 75 -72.40 11.77 9.56
CA SER G 75 -73.03 11.48 10.84
C SER G 75 -73.93 10.25 10.73
N ILE G 76 -74.97 10.36 9.91
CA ILE G 76 -75.65 9.19 9.37
C ILE G 76 -74.77 8.74 8.20
N PRO G 77 -74.22 7.51 8.22
CA PRO G 77 -73.36 7.09 7.11
C PRO G 77 -74.13 6.86 5.81
N ARG G 78 -74.62 7.94 5.22
CA ARG G 78 -75.47 7.88 4.05
C ARG G 78 -74.98 8.92 3.05
N PHE G 79 -74.54 8.46 1.89
CA PHE G 79 -74.11 9.36 0.83
C PHE G 79 -75.17 9.43 -0.24
N SER G 80 -75.30 10.60 -0.85
CA SER G 80 -76.43 10.92 -1.70
C SER G 80 -76.10 10.70 -3.16
N LEU G 81 -77.03 11.09 -4.04
CA LEU G 81 -76.82 11.06 -5.48
C LEU G 81 -77.71 12.10 -6.14
N LYS G 82 -77.10 12.94 -6.96
CA LYS G 82 -77.77 14.05 -7.66
C LYS G 82 -77.56 13.89 -9.15
N MET G 83 -78.44 13.17 -9.84
CA MET G 83 -78.43 13.19 -11.29
C MET G 83 -79.54 14.13 -11.78
N THR G 84 -79.20 14.95 -12.77
CA THR G 84 -80.15 15.85 -13.41
C THR G 84 -80.49 15.34 -14.79
N SER G 85 -81.60 15.87 -15.33
CA SER G 85 -82.01 15.73 -16.73
C SER G 85 -82.21 14.26 -17.12
N MET G 86 -83.18 13.64 -16.47
CA MET G 86 -83.39 12.21 -16.63
C MET G 86 -83.97 11.89 -18.00
N THR G 87 -83.36 10.91 -18.68
CA THR G 87 -83.84 10.42 -19.96
C THR G 87 -84.27 8.96 -19.81
N ALA G 88 -85.08 8.50 -20.78
CA ALA G 88 -85.59 7.14 -20.73
C ALA G 88 -84.52 6.09 -21.02
N ALA G 89 -83.40 6.49 -21.62
CA ALA G 89 -82.29 5.55 -21.84
C ALA G 89 -81.56 5.21 -20.55
N ASP G 90 -81.74 6.00 -19.50
CA ASP G 90 -81.11 5.76 -18.21
C ASP G 90 -82.00 4.92 -17.30
N THR G 91 -83.04 4.31 -17.85
CA THR G 91 -83.86 3.35 -17.12
C THR G 91 -83.05 2.08 -16.86
N GLY G 92 -82.90 1.70 -15.60
CA GLY G 92 -82.11 0.53 -15.29
C GLY G 92 -82.07 0.21 -13.81
N MET G 93 -81.05 -0.54 -13.43
CA MET G 93 -80.87 -1.07 -12.08
C MET G 93 -79.62 -0.44 -11.49
N TYR G 94 -79.77 0.36 -10.44
CA TYR G 94 -78.68 1.18 -9.97
C TYR G 94 -78.19 0.67 -8.63
N TYR G 95 -76.91 0.89 -8.34
CA TYR G 95 -76.29 0.29 -7.17
C TYR G 95 -75.37 1.28 -6.47
N CYS G 96 -75.38 1.21 -5.14
CA CYS G 96 -74.35 1.79 -4.29
C CYS G 96 -73.40 0.68 -3.83
N ALA G 97 -72.14 1.03 -3.64
CA ALA G 97 -71.16 0.01 -3.32
C ALA G 97 -70.00 0.59 -2.54
N ARG G 98 -69.38 -0.24 -1.73
CA ARG G 98 -68.20 0.10 -0.95
C ARG G 98 -66.96 -0.43 -1.66
N ASN G 99 -66.04 0.46 -1.98
CA ASN G 99 -64.75 0.08 -2.56
C ASN G 99 -63.71 0.22 -1.47
N ALA G 100 -63.22 -0.92 -0.97
CA ALA G 100 -62.33 -0.87 0.18
C ALA G 100 -60.91 -0.55 -0.26
N ILE G 101 -60.18 0.06 0.67
CA ILE G 101 -58.78 0.43 0.48
C ILE G 101 -58.03 -0.01 1.72
N ARG G 102 -56.96 -0.78 1.53
CA ARG G 102 -56.10 -1.01 2.67
C ARG G 102 -54.81 -0.26 2.53
N ILE G 103 -54.13 -0.13 3.65
CA ILE G 103 -53.06 0.85 3.83
C ILE G 103 -51.79 0.09 4.17
N TYR G 104 -50.73 0.36 3.42
CA TYR G 104 -49.42 -0.14 3.78
C TYR G 104 -48.46 0.98 4.09
N GLY G 105 -48.95 2.14 4.50
CA GLY G 105 -48.06 3.20 4.92
C GLY G 105 -48.64 4.59 4.89
N VAL G 106 -47.89 5.56 4.36
CA VAL G 106 -48.31 6.94 4.41
C VAL G 106 -49.42 7.16 3.39
N VAL G 107 -50.55 7.65 3.88
CA VAL G 107 -51.69 7.93 3.00
C VAL G 107 -51.37 9.12 2.09
N ALA G 108 -50.68 10.12 2.63
CA ALA G 108 -50.38 11.32 1.85
C ALA G 108 -49.34 11.07 0.77
N LEU G 109 -48.58 9.99 0.86
CA LEU G 109 -47.62 9.64 -0.17
C LEU G 109 -48.12 8.57 -1.11
N GLY G 110 -49.40 8.20 -1.02
CA GLY G 110 -49.94 7.20 -1.90
C GLY G 110 -49.46 5.79 -1.63
N GLU G 111 -49.21 5.45 -0.38
CA GLU G 111 -48.87 4.08 -0.02
C GLU G 111 -50.09 3.26 0.38
N TRP G 112 -51.09 3.28 -0.50
CA TRP G 112 -52.32 2.53 -0.32
C TRP G 112 -52.69 1.90 -1.65
N PHE G 113 -53.69 1.03 -1.62
CA PHE G 113 -54.18 0.38 -2.82
C PHE G 113 -55.64 0.05 -2.59
N HIS G 114 -56.40 0.01 -3.68
CA HIS G 114 -57.78 -0.43 -3.59
C HIS G 114 -57.84 -1.92 -3.34
N TYR G 115 -58.54 -2.31 -2.27
CA TYR G 115 -58.82 -3.72 -2.02
C TYR G 115 -59.72 -4.30 -3.10
N GLY G 116 -60.74 -3.55 -3.51
CA GLY G 116 -61.77 -4.07 -4.37
C GLY G 116 -63.13 -3.75 -3.82
N MET G 117 -64.16 -3.81 -4.67
CA MET G 117 -65.52 -3.46 -4.28
C MET G 117 -66.19 -4.70 -3.68
N ASP G 118 -66.24 -4.76 -2.36
CA ASP G 118 -66.69 -5.96 -1.67
C ASP G 118 -68.20 -6.03 -1.50
N VAL G 119 -68.83 -4.91 -1.18
CA VAL G 119 -70.22 -4.90 -0.72
C VAL G 119 -71.05 -4.18 -1.76
N TRP G 120 -72.15 -4.80 -2.17
CA TRP G 120 -72.99 -4.28 -3.22
C TRP G 120 -74.39 -4.01 -2.71
N GLY G 121 -75.05 -3.03 -3.33
CA GLY G 121 -76.29 -2.50 -2.84
C GLY G 121 -77.50 -3.36 -3.17
N GLN G 122 -78.66 -2.81 -2.85
CA GLN G 122 -79.92 -3.52 -3.05
C GLN G 122 -80.27 -3.63 -4.52
N GLY G 123 -80.00 -2.60 -5.29
CA GLY G 123 -80.55 -2.48 -6.63
C GLY G 123 -81.88 -1.77 -6.60
N THR G 124 -82.12 -0.87 -7.54
CA THR G 124 -83.38 -0.16 -7.61
C THR G 124 -83.87 -0.08 -9.04
N ALA G 125 -85.15 -0.38 -9.24
CA ALA G 125 -85.75 -0.35 -10.57
C ALA G 125 -85.99 1.11 -10.94
N VAL G 126 -84.94 1.74 -11.45
CA VAL G 126 -85.02 3.13 -11.87
C VAL G 126 -85.84 3.17 -13.15
N THR G 127 -87.08 3.65 -13.05
CA THR G 127 -88.01 3.67 -14.16
C THR G 127 -88.21 5.12 -14.60
N VAL G 128 -87.69 5.46 -15.78
CA VAL G 128 -87.91 6.77 -16.36
C VAL G 128 -89.05 6.62 -17.36
N SER G 129 -90.26 6.97 -16.92
CA SER G 129 -91.44 6.83 -17.76
C SER G 129 -92.45 7.89 -17.34
N SER G 130 -93.60 7.90 -18.01
CA SER G 130 -94.62 8.90 -17.72
C SER G 130 -95.97 8.26 -17.39
N GLU H 3 -60.76 0.30 -24.05
CA GLU H 3 -61.57 -0.42 -23.09
C GLU H 3 -61.04 -1.83 -22.84
N LEU H 4 -61.97 -2.75 -22.61
CA LEU H 4 -61.67 -4.15 -22.35
C LEU H 4 -62.25 -5.01 -23.45
N THR H 5 -61.80 -6.26 -23.48
CA THR H 5 -62.20 -7.21 -24.51
C THR H 5 -62.39 -8.57 -23.86
N GLN H 6 -63.55 -9.18 -24.09
CA GLN H 6 -63.91 -10.46 -23.53
C GLN H 6 -64.51 -11.34 -24.61
N PRO H 7 -64.51 -12.65 -24.41
CA PRO H 7 -65.42 -13.51 -25.18
C PRO H 7 -66.84 -13.26 -24.76
N PRO H 8 -67.80 -13.36 -25.69
CA PRO H 8 -69.21 -13.15 -25.30
C PRO H 8 -69.76 -14.27 -24.45
N SER H 9 -69.47 -15.52 -24.79
CA SER H 9 -69.97 -16.67 -24.04
C SER H 9 -68.97 -17.80 -24.11
N VAL H 10 -68.90 -18.58 -23.03
CA VAL H 10 -67.99 -19.70 -22.91
C VAL H 10 -68.79 -20.95 -22.54
N SER H 11 -68.69 -21.99 -23.35
CA SER H 11 -69.42 -23.22 -23.13
C SER H 11 -68.46 -24.30 -22.63
N VAL H 12 -68.88 -25.01 -21.58
CA VAL H 12 -68.07 -26.09 -21.01
C VAL H 12 -69.02 -27.04 -20.31
N SER H 13 -68.62 -28.31 -20.25
CA SER H 13 -69.33 -29.30 -19.44
C SER H 13 -68.96 -29.12 -17.98
N PRO H 14 -69.76 -29.65 -17.05
CA PRO H 14 -69.33 -29.67 -15.65
C PRO H 14 -68.12 -30.58 -15.45
N GLY H 15 -67.32 -30.25 -14.45
CA GLY H 15 -66.17 -31.03 -14.08
C GLY H 15 -64.87 -30.59 -14.71
N GLN H 16 -64.92 -29.86 -15.82
CA GLN H 16 -63.72 -29.49 -16.53
C GLN H 16 -63.22 -28.14 -16.03
N THR H 17 -62.27 -27.54 -16.74
CA THR H 17 -61.67 -26.27 -16.34
C THR H 17 -61.96 -25.24 -17.42
N ALA H 18 -62.85 -24.30 -17.11
CA ALA H 18 -63.21 -23.24 -18.03
C ALA H 18 -62.31 -22.03 -17.82
N ARG H 19 -61.90 -21.40 -18.92
CA ARG H 19 -61.00 -20.26 -18.85
C ARG H 19 -61.51 -19.13 -19.72
N ILE H 20 -61.52 -17.93 -19.15
CA ILE H 20 -62.05 -16.73 -19.79
C ILE H 20 -60.93 -15.72 -19.89
N THR H 21 -60.73 -15.17 -21.09
CA THR H 21 -59.60 -14.29 -21.35
C THR H 21 -60.11 -12.86 -21.50
N CYS H 22 -59.92 -12.06 -20.46
CA CYS H 22 -60.19 -10.64 -20.56
C CYS H 22 -58.99 -9.94 -21.17
N SER H 23 -59.18 -9.32 -22.32
CA SER H 23 -58.14 -8.57 -23.00
C SER H 23 -58.47 -7.08 -22.95
N GLY H 24 -57.49 -6.27 -23.31
CA GLY H 24 -57.69 -4.84 -23.34
C GLY H 24 -56.39 -4.10 -23.21
N ALA H 25 -56.41 -2.87 -23.70
CA ALA H 25 -55.27 -1.95 -23.67
C ALA H 25 -54.80 -1.49 -22.28
N PRO H 26 -55.65 -1.20 -21.28
CA PRO H 26 -55.10 -0.83 -19.96
C PRO H 26 -54.46 -1.97 -19.19
N LEU H 27 -54.63 -3.22 -19.62
CA LEU H 27 -54.13 -4.36 -18.88
C LEU H 27 -52.65 -4.60 -19.06
N THR H 28 -51.95 -3.72 -19.78
CA THR H 28 -50.50 -3.73 -19.81
C THR H 28 -49.92 -3.51 -18.42
N SER H 29 -50.55 -2.62 -17.65
CA SER H 29 -50.03 -2.18 -16.37
C SER H 29 -50.94 -2.51 -15.20
N ARG H 30 -52.21 -2.11 -15.28
CA ARG H 30 -53.06 -2.03 -14.10
C ARG H 30 -53.58 -3.40 -13.67
N PHE H 31 -54.25 -3.40 -12.53
CA PHE H 31 -54.77 -4.61 -11.90
C PHE H 31 -56.19 -4.89 -12.37
N THR H 32 -56.53 -6.18 -12.44
CA THR H 32 -57.81 -6.64 -12.96
C THR H 32 -58.69 -7.13 -11.81
N TYR H 33 -59.92 -6.66 -11.77
CA TYR H 33 -60.93 -7.21 -10.87
C TYR H 33 -61.68 -8.37 -11.50
N TRP H 34 -62.48 -9.03 -10.67
CA TRP H 34 -63.45 -10.01 -11.13
C TRP H 34 -64.71 -9.94 -10.29
N TYR H 35 -65.84 -10.21 -10.94
CA TYR H 35 -67.13 -10.20 -10.26
C TYR H 35 -67.96 -11.39 -10.71
N ARG H 36 -69.02 -11.64 -9.95
CA ARG H 36 -70.09 -12.56 -10.32
C ARG H 36 -71.42 -11.87 -10.06
N GLN H 37 -72.33 -11.92 -11.02
CA GLN H 37 -73.69 -11.44 -10.79
C GLN H 37 -74.68 -12.48 -11.27
N LYS H 38 -75.50 -12.99 -10.36
CA LYS H 38 -76.69 -13.70 -10.76
C LYS H 38 -77.68 -12.76 -11.43
N PRO H 39 -78.49 -13.26 -12.37
CA PRO H 39 -79.56 -12.42 -12.92
C PRO H 39 -80.62 -12.12 -11.88
N GLY H 40 -81.06 -10.86 -11.86
CA GLY H 40 -82.02 -10.40 -10.89
C GLY H 40 -81.45 -10.08 -9.53
N GLN H 41 -80.13 -10.19 -9.34
CA GLN H 41 -79.53 -9.95 -8.04
C GLN H 41 -78.26 -9.11 -8.25
N ALA H 42 -77.50 -8.96 -7.19
CA ALA H 42 -76.39 -8.03 -7.08
C ALA H 42 -75.10 -8.66 -7.61
N PRO H 43 -74.14 -7.82 -8.03
CA PRO H 43 -72.80 -8.34 -8.29
C PRO H 43 -72.13 -8.82 -7.01
N VAL H 44 -71.15 -9.71 -7.19
CA VAL H 44 -70.39 -10.27 -6.08
C VAL H 44 -68.92 -10.25 -6.44
N LEU H 45 -68.11 -9.53 -5.65
CA LEU H 45 -66.67 -9.61 -5.76
C LEU H 45 -66.20 -11.04 -5.50
N ILE H 46 -65.42 -11.57 -6.43
CA ILE H 46 -64.98 -12.96 -6.34
C ILE H 46 -63.47 -13.06 -6.27
N ILE H 47 -62.76 -12.08 -6.85
CA ILE H 47 -61.30 -12.04 -6.77
C ILE H 47 -60.90 -10.63 -6.36
N SER H 48 -60.43 -10.50 -5.13
CA SER H 48 -59.86 -9.28 -4.58
C SER H 48 -58.35 -9.44 -4.49
N ARG H 49 -57.69 -8.50 -3.82
CA ARG H 49 -56.24 -8.50 -3.75
C ARG H 49 -55.75 -8.14 -2.36
N SER H 50 -54.62 -8.74 -2.01
CA SER H 50 -53.80 -8.38 -0.87
C SER H 50 -52.75 -7.37 -1.33
N SER H 51 -51.66 -7.25 -0.58
CA SER H 51 -50.52 -6.43 -0.98
C SER H 51 -49.92 -6.87 -2.31
N GLN H 52 -49.04 -6.03 -2.84
CA GLN H 52 -48.75 -6.02 -4.27
C GLN H 52 -47.97 -7.27 -4.69
N ARG H 53 -46.96 -7.68 -3.93
CA ARG H 53 -46.22 -8.88 -4.26
C ARG H 53 -46.79 -10.13 -3.56
N SER H 54 -48.08 -10.35 -3.71
CA SER H 54 -48.69 -11.45 -2.98
C SER H 54 -49.71 -12.24 -3.79
N SER H 55 -49.70 -12.11 -5.13
CA SER H 55 -50.62 -12.77 -6.06
C SER H 55 -52.08 -12.45 -5.80
N GLY H 56 -52.36 -11.36 -5.10
CA GLY H 56 -53.69 -11.13 -4.59
C GLY H 56 -54.10 -12.23 -3.63
N TRP H 57 -54.99 -13.10 -4.09
CA TRP H 57 -55.57 -14.17 -3.29
C TRP H 57 -55.78 -15.41 -4.14
N SER H 58 -55.40 -16.57 -3.61
CA SER H 58 -55.59 -17.84 -4.30
C SER H 58 -56.37 -18.78 -3.40
N GLY H 59 -57.65 -18.97 -3.73
CA GLY H 59 -58.52 -19.93 -3.07
C GLY H 59 -59.09 -20.96 -4.01
N ARG H 60 -60.27 -20.65 -4.55
CA ARG H 60 -60.99 -21.50 -5.48
C ARG H 60 -60.78 -21.12 -6.94
N PHE H 61 -60.45 -19.87 -7.22
CA PHE H 61 -60.19 -19.40 -8.57
C PHE H 61 -58.75 -18.94 -8.66
N SER H 62 -58.30 -18.69 -9.89
CA SER H 62 -56.97 -18.11 -10.11
C SER H 62 -56.96 -17.36 -11.42
N ALA H 63 -55.90 -16.59 -11.62
CA ALA H 63 -55.76 -15.81 -12.85
C ALA H 63 -54.29 -15.62 -13.16
N SER H 64 -53.95 -15.77 -14.43
CA SER H 64 -52.60 -15.52 -14.92
C SER H 64 -52.62 -14.35 -15.90
N TRP H 65 -51.43 -13.90 -16.26
CA TRP H 65 -51.28 -12.72 -17.07
C TRP H 65 -50.24 -12.97 -18.15
N SER H 66 -50.57 -12.59 -19.38
CA SER H 66 -49.64 -12.73 -20.50
C SER H 66 -50.00 -11.68 -21.53
N GLY H 67 -49.13 -10.68 -21.66
CA GLY H 67 -49.40 -9.58 -22.57
C GLY H 67 -50.58 -8.77 -22.09
N THR H 68 -51.40 -8.30 -23.03
CA THR H 68 -52.61 -7.57 -22.68
C THR H 68 -53.76 -8.49 -22.30
N THR H 69 -53.53 -9.79 -22.23
CA THR H 69 -54.56 -10.77 -21.93
C THR H 69 -54.45 -11.23 -20.48
N VAL H 70 -55.59 -11.42 -19.85
CA VAL H 70 -55.67 -11.98 -18.51
C VAL H 70 -56.63 -13.15 -18.56
N THR H 71 -56.15 -14.33 -18.18
CA THR H 71 -56.95 -15.55 -18.24
C THR H 71 -57.64 -15.78 -16.90
N LEU H 72 -58.94 -16.04 -16.93
CA LEU H 72 -59.72 -16.32 -15.72
C LEU H 72 -59.88 -17.83 -15.58
N THR H 73 -59.10 -18.44 -14.69
CA THR H 73 -59.14 -19.88 -14.51
C THR H 73 -60.25 -20.26 -13.54
N ILE H 74 -61.12 -21.17 -13.96
CA ILE H 74 -62.18 -21.71 -13.13
C ILE H 74 -61.92 -23.20 -12.97
N ARG H 75 -61.51 -23.60 -11.77
CA ARG H 75 -61.19 -25.00 -11.49
C ARG H 75 -62.42 -25.69 -10.92
N GLY H 76 -62.78 -26.83 -11.50
CA GLY H 76 -63.88 -27.61 -10.96
C GLY H 76 -65.24 -27.01 -11.25
N VAL H 77 -65.59 -26.96 -12.54
CA VAL H 77 -66.86 -26.38 -12.95
C VAL H 77 -67.99 -27.33 -12.56
N GLN H 78 -68.98 -26.79 -11.86
CA GLN H 78 -70.24 -27.49 -11.66
C GLN H 78 -71.36 -26.67 -12.30
N ALA H 79 -72.59 -27.13 -12.12
CA ALA H 79 -73.73 -26.50 -12.76
C ALA H 79 -74.37 -25.38 -11.95
N ASP H 80 -73.83 -25.06 -10.78
CA ASP H 80 -74.45 -24.04 -9.95
C ASP H 80 -73.85 -22.65 -10.14
N ASP H 81 -72.67 -22.55 -10.73
CA ASP H 81 -72.00 -21.27 -10.91
C ASP H 81 -72.42 -20.58 -12.21
N GLU H 82 -73.59 -20.92 -12.75
CA GLU H 82 -74.10 -20.35 -14.00
C GLU H 82 -74.51 -18.90 -13.78
N ALA H 83 -73.77 -17.97 -14.37
CA ALA H 83 -74.05 -16.54 -14.24
C ALA H 83 -73.39 -15.82 -15.40
N ASP H 84 -73.28 -14.50 -15.29
CA ASP H 84 -72.53 -13.67 -16.23
C ASP H 84 -71.37 -13.02 -15.49
N TYR H 85 -70.22 -12.97 -16.14
CA TYR H 85 -68.97 -12.61 -15.48
C TYR H 85 -68.37 -11.36 -16.10
N TYR H 86 -67.56 -10.68 -15.30
CA TYR H 86 -67.08 -9.34 -15.65
C TYR H 86 -65.67 -9.14 -15.10
N CYS H 87 -64.76 -8.73 -15.99
CA CYS H 87 -63.47 -8.20 -15.59
C CYS H 87 -63.55 -6.70 -15.48
N GLN H 88 -62.80 -6.15 -14.53
CA GLN H 88 -62.83 -4.72 -14.27
C GLN H 88 -61.43 -4.23 -13.98
N SER H 89 -61.09 -3.05 -14.49
CA SER H 89 -59.85 -2.40 -14.18
C SER H 89 -60.07 -0.88 -14.23
N SER H 90 -58.97 -0.13 -14.24
CA SER H 90 -59.06 1.28 -14.53
C SER H 90 -58.01 1.60 -15.59
N ASP H 91 -57.81 2.89 -15.87
CA ASP H 91 -56.81 3.29 -16.83
C ASP H 91 -55.44 3.45 -16.18
N THR H 92 -54.40 3.35 -17.00
CA THR H 92 -53.03 3.54 -16.54
C THR H 92 -52.81 4.97 -16.07
N SER H 93 -53.53 5.93 -16.67
CA SER H 93 -53.52 7.30 -16.19
C SER H 93 -54.19 7.44 -14.82
N ASP H 94 -54.95 6.44 -14.39
CA ASP H 94 -55.69 6.42 -13.13
C ASP H 94 -56.66 7.61 -13.05
N SER H 95 -57.61 7.62 -13.96
CA SER H 95 -58.59 8.68 -14.00
C SER H 95 -60.02 8.18 -13.94
N TYR H 96 -60.34 7.09 -14.66
CA TYR H 96 -61.70 6.57 -14.67
C TYR H 96 -61.66 5.05 -14.69
N LYS H 97 -62.82 4.46 -14.41
CA LYS H 97 -62.96 3.02 -14.20
C LYS H 97 -63.90 2.45 -15.24
N MET H 98 -63.45 1.43 -15.97
CA MET H 98 -64.25 0.80 -16.98
C MET H 98 -64.51 -0.66 -16.62
N PHE H 99 -65.51 -1.24 -17.25
CA PHE H 99 -65.90 -2.62 -17.08
C PHE H 99 -65.59 -3.44 -18.32
N GLY H 100 -65.60 -4.76 -18.14
CA GLY H 100 -65.58 -5.65 -19.29
C GLY H 100 -66.93 -5.66 -19.99
N GLY H 101 -66.93 -6.29 -21.17
CA GLY H 101 -68.17 -6.35 -21.95
C GLY H 101 -69.21 -7.26 -21.36
N GLY H 102 -68.79 -8.30 -20.66
CA GLY H 102 -69.72 -9.28 -20.14
C GLY H 102 -69.53 -10.63 -20.79
N THR H 103 -69.51 -11.69 -19.98
CA THR H 103 -69.24 -13.03 -20.49
C THR H 103 -70.19 -14.00 -19.81
N LYS H 104 -71.00 -14.69 -20.60
CA LYS H 104 -71.92 -15.67 -20.07
C LYS H 104 -71.23 -17.02 -19.88
N LEU H 105 -71.48 -17.64 -18.73
CA LEU H 105 -71.08 -19.02 -18.51
C LEU H 105 -72.17 -19.94 -19.04
N THR H 106 -71.79 -20.85 -19.93
CA THR H 106 -72.68 -21.86 -20.48
C THR H 106 -72.23 -23.22 -19.97
N VAL H 107 -73.07 -23.86 -19.17
CA VAL H 107 -72.75 -25.13 -18.53
C VAL H 107 -73.60 -26.22 -19.16
N LEU H 108 -72.96 -27.30 -19.59
CA LEU H 108 -73.66 -28.42 -20.22
C LEU H 108 -74.32 -29.33 -19.20
N ASN I 3 13.34 24.97 64.24
CA ASN I 3 13.93 26.03 63.44
C ASN I 3 14.56 25.41 62.19
N LEU I 4 13.70 24.86 61.34
CA LEU I 4 14.12 24.10 60.18
C LEU I 4 13.75 24.85 58.91
N TRP I 5 14.62 24.77 57.91
CA TRP I 5 14.54 25.61 56.72
C TRP I 5 14.83 24.73 55.51
N VAL I 6 13.81 24.48 54.69
CA VAL I 6 13.89 23.42 53.70
C VAL I 6 14.80 23.84 52.55
N THR I 7 15.55 22.87 52.02
CA THR I 7 16.51 23.05 50.93
C THR I 7 16.10 22.19 49.74
N VAL I 8 16.73 22.43 48.60
CA VAL I 8 16.39 21.73 47.37
C VAL I 8 17.64 21.14 46.74
N TYR I 9 17.50 19.93 46.19
CA TYR I 9 18.60 19.06 45.82
C TYR I 9 18.39 18.50 44.42
N TYR I 10 19.37 17.69 43.98
CA TYR I 10 19.28 16.84 42.79
C TYR I 10 19.54 15.39 43.11
N GLY I 11 18.86 14.85 44.13
CA GLY I 11 19.22 13.55 44.65
C GLY I 11 18.92 12.41 43.70
N VAL I 12 19.58 11.29 43.99
CA VAL I 12 19.40 10.02 43.30
C VAL I 12 18.07 9.28 43.44
N PRO I 13 17.25 9.34 44.57
CA PRO I 13 16.14 8.39 44.67
C PRO I 13 14.98 8.80 43.79
N VAL I 14 14.79 8.05 42.71
CA VAL I 14 13.84 8.41 41.67
C VAL I 14 12.95 7.21 41.39
N TRP I 15 13.09 6.20 42.23
CA TRP I 15 12.83 4.80 41.88
C TRP I 15 11.33 4.52 41.81
N LYS I 16 10.70 5.09 40.79
CA LYS I 16 9.28 4.89 40.60
C LYS I 16 9.02 3.91 39.46
N ASP I 17 7.74 3.65 39.23
CA ASP I 17 7.32 2.80 38.12
C ASP I 17 7.63 3.47 36.79
N ALA I 18 7.91 2.65 35.78
CA ALA I 18 8.27 3.16 34.47
C ALA I 18 7.43 2.46 33.41
N GLU I 19 6.23 2.98 33.18
CA GLU I 19 5.61 2.76 31.88
C GLU I 19 6.33 3.64 30.87
N THR I 20 6.79 3.04 29.78
CA THR I 20 7.76 3.71 28.93
C THR I 20 7.80 3.05 27.57
N THR I 21 8.54 3.68 26.67
CA THR I 21 9.00 3.06 25.45
C THR I 21 10.42 2.57 25.66
N LEU I 22 11.01 2.04 24.60
CA LEU I 22 12.26 1.31 24.69
C LEU I 22 12.79 1.15 23.27
N PHE I 23 14.10 0.99 23.15
CA PHE I 23 14.70 0.70 21.86
C PHE I 23 15.85 -0.28 22.03
N CYS I 24 16.33 -0.79 20.90
CA CYS I 24 17.20 -1.96 20.83
C CYS I 24 18.63 -1.58 20.50
N ALA I 25 19.53 -2.57 20.64
CA ALA I 25 20.96 -2.37 20.40
C ALA I 25 21.60 -3.58 19.74
N SER I 26 21.02 -4.06 18.65
CA SER I 26 21.39 -5.31 17.99
C SER I 26 22.87 -5.43 17.60
N ASP I 27 23.33 -4.60 16.67
CA ASP I 27 24.74 -4.58 16.28
C ASP I 27 25.02 -3.26 15.56
N HIS I 36 24.09 -8.04 6.36
CA HIS I 36 22.96 -8.64 5.64
C HIS I 36 21.66 -7.99 6.09
N ASN I 37 20.63 -8.05 5.24
CA ASN I 37 19.34 -7.44 5.51
C ASN I 37 18.33 -8.44 6.06
N VAL I 38 18.81 -9.37 6.89
CA VAL I 38 17.95 -10.34 7.55
C VAL I 38 17.01 -9.58 8.51
N TRP I 39 15.83 -10.17 8.76
CA TRP I 39 14.61 -9.50 9.22
C TRP I 39 14.75 -8.57 10.42
N ALA I 40 15.79 -8.73 11.24
CA ALA I 40 16.06 -7.73 12.29
C ALA I 40 16.60 -6.43 11.70
N THR I 41 17.25 -6.49 10.53
CA THR I 41 17.73 -5.40 9.68
C THR I 41 18.80 -4.53 10.31
N HIS I 42 19.29 -4.89 11.50
CA HIS I 42 20.28 -4.12 12.28
C HIS I 42 19.85 -2.67 12.48
N ALA I 43 18.55 -2.42 12.60
CA ALA I 43 18.04 -1.06 12.66
C ALA I 43 17.92 -0.58 14.10
N CYS I 44 18.97 -0.77 14.89
CA CYS I 44 18.93 -0.38 16.30
C CYS I 44 19.95 0.70 16.64
N VAL I 45 21.23 0.34 16.70
CA VAL I 45 22.39 1.19 17.03
C VAL I 45 23.57 0.23 16.94
N PRO I 46 24.80 0.69 16.72
CA PRO I 46 25.95 -0.16 17.02
C PRO I 46 26.05 -0.44 18.52
N THR I 47 26.32 -1.70 18.85
CA THR I 47 26.32 -2.14 20.24
C THR I 47 27.61 -1.71 20.92
N ASP I 48 27.49 -1.00 22.03
CA ASP I 48 28.62 -0.59 22.85
C ASP I 48 29.12 -1.77 23.68
N PRO I 49 30.39 -1.75 24.12
CA PRO I 49 30.88 -2.84 24.98
C PRO I 49 30.33 -2.82 26.39
N ASN I 50 29.63 -1.74 26.78
CA ASN I 50 28.84 -1.46 27.98
C ASN I 50 29.27 -2.15 29.28
N PRO I 51 30.55 -2.03 29.75
CA PRO I 51 31.00 -2.79 30.92
C PRO I 51 30.58 -2.16 32.24
N GLN I 52 29.30 -1.83 32.37
CA GLN I 52 28.82 -0.90 33.37
C GLN I 52 27.72 -1.51 34.21
N GLU I 53 27.89 -2.77 34.61
CA GLU I 53 27.01 -3.36 35.62
C GLU I 53 27.46 -2.82 36.97
N ILE I 54 27.00 -1.61 37.28
CA ILE I 54 27.48 -0.88 38.45
C ILE I 54 26.77 -1.47 39.67
N HIS I 55 27.50 -2.22 40.47
CA HIS I 55 26.91 -2.96 41.57
C HIS I 55 26.54 -2.02 42.71
N LEU I 56 25.36 -2.23 43.27
CA LEU I 56 24.82 -1.35 44.31
C LEU I 56 24.83 -2.06 45.65
N GLU I 57 24.80 -1.27 46.72
CA GLU I 57 24.91 -1.77 48.07
C GLU I 57 23.54 -1.76 48.73
N ASN I 58 22.98 -2.96 48.93
CA ASN I 58 21.89 -3.23 49.88
C ASN I 58 20.62 -2.42 49.56
N VAL I 59 20.03 -2.72 48.41
CA VAL I 59 18.81 -2.06 47.97
C VAL I 59 17.70 -3.11 48.00
N THR I 60 16.84 -3.04 49.01
CA THR I 60 15.71 -3.96 49.08
C THR I 60 14.68 -3.54 48.06
N GLU I 61 14.61 -4.27 46.94
CA GLU I 61 13.66 -4.00 45.87
C GLU I 61 13.01 -5.29 45.43
N GLU I 62 11.68 -5.28 45.33
CA GLU I 62 10.91 -6.45 44.96
C GLU I 62 10.43 -6.33 43.53
N PHE I 63 10.61 -7.39 42.75
CA PHE I 63 10.20 -7.38 41.36
C PHE I 63 8.77 -7.86 41.22
N ASN I 64 8.28 -7.79 39.99
CA ASN I 64 7.02 -8.43 39.60
C ASN I 64 7.19 -8.80 38.12
N MET I 65 7.64 -10.03 37.89
CA MET I 65 7.87 -10.48 36.52
C MET I 65 6.57 -10.69 35.77
N TRP I 66 5.46 -10.86 36.47
CA TRP I 66 4.19 -11.10 35.81
C TRP I 66 3.52 -9.82 35.35
N LYS I 67 3.93 -8.67 35.88
CA LYS I 67 3.31 -7.39 35.56
C LYS I 67 4.40 -6.40 35.19
N ASN I 68 4.79 -6.39 33.91
CA ASN I 68 5.63 -5.32 33.40
C ASN I 68 5.31 -5.11 31.93
N ASN I 69 5.67 -3.93 31.42
CA ASN I 69 5.44 -3.59 30.03
C ASN I 69 6.59 -4.00 29.13
N MET I 70 7.68 -4.50 29.71
CA MET I 70 8.79 -4.99 28.89
C MET I 70 8.38 -6.22 28.10
N VAL I 71 7.63 -7.11 28.73
CA VAL I 71 7.08 -8.26 28.03
C VAL I 71 6.05 -7.81 27.01
N GLU I 72 5.24 -6.81 27.37
CA GLU I 72 4.16 -6.37 26.50
C GLU I 72 4.69 -5.68 25.25
N GLN I 73 5.79 -4.94 25.38
CA GLN I 73 6.39 -4.29 24.22
C GLN I 73 7.12 -5.31 23.35
N MET I 74 7.81 -6.25 23.98
CA MET I 74 8.59 -7.26 23.25
C MET I 74 7.69 -8.12 22.37
N HIS I 75 6.50 -8.45 22.86
CA HIS I 75 5.51 -9.13 22.04
C HIS I 75 5.04 -8.25 20.90
N GLU I 76 4.99 -6.94 21.11
CA GLU I 76 4.52 -6.03 20.06
C GLU I 76 5.60 -5.72 19.05
N ASP I 77 6.87 -5.78 19.47
CA ASP I 77 7.97 -5.41 18.58
C ASP I 77 8.16 -6.42 17.47
N ILE I 78 8.27 -7.70 17.83
CA ILE I 78 8.73 -8.71 16.89
C ILE I 78 7.65 -9.01 15.85
N ILE I 79 6.39 -9.01 16.27
CA ILE I 79 5.28 -9.21 15.35
C ILE I 79 5.25 -8.10 14.30
N SER I 80 5.46 -6.86 14.74
CA SER I 80 5.57 -5.76 13.79
C SER I 80 6.85 -5.86 12.96
N LEU I 81 7.94 -6.32 13.57
CA LEU I 81 9.20 -6.41 12.85
C LEU I 81 9.17 -7.54 11.83
N TRP I 82 8.60 -8.68 12.21
CA TRP I 82 8.57 -9.80 11.28
C TRP I 82 7.57 -9.58 10.17
N ASP I 83 6.51 -8.81 10.44
CA ASP I 83 5.60 -8.43 9.37
C ASP I 83 6.27 -7.46 8.41
N GLN I 84 7.23 -6.67 8.90
CA GLN I 84 7.91 -5.71 8.06
C GLN I 84 8.79 -6.40 7.03
N SER I 85 9.36 -7.55 7.39
CA SER I 85 10.10 -8.34 6.40
C SER I 85 9.19 -8.99 5.39
N LEU I 86 7.92 -9.14 5.70
CA LEU I 86 6.98 -9.80 4.81
C LEU I 86 6.44 -8.88 3.73
N LYS I 87 6.75 -7.58 3.80
CA LYS I 87 6.14 -6.63 2.87
C LYS I 87 6.63 -6.74 1.43
N PRO I 88 7.93 -6.64 1.11
CA PRO I 88 8.30 -6.57 -0.31
C PRO I 88 8.28 -7.91 -1.03
N CYS I 89 7.90 -8.99 -0.36
CA CYS I 89 7.89 -10.30 -0.99
C CYS I 89 6.72 -10.42 -1.96
N VAL I 90 6.72 -11.52 -2.70
CA VAL I 90 5.66 -11.80 -3.66
C VAL I 90 4.38 -12.10 -2.92
N LYS I 91 3.28 -11.47 -3.34
CA LYS I 91 1.97 -11.81 -2.79
C LYS I 91 1.63 -13.26 -3.08
N LEU I 92 1.48 -13.59 -4.37
CA LEU I 92 1.28 -14.95 -4.86
C LEU I 92 -0.01 -15.57 -4.30
N THR I 93 -1.10 -14.96 -4.73
CA THR I 93 -2.38 -15.65 -4.69
C THR I 93 -3.07 -15.87 -6.04
N PRO I 94 -2.42 -16.40 -7.11
CA PRO I 94 -3.25 -16.94 -8.19
C PRO I 94 -3.43 -18.44 -8.05
N LEU I 95 -2.71 -19.08 -7.12
CA LEU I 95 -2.69 -20.52 -7.09
C LEU I 95 -3.88 -21.13 -6.34
N CYS I 96 -4.70 -20.33 -5.67
CA CYS I 96 -5.85 -20.87 -4.95
C CYS I 96 -6.91 -21.25 -5.99
N VAL I 97 -6.67 -22.40 -6.63
CA VAL I 97 -7.50 -22.90 -7.71
C VAL I 97 -7.89 -24.34 -7.40
N THR I 98 -8.57 -24.98 -8.34
CA THR I 98 -9.03 -26.36 -8.14
C THR I 98 -7.86 -27.33 -8.29
N LEU I 99 -7.07 -27.44 -7.23
CA LEU I 99 -6.00 -28.41 -7.25
C LEU I 99 -6.55 -29.82 -7.11
N GLN I 100 -5.97 -30.73 -7.88
CA GLN I 100 -6.35 -32.12 -7.87
C GLN I 100 -5.07 -32.94 -7.78
N CYS I 101 -5.09 -33.98 -6.94
CA CYS I 101 -3.87 -34.69 -6.63
C CYS I 101 -4.13 -36.19 -6.64
N THR I 102 -3.10 -36.94 -6.30
CA THR I 102 -3.16 -38.36 -6.06
C THR I 102 -2.05 -38.70 -5.08
N ASN I 103 -1.98 -39.97 -4.69
CA ASN I 103 -0.84 -40.39 -3.90
C ASN I 103 0.41 -40.45 -4.77
N VAL I 104 1.56 -40.37 -4.11
CA VAL I 104 2.82 -40.55 -4.81
C VAL I 104 2.94 -42.00 -5.26
N THR I 105 3.22 -42.20 -6.54
CA THR I 105 3.22 -43.53 -7.11
C THR I 105 4.62 -44.14 -7.07
N ASN I 106 4.66 -45.43 -6.80
CA ASN I 106 5.88 -46.12 -6.39
C ASN I 106 5.94 -47.52 -6.99
N ASN I 107 5.26 -47.67 -8.14
CA ASN I 107 5.09 -48.82 -9.04
C ASN I 107 4.24 -49.94 -8.47
N ILE I 108 4.39 -50.18 -7.17
CA ILE I 108 3.47 -50.75 -6.18
C ILE I 108 4.29 -50.68 -4.89
N THR I 109 3.63 -50.38 -3.77
CA THR I 109 3.98 -50.72 -2.38
C THR I 109 2.78 -50.38 -1.52
N ASP I 110 2.96 -50.46 -0.21
CA ASP I 110 2.01 -49.93 0.75
C ASP I 110 2.43 -48.50 1.12
N ASP I 111 1.41 -47.67 1.40
CA ASP I 111 1.55 -46.27 1.83
C ASP I 111 2.37 -45.42 0.88
N GLU I 115 2.12 -39.14 2.98
CA GLU I 115 2.61 -37.87 3.49
C GLU I 115 3.04 -36.96 2.36
N LEU I 116 2.86 -37.43 1.13
CA LEU I 116 3.08 -36.63 -0.05
C LEU I 116 1.87 -36.75 -0.96
N LYS I 117 1.64 -35.73 -1.77
CA LYS I 117 0.60 -35.78 -2.79
C LYS I 117 1.15 -35.22 -4.10
N ASN I 118 1.08 -36.03 -5.15
CA ASN I 118 1.46 -35.61 -6.48
C ASN I 118 0.25 -34.94 -7.11
N CYS I 119 0.36 -33.66 -7.44
CA CYS I 119 -0.79 -32.80 -7.67
C CYS I 119 -0.82 -32.26 -9.09
N SER I 120 -1.89 -32.56 -9.81
CA SER I 120 -2.17 -31.87 -11.06
C SER I 120 -2.56 -30.43 -10.76
N PHE I 121 -2.13 -29.52 -11.62
CA PHE I 121 -2.13 -28.12 -11.22
C PHE I 121 -2.07 -27.20 -12.42
N ASN I 122 -2.98 -26.22 -12.45
CA ASN I 122 -2.99 -25.17 -13.45
C ASN I 122 -2.63 -23.83 -12.83
N MET I 123 -2.11 -22.93 -13.65
CA MET I 123 -1.53 -21.69 -13.17
C MET I 123 -1.37 -20.74 -14.35
N THR I 124 -1.30 -19.44 -14.05
CA THR I 124 -1.01 -18.43 -15.05
C THR I 124 0.48 -18.47 -15.43
N THR I 125 0.83 -17.66 -16.42
CA THR I 125 2.21 -17.46 -16.83
C THR I 125 2.54 -15.98 -16.72
N GLU I 126 3.72 -15.61 -17.25
CA GLU I 126 4.13 -14.22 -17.32
C GLU I 126 3.13 -13.40 -18.13
N LEU I 127 2.77 -13.88 -19.31
CA LEU I 127 1.70 -13.28 -20.06
C LEU I 127 0.37 -13.57 -19.38
N ARG I 128 -0.61 -12.71 -19.66
CA ARG I 128 -1.85 -12.74 -18.90
C ARG I 128 -2.75 -13.90 -19.31
N ASP I 129 -2.79 -14.25 -20.59
CA ASP I 129 -3.72 -15.26 -21.03
C ASP I 129 -3.19 -16.68 -20.93
N LYS I 130 -1.89 -16.87 -21.17
CA LYS I 130 -1.34 -18.20 -21.32
C LYS I 130 -1.33 -18.94 -19.99
N LYS I 131 -1.82 -20.17 -20.01
CA LYS I 131 -1.92 -20.96 -18.81
C LYS I 131 -0.72 -21.91 -18.71
N GLN I 132 -0.70 -22.70 -17.64
CA GLN I 132 0.50 -23.46 -17.31
C GLN I 132 0.06 -24.68 -16.53
N LYS I 133 0.18 -25.86 -17.12
CA LYS I 133 -0.19 -27.11 -16.48
C LYS I 133 1.09 -27.77 -15.98
N VAL I 134 1.38 -27.60 -14.69
CA VAL I 134 2.55 -28.22 -14.09
C VAL I 134 2.13 -29.12 -12.95
N TYR I 135 3.10 -29.73 -12.28
CA TYR I 135 2.83 -30.60 -11.15
C TYR I 135 3.87 -30.31 -10.08
N SER I 136 3.49 -30.56 -8.83
CA SER I 136 4.39 -30.36 -7.71
C SER I 136 4.01 -31.34 -6.61
N LEU I 137 4.61 -31.15 -5.43
CA LEU I 137 4.38 -32.01 -4.29
C LEU I 137 3.98 -31.16 -3.10
N PHE I 138 3.21 -31.76 -2.20
CA PHE I 138 2.82 -31.09 -0.97
C PHE I 138 2.73 -32.13 0.13
N TYR I 139 2.49 -31.66 1.34
CA TYR I 139 2.40 -32.54 2.50
C TYR I 139 0.93 -32.92 2.75
N ARG I 140 0.66 -33.47 3.93
CA ARG I 140 -0.70 -33.84 4.27
C ARG I 140 -1.49 -32.66 4.81
N LEU I 141 -0.93 -31.96 5.78
CA LEU I 141 -1.64 -30.98 6.60
C LEU I 141 -1.76 -29.62 5.95
N ASP I 142 -1.48 -29.50 4.66
CA ASP I 142 -1.54 -28.23 3.96
C ASP I 142 -2.49 -28.29 2.78
N VAL I 143 -3.41 -29.25 2.79
CA VAL I 143 -4.31 -29.49 1.67
C VAL I 143 -5.52 -30.23 2.22
N VAL I 144 -6.68 -29.99 1.62
CA VAL I 144 -7.93 -30.50 2.17
C VAL I 144 -8.79 -31.07 1.05
N GLN I 145 -9.45 -32.19 1.34
CA GLN I 145 -10.37 -32.81 0.41
C GLN I 145 -11.55 -31.90 0.12
N ILE I 146 -12.05 -31.96 -1.12
CA ILE I 146 -13.33 -31.36 -1.46
C ILE I 146 -14.35 -32.45 -1.77
N LYS I 159 -9.42 -36.57 -7.55
CA LYS I 159 -10.29 -35.96 -6.55
C LYS I 159 -9.81 -34.56 -6.20
N GLU I 160 -10.75 -33.62 -6.15
CA GLU I 160 -10.40 -32.21 -6.00
C GLU I 160 -9.92 -31.91 -4.58
N TYR I 161 -8.78 -31.25 -4.49
CA TYR I 161 -8.15 -30.91 -3.21
C TYR I 161 -7.91 -29.41 -3.13
N ARG I 162 -8.65 -28.73 -2.26
CA ARG I 162 -8.41 -27.32 -2.02
C ARG I 162 -7.18 -27.13 -1.15
N LEU I 163 -6.58 -25.94 -1.22
CA LEU I 163 -5.59 -25.54 -0.23
C LEU I 163 -6.23 -25.42 1.16
N ILE I 164 -5.37 -25.42 2.17
CA ILE I 164 -5.85 -25.53 3.55
C ILE I 164 -6.35 -24.21 4.12
N ASN I 165 -6.08 -23.09 3.45
CA ASN I 165 -6.38 -21.79 4.04
C ASN I 165 -7.30 -20.92 3.21
N CYS I 166 -7.82 -21.41 2.09
CA CYS I 166 -8.71 -20.60 1.27
C CYS I 166 -10.14 -20.58 1.78
N ASN I 167 -10.39 -20.94 3.04
CA ASN I 167 -11.56 -20.42 3.73
C ASN I 167 -11.45 -18.90 3.69
N THR I 168 -10.45 -18.41 4.42
CA THR I 168 -10.28 -16.98 4.62
C THR I 168 -8.82 -16.69 4.98
N SER I 169 -8.06 -16.25 3.98
CA SER I 169 -6.65 -15.92 4.13
C SER I 169 -6.19 -15.25 2.83
N ALA I 170 -4.89 -14.98 2.77
CA ALA I 170 -4.23 -14.63 1.53
C ALA I 170 -2.82 -15.18 1.65
N ILE I 171 -2.51 -16.19 0.82
CA ILE I 171 -1.23 -16.88 0.89
C ILE I 171 -0.12 -15.90 0.54
N THR I 172 1.01 -15.99 1.22
CA THR I 172 2.13 -15.09 0.99
C THR I 172 3.44 -15.85 1.08
N GLN I 173 4.25 -15.75 0.04
CA GLN I 173 5.58 -16.35 0.05
C GLN I 173 6.54 -15.49 0.85
N ALA I 174 7.43 -16.12 1.60
CA ALA I 174 8.55 -15.43 2.22
C ALA I 174 9.70 -15.36 1.24
N CYS I 175 10.47 -14.28 1.31
CA CYS I 175 11.57 -14.07 0.37
C CYS I 175 12.72 -14.99 0.71
N PRO I 176 13.28 -15.71 -0.27
CA PRO I 176 14.26 -16.76 0.00
C PRO I 176 15.69 -16.25 0.13
N LYS I 177 15.87 -15.16 0.86
CA LYS I 177 17.21 -14.65 1.10
C LYS I 177 17.40 -14.39 2.58
N VAL I 178 16.32 -14.03 3.27
CA VAL I 178 16.41 -13.80 4.70
C VAL I 178 16.52 -15.14 5.41
N SER I 179 16.99 -15.08 6.65
CA SER I 179 17.13 -16.26 7.49
C SER I 179 16.19 -16.16 8.67
N PHE I 180 15.62 -17.28 9.08
CA PHE I 180 14.88 -17.30 10.33
C PHE I 180 15.76 -17.74 11.48
N GLU I 181 16.92 -17.10 11.58
CA GLU I 181 17.74 -17.51 12.69
C GLU I 181 17.65 -16.47 13.80
N PRO I 182 17.67 -16.91 15.04
CA PRO I 182 17.64 -15.95 16.15
C PRO I 182 18.94 -15.20 16.28
N ILE I 183 18.94 -13.94 15.89
CA ILE I 183 20.11 -13.07 15.99
C ILE I 183 19.91 -12.16 17.19
N PRO I 184 20.77 -12.22 18.20
CA PRO I 184 20.40 -11.71 19.54
C PRO I 184 20.28 -10.21 19.58
N ILE I 185 19.39 -9.75 20.44
CA ILE I 185 19.01 -8.35 20.52
C ILE I 185 19.40 -7.82 21.90
N HIS I 186 20.28 -6.85 21.92
CA HIS I 186 20.50 -6.07 23.13
C HIS I 186 19.44 -4.98 23.21
N TYR I 187 19.01 -4.68 24.42
CA TYR I 187 18.10 -3.57 24.69
C TYR I 187 18.80 -2.49 25.50
N CYS I 188 18.53 -1.23 25.16
CA CYS I 188 19.05 -0.10 25.91
C CYS I 188 17.92 0.85 26.29
N ALA I 189 18.09 1.48 27.45
CA ALA I 189 17.10 2.40 27.99
C ALA I 189 17.10 3.69 27.19
N PRO I 190 15.98 4.42 27.18
CA PRO I 190 16.00 5.77 26.63
C PRO I 190 16.80 6.71 27.52
N ALA I 191 17.18 7.84 26.93
CA ALA I 191 18.05 8.79 27.60
C ALA I 191 17.31 9.49 28.72
N GLY I 192 17.43 8.96 29.94
CA GLY I 192 16.77 9.55 31.07
C GLY I 192 16.15 8.53 32.01
N PHE I 193 16.19 7.26 31.63
CA PHE I 193 15.71 6.15 32.46
C PHE I 193 16.87 5.21 32.76
N ALA I 194 16.57 4.07 33.39
CA ALA I 194 17.62 3.15 33.80
C ALA I 194 17.09 1.72 33.83
N ILE I 195 17.92 0.80 33.36
CA ILE I 195 17.60 -0.63 33.35
C ILE I 195 18.21 -1.25 34.59
N LEU I 196 17.38 -1.91 35.39
CA LEU I 196 17.83 -2.49 36.64
C LEU I 196 17.73 -4.01 36.61
N LYS I 197 18.69 -4.66 37.23
CA LYS I 197 18.67 -6.11 37.33
C LYS I 197 19.29 -6.55 38.64
N CYS I 198 18.67 -7.55 39.27
CA CYS I 198 19.26 -8.18 40.43
C CYS I 198 20.06 -9.40 39.97
N LYS I 199 21.28 -9.52 40.49
CA LYS I 199 22.06 -10.72 40.32
C LYS I 199 21.73 -11.77 41.35
N ASP I 200 20.66 -11.55 42.12
CA ASP I 200 20.31 -12.43 43.22
C ASP I 200 19.71 -13.73 42.70
N LYS I 201 19.44 -14.62 43.64
CA LYS I 201 19.29 -16.03 43.36
C LYS I 201 17.95 -16.52 43.88
N LYS I 202 17.35 -17.46 43.14
CA LYS I 202 16.25 -18.30 43.59
C LYS I 202 15.01 -17.48 43.91
N PHE I 203 14.50 -16.80 42.90
CA PHE I 203 13.22 -16.12 43.03
C PHE I 203 12.11 -17.16 43.03
N ASN I 204 10.96 -16.80 43.62
CA ASN I 204 9.76 -17.58 43.40
C ASN I 204 8.87 -16.91 42.35
N GLY I 205 9.51 -16.34 41.33
CA GLY I 205 8.87 -15.46 40.37
C GLY I 205 9.09 -14.01 40.74
N THR I 206 8.53 -13.59 41.87
CA THR I 206 8.82 -12.27 42.40
C THR I 206 9.96 -12.39 43.41
N GLY I 207 10.19 -11.35 44.20
CA GLY I 207 11.12 -11.43 45.30
C GLY I 207 11.83 -10.13 45.61
N PRO I 208 11.87 -9.78 46.90
CA PRO I 208 12.68 -8.63 47.33
C PRO I 208 14.17 -8.93 47.27
N CYS I 209 14.73 -8.83 46.09
CA CYS I 209 16.14 -9.15 45.87
C CYS I 209 17.03 -8.08 46.47
N PRO I 210 17.88 -8.41 47.45
CA PRO I 210 18.77 -7.41 48.04
C PRO I 210 19.86 -6.87 47.11
N SER I 211 20.67 -7.72 46.52
CA SER I 211 21.77 -7.21 45.70
C SER I 211 21.28 -6.84 44.32
N VAL I 212 21.80 -5.73 43.79
CA VAL I 212 21.29 -5.20 42.54
C VAL I 212 22.42 -4.42 41.87
N SER I 213 22.37 -4.39 40.54
CA SER I 213 23.24 -3.53 39.75
C SER I 213 22.42 -2.90 38.66
N THR I 214 22.88 -1.76 38.17
CA THR I 214 22.19 -1.06 37.10
C THR I 214 23.00 -1.16 35.81
N VAL I 215 22.28 -1.05 34.69
CA VAL I 215 22.87 -1.01 33.36
C VAL I 215 22.12 0.03 32.54
N GLN I 216 22.82 0.58 31.55
CA GLN I 216 22.14 1.30 30.50
C GLN I 216 21.70 0.39 29.37
N CYS I 217 22.31 -0.78 29.24
CA CYS I 217 22.05 -1.67 28.12
C CYS I 217 22.06 -3.12 28.57
N THR I 218 21.12 -3.90 28.05
CA THR I 218 20.95 -5.28 28.48
C THR I 218 21.86 -6.21 27.69
N HIS I 219 21.76 -7.50 27.97
CA HIS I 219 22.52 -8.48 27.20
C HIS I 219 21.70 -8.93 26.01
N GLY I 220 22.32 -9.75 25.17
CA GLY I 220 21.68 -10.19 23.94
C GLY I 220 20.73 -11.33 24.23
N ILE I 221 19.50 -11.20 23.75
CA ILE I 221 18.48 -12.23 23.94
C ILE I 221 18.03 -12.72 22.58
N LYS I 222 17.83 -14.03 22.47
CA LYS I 222 17.72 -14.54 21.12
C LYS I 222 16.26 -14.59 20.67
N PRO I 223 15.99 -14.21 19.44
CA PRO I 223 14.64 -14.31 18.90
C PRO I 223 14.23 -15.74 18.59
N VAL I 224 13.96 -16.55 19.61
CA VAL I 224 13.49 -17.90 19.41
C VAL I 224 12.00 -17.94 19.67
N VAL I 225 11.34 -18.95 19.10
CA VAL I 225 9.89 -19.08 19.26
C VAL I 225 9.53 -20.56 19.16
N SER I 226 8.81 -21.05 20.17
CA SER I 226 8.36 -22.44 20.23
C SER I 226 7.28 -22.53 21.30
N THR I 227 6.74 -23.74 21.43
CA THR I 227 5.89 -24.08 22.56
C THR I 227 6.35 -25.41 23.13
N GLN I 228 6.03 -25.61 24.41
CA GLN I 228 6.24 -26.82 25.23
C GLN I 228 7.70 -27.07 25.58
N LEU I 229 8.63 -26.37 24.94
CA LEU I 229 10.06 -26.51 25.18
C LEU I 229 10.74 -25.27 24.65
N LEU I 230 11.41 -24.53 25.52
CA LEU I 230 12.27 -23.49 25.03
C LEU I 230 13.60 -24.09 24.61
N LEU I 231 14.39 -23.30 23.87
CA LEU I 231 15.65 -23.79 23.38
C LEU I 231 16.57 -22.59 23.15
N ASN I 232 17.88 -22.89 23.15
CA ASN I 232 18.96 -21.90 22.99
C ASN I 232 18.85 -20.76 23.99
N GLY I 233 18.33 -21.03 25.18
CA GLY I 233 18.10 -20.01 26.17
C GLY I 233 19.20 -19.99 27.23
N SER I 234 18.97 -19.17 28.26
CA SER I 234 19.90 -19.10 29.37
C SER I 234 19.76 -20.34 30.24
N LEU I 235 20.71 -20.51 31.16
CA LEU I 235 20.68 -21.63 32.08
C LEU I 235 20.36 -21.16 33.48
N ALA I 236 20.14 -22.12 34.37
CA ALA I 236 19.80 -21.81 35.74
C ALA I 236 21.06 -21.58 36.57
N GLU I 237 20.89 -21.44 37.88
CA GLU I 237 22.00 -21.26 38.80
C GLU I 237 22.46 -22.58 39.42
N GLU I 238 21.58 -23.24 40.14
CA GLU I 238 21.90 -24.49 40.80
C GLU I 238 20.91 -25.59 40.51
N GLU I 239 19.61 -25.28 40.45
CA GLU I 239 18.58 -26.30 40.37
C GLU I 239 17.47 -25.84 39.45
N VAL I 240 16.35 -26.55 39.52
CA VAL I 240 15.13 -26.10 38.91
C VAL I 240 14.59 -24.90 39.69
N ILE I 241 14.06 -23.92 38.97
CA ILE I 241 13.39 -22.79 39.59
C ILE I 241 11.97 -22.79 39.01
N ILE I 242 11.03 -23.36 39.76
CA ILE I 242 9.65 -23.32 39.31
C ILE I 242 9.10 -21.91 39.46
N ARG I 243 8.35 -21.46 38.47
CA ARG I 243 7.86 -20.09 38.46
C ARG I 243 6.40 -20.08 38.07
N SER I 244 5.61 -19.32 38.80
CA SER I 244 4.17 -19.23 38.58
C SER I 244 3.68 -17.92 39.19
N GLU I 245 2.36 -17.81 39.33
CA GLU I 245 1.75 -16.80 40.18
C GLU I 245 1.09 -17.43 41.39
N ASN I 246 0.20 -18.37 41.15
CA ASN I 246 -0.68 -18.95 42.17
C ASN I 246 -0.64 -20.45 41.92
N ILE I 247 0.17 -21.15 42.71
CA ILE I 247 0.31 -22.60 42.60
C ILE I 247 -1.00 -23.28 42.97
N THR I 248 -1.76 -22.69 43.90
CA THR I 248 -3.09 -23.17 44.20
C THR I 248 -4.10 -22.89 43.09
N ASN I 249 -3.78 -22.04 42.13
CA ASN I 249 -4.59 -21.92 40.93
C ASN I 249 -4.09 -22.93 39.91
N ASN I 250 -5.04 -23.56 39.21
CA ASN I 250 -4.72 -24.54 38.18
C ASN I 250 -4.60 -23.93 36.80
N ALA I 251 -5.24 -22.77 36.56
CA ALA I 251 -5.26 -22.16 35.24
C ALA I 251 -3.99 -21.40 34.89
N LYS I 252 -2.98 -21.43 35.76
CA LYS I 252 -1.72 -20.78 35.47
C LYS I 252 -0.91 -21.62 34.47
N ASN I 253 0.13 -21.00 33.94
CA ASN I 253 1.12 -21.70 33.14
C ASN I 253 2.38 -21.80 33.98
N ILE I 254 2.67 -23.00 34.47
CA ILE I 254 3.79 -23.18 35.39
C ILE I 254 5.08 -23.25 34.58
N LEU I 255 5.99 -22.33 34.85
CA LEU I 255 7.28 -22.29 34.19
C LEU I 255 8.28 -23.14 34.95
N VAL I 256 9.12 -23.84 34.19
CA VAL I 256 10.14 -24.72 34.76
C VAL I 256 11.48 -24.31 34.15
N GLN I 257 12.37 -23.80 34.99
CA GLN I 257 13.72 -23.50 34.57
C GLN I 257 14.59 -24.73 34.74
N LEU I 258 15.42 -25.01 33.74
CA LEU I 258 16.27 -26.20 33.75
C LEU I 258 17.71 -25.84 34.07
N ASN I 259 18.34 -26.66 34.90
CA ASN I 259 19.74 -26.43 35.25
C ASN I 259 20.68 -26.80 34.11
N THR I 260 20.55 -28.01 33.58
CA THR I 260 21.55 -28.54 32.67
C THR I 260 20.93 -28.80 31.30
N PRO I 261 21.50 -28.26 30.23
CA PRO I 261 20.89 -28.38 28.91
C PRO I 261 21.06 -29.76 28.30
N VAL I 262 20.15 -30.07 27.38
CA VAL I 262 20.06 -31.38 26.75
C VAL I 262 20.23 -31.22 25.25
N GLN I 263 21.13 -32.01 24.67
CA GLN I 263 21.36 -31.98 23.24
C GLN I 263 20.16 -32.57 22.49
N ILE I 264 19.64 -31.81 21.53
CA ILE I 264 18.55 -32.27 20.69
C ILE I 264 19.02 -32.17 19.25
N ASN I 265 19.19 -33.32 18.61
CA ASN I 265 19.48 -33.38 17.19
C ASN I 265 18.19 -33.64 16.43
N CYS I 266 17.99 -32.91 15.34
CA CYS I 266 16.77 -33.04 14.54
C CYS I 266 17.14 -33.01 13.07
N THR I 267 16.30 -33.64 12.26
CA THR I 267 16.61 -33.77 10.84
C THR I 267 15.36 -33.93 10.01
N ARG I 268 15.50 -33.67 8.71
CA ARG I 268 14.52 -34.00 7.70
C ARG I 268 15.28 -34.76 6.62
N PRO I 269 15.44 -36.05 6.79
CA PRO I 269 16.35 -36.79 5.90
C PRO I 269 15.71 -37.12 4.56
N ASN I 270 15.53 -36.09 3.74
CA ASN I 270 15.02 -36.25 2.38
C ASN I 270 15.92 -35.45 1.45
N ASN I 271 16.65 -36.15 0.59
CA ASN I 271 17.31 -35.48 -0.51
C ASN I 271 16.25 -35.02 -1.49
N ASN I 272 16.08 -33.71 -1.62
CA ASN I 272 14.92 -33.12 -2.26
C ASN I 272 15.37 -32.15 -3.34
N THR I 273 14.67 -32.15 -4.47
CA THR I 273 14.96 -31.25 -5.57
C THR I 273 13.96 -30.10 -5.58
N VAL I 274 14.47 -28.88 -5.59
CA VAL I 274 13.66 -27.68 -5.58
C VAL I 274 13.76 -27.02 -6.93
N LYS I 275 12.62 -26.85 -7.60
CA LYS I 275 12.58 -26.17 -8.89
C LYS I 275 11.91 -24.81 -8.74
N SER I 276 12.07 -23.99 -9.77
CA SER I 276 11.61 -22.61 -9.74
C SER I 276 10.84 -22.28 -11.00
N ILE I 277 9.80 -21.45 -10.84
CA ILE I 277 8.97 -20.97 -11.94
C ILE I 277 8.63 -19.52 -11.69
N ARG I 278 8.07 -18.88 -12.72
CA ARG I 278 7.63 -17.50 -12.65
C ARG I 278 6.12 -17.48 -12.89
N ILE I 279 5.37 -16.96 -11.93
CA ILE I 279 3.93 -17.09 -12.04
C ILE I 279 3.34 -15.99 -12.91
N GLY I 280 3.99 -14.84 -12.98
CA GLY I 280 3.44 -13.71 -13.69
C GLY I 280 4.48 -12.69 -14.08
N PRO I 281 4.14 -11.41 -13.98
CA PRO I 281 5.10 -10.36 -14.34
C PRO I 281 6.22 -10.21 -13.33
N GLY I 282 7.21 -11.08 -13.41
CA GLY I 282 8.37 -10.97 -12.56
C GLY I 282 8.16 -11.45 -11.15
N GLN I 283 7.39 -12.50 -10.97
CA GLN I 283 7.08 -13.02 -9.64
C GLN I 283 7.53 -14.48 -9.63
N ALA I 284 8.69 -14.73 -9.04
CA ALA I 284 9.22 -16.07 -8.99
C ALA I 284 8.46 -16.89 -7.95
N PHE I 285 8.60 -18.22 -8.05
CA PHE I 285 7.95 -19.13 -7.11
C PHE I 285 8.72 -20.43 -7.07
N TYR I 286 8.83 -21.00 -5.87
CA TYR I 286 9.56 -22.23 -5.65
C TYR I 286 8.59 -23.33 -5.26
N TYR I 287 8.94 -24.56 -5.60
CA TYR I 287 8.09 -25.69 -5.27
C TYR I 287 8.94 -26.94 -5.19
N THR I 288 8.44 -27.91 -4.46
CA THR I 288 9.11 -29.19 -4.34
C THR I 288 8.95 -29.98 -5.63
N GLY I 289 10.02 -30.08 -6.40
CA GLY I 289 9.97 -30.78 -7.66
C GLY I 289 9.84 -32.27 -7.49
N ASP I 290 10.88 -32.90 -6.95
CA ASP I 290 10.89 -34.34 -6.75
C ASP I 290 11.89 -34.63 -5.64
N ILE I 291 11.78 -35.80 -5.04
CA ILE I 291 12.81 -36.27 -4.12
C ILE I 291 13.56 -37.40 -4.80
N ILE I 292 14.83 -37.56 -4.42
CA ILE I 292 15.72 -38.46 -5.13
C ILE I 292 15.38 -39.92 -4.84
N GLY I 293 14.78 -40.22 -3.69
CA GLY I 293 14.17 -41.54 -3.60
C GLY I 293 14.08 -42.32 -2.30
N ASP I 294 14.68 -41.85 -1.23
CA ASP I 294 14.58 -42.56 0.04
C ASP I 294 13.56 -41.83 0.91
N ILE I 295 12.30 -42.25 0.79
CA ILE I 295 11.21 -41.63 1.55
C ILE I 295 11.36 -41.97 3.01
N ARG I 296 11.55 -40.95 3.84
CA ARG I 296 11.75 -41.13 5.27
C ARG I 296 10.76 -40.29 6.04
N GLN I 297 10.96 -40.17 7.34
CA GLN I 297 10.13 -39.30 8.19
C GLN I 297 11.06 -38.47 9.05
N ALA I 298 10.68 -37.21 9.25
CA ALA I 298 11.48 -36.31 10.08
C ALA I 298 11.36 -36.68 11.54
N HIS I 299 12.46 -36.54 12.27
CA HIS I 299 12.49 -37.01 13.64
C HIS I 299 13.57 -36.29 14.44
N CYS I 300 13.56 -36.54 15.74
CA CYS I 300 14.51 -35.95 16.66
C CYS I 300 14.94 -36.98 17.70
N ASN I 301 16.24 -37.08 17.94
CA ASN I 301 16.75 -37.96 18.98
C ASN I 301 16.93 -37.22 20.28
N VAL I 302 16.61 -37.91 21.39
CA VAL I 302 16.83 -37.41 22.73
C VAL I 302 17.59 -38.50 23.50
N SER I 303 18.68 -38.11 24.15
CA SER I 303 19.42 -39.04 25.00
C SER I 303 18.56 -39.48 26.19
N LYS I 304 18.37 -40.80 26.31
CA LYS I 304 17.39 -41.34 27.24
C LYS I 304 17.80 -41.12 28.69
N ALA I 305 19.00 -41.56 29.06
CA ALA I 305 19.46 -41.46 30.44
C ALA I 305 19.68 -40.01 30.88
N THR I 306 19.91 -39.11 29.93
CA THR I 306 19.98 -37.70 30.26
C THR I 306 18.61 -37.17 30.67
N TRP I 307 17.55 -37.67 30.05
CA TRP I 307 16.23 -37.12 30.29
C TRP I 307 15.65 -37.57 31.62
N ASN I 308 15.89 -38.81 32.02
CA ASN I 308 15.40 -39.26 33.33
C ASN I 308 16.12 -38.52 34.46
N GLU I 309 17.39 -38.17 34.25
CA GLU I 309 18.13 -37.40 35.25
C GLU I 309 17.54 -36.01 35.43
N THR I 310 16.89 -35.47 34.39
CA THR I 310 16.24 -34.19 34.49
C THR I 310 15.02 -34.25 35.41
N LEU I 311 14.13 -35.21 35.18
CA LEU I 311 12.83 -35.23 35.83
C LEU I 311 12.91 -35.54 37.31
N GLY I 312 13.99 -36.17 37.76
CA GLY I 312 14.17 -36.39 39.18
C GLY I 312 14.39 -35.10 39.95
N LYS I 313 14.96 -34.09 39.29
CA LYS I 313 15.12 -32.80 39.92
C LYS I 313 13.79 -32.10 40.11
N VAL I 314 12.84 -32.33 39.20
CA VAL I 314 11.59 -31.59 39.19
C VAL I 314 10.68 -32.06 40.31
N VAL I 315 10.53 -33.38 40.46
CA VAL I 315 9.70 -33.96 41.50
C VAL I 315 10.32 -33.72 42.87
N LYS I 316 11.64 -33.54 42.92
CA LYS I 316 12.32 -33.15 44.15
C LYS I 316 11.82 -31.80 44.68
N GLN I 317 11.44 -30.90 43.79
CA GLN I 317 10.91 -29.61 44.20
C GLN I 317 9.40 -29.59 44.31
N LEU I 318 8.70 -30.42 43.54
CA LEU I 318 7.25 -30.41 43.62
C LEU I 318 6.72 -31.13 44.85
N ARG I 319 7.55 -31.94 45.51
CA ARG I 319 7.23 -32.38 46.86
C ARG I 319 7.11 -31.20 47.80
N LYS I 320 8.03 -30.24 47.64
CA LYS I 320 8.11 -29.09 48.52
C LYS I 320 6.96 -28.12 48.32
N HIS I 321 6.28 -28.17 47.16
CA HIS I 321 5.18 -27.27 46.89
C HIS I 321 3.82 -27.96 46.85
N PHE I 322 3.77 -29.27 46.96
CA PHE I 322 2.47 -29.93 46.99
C PHE I 322 2.31 -30.87 48.18
N GLY I 323 3.35 -31.57 48.57
CA GLY I 323 3.26 -32.44 49.72
C GLY I 323 4.20 -33.61 49.63
N ASN I 324 4.43 -34.25 50.78
CA ASN I 324 5.37 -35.37 50.89
C ASN I 324 4.78 -36.67 50.39
N ASN I 325 3.46 -36.75 50.24
CA ASN I 325 2.79 -37.99 49.89
C ASN I 325 2.00 -37.85 48.59
N THR I 326 2.53 -37.07 47.65
CA THR I 326 1.83 -36.77 46.41
C THR I 326 2.36 -37.63 45.27
N ILE I 327 1.49 -37.91 44.31
CA ILE I 327 1.84 -38.70 43.15
C ILE I 327 1.90 -37.76 41.96
N ILE I 328 3.08 -37.63 41.36
CA ILE I 328 3.28 -36.76 40.21
C ILE I 328 3.09 -37.58 38.95
N ARG I 329 2.06 -37.27 38.18
CA ARG I 329 1.80 -37.95 36.93
C ARG I 329 2.08 -37.00 35.77
N PHE I 330 2.28 -37.60 34.60
CA PHE I 330 2.46 -36.83 33.38
C PHE I 330 1.63 -37.46 32.28
N ALA I 331 1.25 -36.63 31.31
CA ALA I 331 0.48 -37.09 30.16
C ALA I 331 0.80 -36.16 29.00
N GLN I 332 0.17 -36.43 27.86
CA GLN I 332 0.39 -35.63 26.67
C GLN I 332 -0.53 -34.42 26.71
N SER I 333 -0.60 -33.70 25.60
CA SER I 333 -1.58 -32.64 25.50
C SER I 333 -2.96 -33.25 25.27
N SER I 334 -3.98 -32.46 25.55
CA SER I 334 -5.35 -32.94 25.44
C SER I 334 -5.78 -33.04 23.99
N GLY I 335 -5.81 -31.91 23.30
CA GLY I 335 -6.31 -31.87 21.94
C GLY I 335 -6.09 -30.53 21.30
N GLY I 336 -7.10 -30.01 20.61
CA GLY I 336 -6.93 -28.77 19.89
C GLY I 336 -6.09 -29.00 18.66
N ASP I 337 -5.54 -27.90 18.14
CA ASP I 337 -4.64 -28.03 17.02
C ASP I 337 -3.28 -28.53 17.52
N LEU I 338 -2.53 -29.14 16.59
CA LEU I 338 -1.17 -29.60 16.89
C LEU I 338 -0.24 -28.45 17.22
N GLU I 339 -0.55 -27.22 16.78
CA GLU I 339 0.14 -26.04 17.26
C GLU I 339 -0.02 -25.90 18.78
N VAL I 340 -1.20 -26.21 19.29
CA VAL I 340 -1.39 -26.26 20.74
C VAL I 340 -0.95 -27.61 21.28
N THR I 341 -1.20 -28.68 20.54
CA THR I 341 -0.97 -30.02 21.06
C THR I 341 0.52 -30.37 21.10
N THR I 342 1.15 -30.38 19.94
CA THR I 342 2.52 -30.88 19.87
C THR I 342 3.51 -29.72 19.99
N HIS I 343 4.78 -30.04 19.74
CA HIS I 343 5.87 -29.11 19.89
C HIS I 343 6.05 -28.30 18.62
N SER I 344 5.70 -27.01 18.69
CA SER I 344 6.06 -26.12 17.60
C SER I 344 7.56 -25.89 17.61
N PHE I 345 8.15 -25.79 16.42
CA PHE I 345 9.60 -25.85 16.33
C PHE I 345 10.06 -25.28 15.00
N ASN I 346 10.95 -24.31 15.05
CA ASN I 346 11.64 -23.82 13.87
C ASN I 346 12.96 -24.57 13.72
N CYS I 347 13.41 -24.71 12.47
CA CYS I 347 14.73 -25.25 12.19
C CYS I 347 15.18 -24.80 10.81
N GLY I 348 16.13 -23.87 10.77
CA GLY I 348 16.93 -23.59 9.58
C GLY I 348 16.17 -23.19 8.35
N GLY I 349 15.07 -22.47 8.51
CA GLY I 349 14.21 -22.17 7.40
C GLY I 349 13.11 -23.17 7.18
N GLU I 350 12.89 -24.10 8.12
CA GLU I 350 11.79 -25.04 8.06
C GLU I 350 11.10 -25.07 9.40
N PHE I 351 9.79 -25.23 9.38
CA PHE I 351 8.94 -25.05 10.55
C PHE I 351 8.39 -26.41 10.93
N PHE I 352 8.99 -27.05 11.91
CA PHE I 352 8.60 -28.42 12.21
C PHE I 352 7.38 -28.44 13.11
N TYR I 353 6.78 -29.62 13.19
CA TYR I 353 5.77 -29.91 14.19
C TYR I 353 6.03 -31.34 14.64
N CYS I 354 6.39 -31.51 15.91
CA CYS I 354 6.89 -32.80 16.34
C CYS I 354 6.10 -33.30 17.53
N ASN I 355 5.56 -34.50 17.40
CA ASN I 355 4.79 -35.13 18.45
C ASN I 355 5.73 -35.55 19.59
N THR I 356 5.34 -35.22 20.83
CA THR I 356 6.20 -35.44 21.97
C THR I 356 5.56 -36.36 22.99
N SER I 357 4.96 -37.45 22.52
CA SER I 357 4.30 -38.36 23.45
C SER I 357 5.27 -39.21 24.24
N GLY I 358 6.48 -39.43 23.74
CA GLY I 358 7.44 -40.23 24.44
C GLY I 358 8.28 -39.46 25.44
N LEU I 359 7.79 -38.30 25.86
CA LEU I 359 8.50 -37.45 26.81
C LEU I 359 7.75 -37.22 28.11
N PHE I 360 6.45 -37.51 28.15
CA PHE I 360 5.64 -37.27 29.33
C PHE I 360 4.83 -38.51 29.66
N ASN I 361 5.38 -39.68 29.34
CA ASN I 361 4.82 -40.98 29.72
C ASN I 361 5.62 -41.46 30.92
N SER I 362 5.34 -40.86 32.08
CA SER I 362 5.97 -41.25 33.33
C SER I 362 5.11 -40.75 34.48
N THR I 363 5.03 -41.53 35.54
CA THR I 363 4.31 -41.16 36.75
C THR I 363 5.24 -41.35 37.94
N TRP I 364 5.47 -40.30 38.70
CA TRP I 364 6.30 -40.36 39.89
C TRP I 364 5.40 -40.46 41.11
N ILE I 365 5.69 -41.41 41.99
CA ILE I 365 4.74 -41.90 42.97
C ILE I 365 5.24 -41.64 44.37
N SER I 366 4.42 -40.97 45.18
CA SER I 366 4.46 -40.89 46.65
C SER I 366 5.60 -40.05 47.19
N ASN I 367 6.49 -39.49 46.35
CA ASN I 367 7.62 -38.64 46.74
C ASN I 367 8.57 -39.33 47.73
N THR I 368 8.64 -40.66 47.69
CA THR I 368 9.51 -41.41 48.59
C THR I 368 9.92 -42.68 47.88
N SER I 369 11.19 -42.73 47.46
CA SER I 369 11.76 -43.80 46.63
C SER I 369 10.92 -44.00 45.37
N VAL I 370 10.81 -42.92 44.60
CA VAL I 370 9.97 -42.86 43.42
C VAL I 370 10.47 -43.76 42.30
N SER I 378 21.01 -46.63 29.73
CA SER I 378 21.84 -45.70 28.97
C SER I 378 22.25 -46.29 27.63
N ASN I 379 23.08 -45.55 26.90
CA ASN I 379 23.47 -45.83 25.51
C ASN I 379 22.23 -45.99 24.63
N ASP I 380 21.23 -45.16 24.89
CA ASP I 380 19.93 -45.28 24.27
C ASP I 380 19.47 -43.90 23.82
N SER I 381 18.49 -43.89 22.92
CA SER I 381 17.98 -42.63 22.40
C SER I 381 16.54 -42.84 21.98
N ILE I 382 15.60 -42.26 22.73
CA ILE I 382 14.22 -42.21 22.26
C ILE I 382 14.15 -41.25 21.08
N THR I 383 13.15 -41.46 20.23
CA THR I 383 13.07 -40.71 18.99
C THR I 383 11.63 -40.29 18.77
N LEU I 384 11.44 -39.04 18.39
CA LEU I 384 10.07 -38.57 18.26
C LEU I 384 9.64 -38.49 16.81
N PRO I 385 8.37 -38.77 16.53
CA PRO I 385 7.85 -38.53 15.19
C PRO I 385 7.57 -37.04 14.98
N CYS I 386 8.15 -36.48 13.92
CA CYS I 386 8.00 -35.06 13.63
C CYS I 386 7.39 -34.90 12.24
N ARG I 387 6.44 -33.98 12.12
CA ARG I 387 5.79 -33.71 10.83
C ARG I 387 6.35 -32.43 10.21
N ILE I 388 5.99 -32.22 8.94
CA ILE I 388 6.41 -31.06 8.18
C ILE I 388 5.17 -30.35 7.65
N LYS I 389 5.08 -29.05 7.92
CA LYS I 389 4.06 -28.21 7.31
C LYS I 389 4.72 -27.09 6.52
N GLN I 390 3.91 -26.43 5.70
CA GLN I 390 4.35 -25.31 4.91
C GLN I 390 3.49 -24.07 5.05
N ILE I 391 2.24 -24.20 5.45
CA ILE I 391 1.32 -23.08 5.57
C ILE I 391 1.10 -22.84 7.04
N ILE I 392 1.59 -21.70 7.53
CA ILE I 392 1.69 -21.44 8.95
C ILE I 392 0.68 -20.34 9.28
N ASN I 393 0.40 -20.19 10.57
CA ASN I 393 -0.32 -19.02 11.08
C ASN I 393 0.41 -18.57 12.33
N MET I 394 1.29 -17.59 12.18
CA MET I 394 2.12 -17.16 13.29
C MET I 394 1.36 -16.28 14.24
N TRP I 395 1.39 -16.65 15.53
CA TRP I 395 0.72 -15.96 16.64
C TRP I 395 -0.78 -15.85 16.47
N GLN I 396 -1.38 -16.84 15.80
CA GLN I 396 -2.83 -17.01 15.64
C GLN I 396 -3.51 -15.83 14.98
N ARG I 397 -2.77 -15.00 14.25
CA ARG I 397 -3.34 -13.82 13.62
C ARG I 397 -4.00 -14.27 12.33
N ILE I 398 -5.31 -14.51 12.40
CA ILE I 398 -6.01 -15.19 11.32
C ILE I 398 -6.20 -14.25 10.14
N GLY I 399 -5.84 -14.72 8.96
CA GLY I 399 -5.90 -13.94 7.75
C GLY I 399 -4.54 -13.86 7.10
N GLN I 400 -3.51 -13.72 7.93
CA GLN I 400 -2.15 -13.74 7.43
C GLN I 400 -1.69 -15.18 7.28
N ALA I 401 -1.19 -15.51 6.09
CA ALA I 401 -0.75 -16.87 5.79
C ALA I 401 0.59 -16.78 5.08
N MET I 402 1.64 -17.26 5.74
CA MET I 402 2.98 -17.22 5.19
C MET I 402 3.37 -18.58 4.66
N TYR I 403 3.96 -18.60 3.47
CA TYR I 403 4.35 -19.82 2.81
C TYR I 403 5.79 -20.16 3.17
N ALA I 404 6.06 -21.46 3.25
CA ALA I 404 7.41 -21.92 3.54
C ALA I 404 8.08 -22.35 2.26
N PRO I 405 9.14 -21.69 1.82
CA PRO I 405 9.87 -22.17 0.66
C PRO I 405 10.67 -23.40 1.03
N PRO I 406 10.45 -24.51 0.34
CA PRO I 406 11.24 -25.72 0.63
C PRO I 406 12.67 -25.55 0.13
N ILE I 407 13.61 -26.09 0.89
CA ILE I 407 15.02 -25.88 0.60
C ILE I 407 15.69 -27.20 0.30
N GLN I 408 16.82 -27.10 -0.39
CA GLN I 408 17.51 -28.24 -0.96
C GLN I 408 18.60 -28.72 0.00
N GLY I 409 19.05 -29.96 -0.21
CA GLY I 409 20.04 -30.55 0.65
C GLY I 409 19.38 -31.37 1.74
N VAL I 410 19.99 -31.41 2.92
CA VAL I 410 19.36 -32.06 4.07
C VAL I 410 19.25 -31.07 5.19
N ILE I 411 18.67 -31.48 6.31
CA ILE I 411 18.37 -30.60 7.43
C ILE I 411 19.04 -31.15 8.67
N ARG I 412 19.84 -30.32 9.34
CA ARG I 412 20.41 -30.64 10.64
C ARG I 412 20.45 -29.37 11.47
N CYS I 413 19.87 -29.42 12.68
CA CYS I 413 20.01 -28.32 13.60
C CYS I 413 20.05 -28.87 15.02
N VAL I 414 20.93 -28.31 15.83
CA VAL I 414 21.19 -28.78 17.18
C VAL I 414 20.79 -27.67 18.14
N SER I 415 20.13 -28.03 19.24
CA SER I 415 19.71 -27.02 20.18
C SER I 415 19.77 -27.56 21.59
N ASN I 416 20.04 -26.66 22.54
CA ASN I 416 19.91 -26.97 23.94
C ASN I 416 18.44 -27.02 24.35
N ILE I 417 18.20 -27.55 25.55
CA ILE I 417 16.89 -27.47 26.19
C ILE I 417 17.05 -26.59 27.43
N THR I 418 16.26 -25.54 27.52
CA THR I 418 16.39 -24.67 28.67
C THR I 418 15.10 -24.47 29.44
N GLY I 419 13.97 -24.35 28.75
CA GLY I 419 12.74 -23.96 29.41
C GLY I 419 11.60 -24.90 29.10
N LEU I 420 10.73 -25.08 30.10
CA LEU I 420 9.62 -26.01 30.00
C LEU I 420 8.36 -25.33 30.49
N ILE I 421 7.22 -25.78 29.97
CA ILE I 421 5.92 -25.28 30.39
C ILE I 421 5.09 -26.46 30.84
N LEU I 422 4.59 -26.40 32.07
CA LEU I 422 3.68 -27.40 32.58
C LEU I 422 2.40 -26.75 33.03
N THR I 423 1.34 -27.55 33.06
CA THR I 423 0.00 -27.06 33.38
C THR I 423 -0.66 -28.02 34.36
N ARG I 424 -0.92 -27.54 35.56
CA ARG I 424 -1.68 -28.29 36.54
C ARG I 424 -3.12 -28.43 36.07
N ASP I 425 -3.55 -29.67 35.83
CA ASP I 425 -4.92 -29.89 35.39
C ASP I 425 -5.90 -29.69 36.56
N GLY I 426 -7.16 -29.47 36.20
CA GLY I 426 -8.19 -29.23 37.20
C GLY I 426 -8.62 -30.48 37.94
N SER I 431 -7.54 -37.26 46.89
CA SER I 431 -6.22 -37.86 46.79
C SER I 431 -5.14 -36.82 46.54
N THR I 432 -3.91 -37.16 46.91
CA THR I 432 -2.77 -36.30 46.69
C THR I 432 -2.13 -36.51 45.32
N THR I 433 -2.72 -37.36 44.47
CA THR I 433 -2.14 -37.60 43.16
C THR I 433 -2.33 -36.37 42.27
N GLU I 434 -1.41 -36.19 41.34
CA GLU I 434 -1.40 -34.97 40.52
C GLU I 434 -0.76 -35.24 39.17
N THR I 435 -1.43 -34.78 38.12
CA THR I 435 -0.99 -34.97 36.75
C THR I 435 -0.60 -33.62 36.16
N PHE I 436 0.52 -33.58 35.45
CA PHE I 436 0.91 -32.38 34.71
C PHE I 436 0.97 -32.68 33.22
N ARG I 437 0.70 -31.65 32.43
CA ARG I 437 0.70 -31.72 30.98
C ARG I 437 1.51 -30.56 30.42
N PRO I 438 2.16 -30.76 29.27
CA PRO I 438 2.87 -29.64 28.65
C PRO I 438 1.92 -28.62 28.03
N GLY I 439 1.79 -27.47 28.68
CA GLY I 439 0.93 -26.41 28.19
C GLY I 439 1.63 -25.57 27.14
N GLY I 440 1.09 -24.38 26.91
CA GLY I 440 1.69 -23.41 26.02
C GLY I 440 0.67 -22.78 25.10
N GLY I 441 1.17 -21.91 24.22
CA GLY I 441 0.34 -21.23 23.25
C GLY I 441 0.57 -19.73 23.19
N ASP I 442 0.78 -19.09 24.34
CA ASP I 442 1.15 -17.69 24.36
C ASP I 442 2.66 -17.59 24.25
N MET I 443 3.13 -16.85 23.25
CA MET I 443 4.56 -16.63 23.12
C MET I 443 5.07 -15.58 24.08
N ARG I 444 4.17 -14.82 24.73
CA ARG I 444 4.58 -13.87 25.75
C ARG I 444 5.25 -14.57 26.92
N ASP I 445 4.78 -15.78 27.25
CA ASP I 445 5.40 -16.56 28.31
C ASP I 445 6.80 -17.01 27.96
N ASN I 446 7.14 -17.08 26.67
CA ASN I 446 8.51 -17.39 26.30
C ASN I 446 9.43 -16.19 26.55
N TRP I 447 8.96 -14.99 26.25
CA TRP I 447 9.81 -13.84 26.47
C TRP I 447 9.86 -13.45 27.93
N ARG I 448 8.76 -13.68 28.65
CA ARG I 448 8.76 -13.49 30.09
C ARG I 448 9.66 -14.50 30.79
N SER I 449 9.88 -15.65 30.16
CA SER I 449 10.75 -16.66 30.73
C SER I 449 12.20 -16.20 30.79
N GLU I 450 12.60 -15.30 29.90
CA GLU I 450 13.99 -14.87 29.84
C GLU I 450 14.15 -13.37 30.05
N LEU I 451 13.15 -12.73 30.65
CA LEU I 451 13.22 -11.31 30.98
C LEU I 451 12.71 -11.03 32.39
N TYR I 452 12.70 -12.04 33.26
CA TYR I 452 12.26 -11.82 34.64
C TYR I 452 13.31 -11.09 35.45
N LYS I 453 14.56 -11.05 34.99
CA LYS I 453 15.64 -10.47 35.75
C LYS I 453 15.67 -8.96 35.70
N TYR I 454 14.82 -8.32 34.91
CA TYR I 454 14.95 -6.90 34.62
C TYR I 454 13.79 -6.09 35.19
N LYS I 455 14.08 -4.83 35.50
CA LYS I 455 13.02 -3.84 35.65
C LYS I 455 13.58 -2.48 35.23
N VAL I 456 12.65 -1.58 34.93
CA VAL I 456 12.95 -0.24 34.43
C VAL I 456 12.35 0.77 35.40
N VAL I 457 13.10 1.82 35.71
CA VAL I 457 12.64 2.86 36.62
C VAL I 457 12.63 4.21 35.91
N LYS I 458 11.61 5.00 36.20
CA LYS I 458 11.51 6.38 35.80
C LYS I 458 12.43 7.21 36.68
N ILE I 459 12.85 8.37 36.19
CA ILE I 459 13.77 9.22 36.94
C ILE I 459 13.15 10.60 37.13
N GLU I 460 13.01 11.01 38.40
CA GLU I 460 12.53 12.34 38.79
C GLU I 460 13.46 12.90 39.86
N PRO I 461 14.58 13.50 39.45
CA PRO I 461 15.61 13.89 40.42
C PRO I 461 15.31 15.17 41.18
N LEU I 462 14.57 15.06 42.28
CA LEU I 462 14.25 16.24 43.07
C LEU I 462 14.08 15.83 44.53
N GLY I 463 14.88 16.41 45.41
CA GLY I 463 14.77 16.13 46.83
C GLY I 463 14.69 17.41 47.64
N VAL I 464 13.84 17.38 48.66
CA VAL I 464 13.58 18.55 49.50
C VAL I 464 13.80 18.15 50.97
N ALA I 465 15.02 18.32 51.44
CA ALA I 465 15.40 17.88 52.77
C ALA I 465 15.75 19.06 53.65
N PRO I 466 15.09 19.25 54.78
CA PRO I 466 15.30 20.47 55.57
C PRO I 466 16.57 20.42 56.41
N THR I 467 17.22 21.57 56.53
CA THR I 467 18.30 21.79 57.49
C THR I 467 18.11 23.19 58.09
N ARG I 468 19.13 23.69 58.76
CA ARG I 468 19.07 24.98 59.43
C ARG I 468 19.96 25.95 58.65
N CYS I 469 19.41 26.55 57.59
CA CYS I 469 20.16 27.51 56.79
C CYS I 469 19.53 28.89 56.80
N LYS I 470 18.24 29.01 56.41
CA LYS I 470 17.39 30.20 56.51
C LYS I 470 17.77 31.33 55.54
N ARG I 471 18.95 31.28 54.95
CA ARG I 471 19.41 32.44 54.21
C ARG I 471 20.27 32.08 53.01
N PHE J 11 27.31 6.12 35.64
CA PHE J 11 26.15 6.98 35.87
C PHE J 11 25.81 6.96 37.35
N LEU J 12 24.93 6.05 37.74
CA LEU J 12 24.39 6.06 39.09
C LEU J 12 25.29 5.22 39.99
N GLY J 13 25.13 5.42 41.28
CA GLY J 13 25.91 4.69 42.26
C GLY J 13 25.70 5.24 43.64
N ALA J 14 25.90 4.39 44.65
CA ALA J 14 25.84 4.74 46.07
C ALA J 14 24.48 5.28 46.50
N ALA J 15 23.41 5.00 45.75
CA ALA J 15 22.08 5.38 46.19
C ALA J 15 21.59 4.47 47.30
N GLY J 16 22.18 3.30 47.45
CA GLY J 16 21.70 2.30 48.39
C GLY J 16 21.95 2.60 49.86
N SER J 17 23.21 2.55 50.28
CA SER J 17 23.55 2.64 51.69
C SER J 17 24.47 3.84 51.92
N THR J 18 23.85 5.02 52.02
CA THR J 18 24.41 6.25 52.57
C THR J 18 23.27 7.26 52.63
N MET J 19 23.57 8.41 53.22
CA MET J 19 22.57 9.45 53.42
C MET J 19 23.29 10.77 53.62
N GLY J 20 23.06 11.72 52.72
CA GLY J 20 23.74 12.99 52.83
C GLY J 20 25.11 12.98 52.18
N ALA J 21 25.89 11.92 52.41
CA ALA J 21 27.13 11.75 51.67
C ALA J 21 26.87 11.38 50.22
N ALA J 22 25.66 10.94 49.89
CA ALA J 22 25.26 10.84 48.49
C ALA J 22 25.15 12.21 47.84
N SER J 23 24.85 13.25 48.63
CA SER J 23 24.81 14.59 48.08
C SER J 23 26.19 15.14 47.76
N MET J 24 27.25 14.49 48.23
CA MET J 24 28.60 14.87 47.82
C MET J 24 28.81 14.61 46.33
N THR J 25 28.29 13.50 45.83
CA THR J 25 28.53 13.08 44.45
C THR J 25 27.37 13.41 43.52
N LEU J 26 26.62 14.47 43.81
CA LEU J 26 25.58 14.91 42.88
C LEU J 26 26.12 15.83 41.80
N THR J 27 27.14 15.34 41.09
CA THR J 27 27.71 16.03 39.96
C THR J 27 27.92 15.12 38.76
N VAL J 28 27.96 13.80 38.95
CA VAL J 28 27.91 12.88 37.83
C VAL J 28 26.47 12.60 37.42
N GLN J 29 25.51 12.92 38.28
CA GLN J 29 24.11 12.57 38.08
C GLN J 29 23.39 13.43 37.04
N ALA J 30 24.09 14.35 36.38
CA ALA J 30 23.41 15.19 35.40
C ALA J 30 24.14 15.19 34.07
N ARG J 31 25.46 15.03 34.08
CA ARG J 31 26.22 15.15 32.85
C ARG J 31 26.01 13.95 31.94
N ASN J 32 25.72 12.79 32.51
CA ASN J 32 25.33 11.64 31.70
C ASN J 32 23.82 11.62 31.46
N LEU J 33 23.07 12.35 32.27
CA LEU J 33 21.64 12.48 32.05
C LEU J 33 21.35 13.28 30.79
N LEU J 34 20.39 12.78 30.00
CA LEU J 34 20.03 13.32 28.68
C LEU J 34 21.21 13.37 27.72
N SER J 35 21.98 12.29 27.67
CA SER J 35 23.08 12.21 26.71
C SER J 35 23.29 10.79 26.23
N GLY J 61 12.25 5.14 13.62
CA GLY J 61 10.93 5.50 13.16
C GLY J 61 10.20 6.45 14.10
N ILE J 62 8.91 6.23 14.28
CA ILE J 62 8.10 7.08 15.14
C ILE J 62 8.06 6.54 16.56
N LYS J 63 8.03 5.20 16.68
CA LYS J 63 7.88 4.55 17.98
C LYS J 63 9.08 4.80 18.90
N GLN J 64 10.27 4.98 18.33
CA GLN J 64 11.44 5.35 19.09
C GLN J 64 11.59 6.86 19.21
N LEU J 65 10.75 7.62 18.49
CA LEU J 65 10.80 9.06 18.49
C LEU J 65 9.91 9.67 19.58
N GLN J 66 9.16 8.84 20.29
CA GLN J 66 8.60 9.29 21.57
C GLN J 66 9.72 9.58 22.56
N ALA J 67 10.79 8.80 22.51
CA ALA J 67 12.03 9.19 23.15
C ALA J 67 12.61 10.41 22.46
N ARG J 68 13.42 11.16 23.22
CA ARG J 68 13.95 12.48 22.88
C ARG J 68 12.84 13.51 22.68
N VAL J 69 11.65 13.27 23.21
CA VAL J 69 10.61 14.28 23.28
C VAL J 69 10.19 14.40 24.74
N LEU J 70 9.67 13.30 25.30
CA LEU J 70 9.43 13.27 26.73
C LEU J 70 10.74 13.20 27.49
N ALA J 71 11.79 12.67 26.86
CA ALA J 71 13.11 12.74 27.44
C ALA J 71 13.62 14.16 27.52
N VAL J 72 13.27 15.01 26.54
CA VAL J 72 13.67 16.41 26.60
C VAL J 72 12.57 17.27 27.21
N GLU J 73 11.34 16.76 27.32
CA GLU J 73 10.36 17.45 28.15
C GLU J 73 10.75 17.34 29.61
N HIS J 74 11.34 16.22 30.00
CA HIS J 74 12.03 16.14 31.26
C HIS J 74 13.41 16.77 31.12
N TYR J 75 13.93 17.26 32.25
CA TYR J 75 15.01 18.23 32.44
C TYR J 75 14.54 19.64 32.06
N LEU J 76 13.36 19.74 31.46
CA LEU J 76 12.80 21.03 31.14
C LEU J 76 11.75 21.44 32.16
N ARG J 77 10.76 20.58 32.40
CA ARG J 77 9.62 20.96 33.23
C ARG J 77 9.98 21.11 34.70
N ASP J 78 11.06 20.47 35.14
CA ASP J 78 11.54 20.75 36.49
C ASP J 78 12.36 22.03 36.51
N GLN J 79 13.20 22.24 35.50
CA GLN J 79 13.99 23.46 35.43
C GLN J 79 13.10 24.63 35.03
N GLN J 80 11.93 24.35 34.45
CA GLN J 80 10.84 25.32 34.41
C GLN J 80 10.53 25.86 35.80
N LEU J 81 10.26 24.97 36.73
CA LEU J 81 9.93 25.41 38.08
C LEU J 81 11.16 25.61 38.95
N LEU J 82 12.34 25.14 38.54
CA LEU J 82 13.52 25.32 39.37
C LEU J 82 13.99 26.77 39.34
N GLY J 83 13.82 27.46 38.21
CA GLY J 83 14.02 28.89 38.18
C GLY J 83 13.04 29.65 39.05
N ILE J 84 11.87 29.07 39.31
CA ILE J 84 10.90 29.69 40.21
C ILE J 84 11.26 29.43 41.67
N TRP J 85 11.99 28.34 41.96
CA TRP J 85 12.45 28.09 43.32
C TRP J 85 13.41 29.15 43.84
N GLY J 86 14.07 29.90 42.97
CA GLY J 86 15.04 30.89 43.40
C GLY J 86 16.44 30.42 43.10
N CYS J 87 16.71 29.14 43.35
CA CYS J 87 17.99 28.55 42.97
C CYS J 87 18.00 28.39 41.45
N SER J 88 18.75 29.27 40.77
CA SER J 88 18.60 29.40 39.33
C SER J 88 19.35 28.31 38.57
N GLY J 89 20.56 27.97 39.00
CA GLY J 89 21.33 26.97 38.28
C GLY J 89 21.51 25.71 39.09
N LYS J 90 22.70 25.13 39.05
CA LYS J 90 23.05 24.07 39.99
C LYS J 90 23.87 24.68 41.11
N LEU J 91 23.21 24.91 42.23
CA LEU J 91 23.85 25.03 43.51
C LEU J 91 23.05 24.16 44.46
N ILE J 92 23.74 23.32 45.22
CA ILE J 92 23.14 22.78 46.43
C ILE J 92 22.94 23.97 47.35
N CYS J 93 21.68 24.38 47.49
CA CYS J 93 21.37 25.72 47.95
C CYS J 93 20.24 25.68 48.95
N CYS J 94 20.10 26.74 49.73
CA CYS J 94 18.99 26.88 50.66
C CYS J 94 18.14 28.07 50.27
N THR J 95 16.85 27.92 50.47
CA THR J 95 15.89 29.00 50.29
C THR J 95 15.71 29.72 51.62
N ASN J 96 14.66 30.52 51.73
CA ASN J 96 14.30 31.15 53.00
C ASN J 96 12.89 30.80 53.45
N VAL J 97 12.20 29.91 52.74
CA VAL J 97 10.88 29.47 53.19
C VAL J 97 11.05 28.53 54.38
N PRO J 98 10.20 28.60 55.40
CA PRO J 98 10.32 27.66 56.51
C PRO J 98 9.91 26.25 56.15
N TRP J 99 10.68 25.30 56.68
CA TRP J 99 10.19 23.95 56.87
C TRP J 99 9.16 23.97 57.99
N ASN J 100 7.90 23.72 57.64
CA ASN J 100 6.90 23.51 58.68
C ASN J 100 7.19 22.19 59.38
N SER J 101 7.12 22.22 60.70
CA SER J 101 7.39 21.03 61.50
C SER J 101 6.19 20.11 61.61
N SER J 102 5.08 20.40 60.93
CA SER J 102 3.98 19.46 60.88
C SER J 102 4.27 18.28 59.96
N TRP J 103 5.35 18.34 59.20
CA TRP J 103 5.61 17.40 58.12
C TRP J 103 6.62 16.36 58.58
N SER J 104 6.17 15.55 59.54
CA SER J 104 6.93 14.45 60.17
C SER J 104 8.23 14.95 60.78
N ASN J 105 8.06 15.74 61.84
CA ASN J 105 9.19 16.29 62.58
C ASN J 105 9.86 15.16 63.35
N ARG J 106 10.90 14.58 62.76
CA ARG J 106 11.61 13.43 63.34
C ARG J 106 13.11 13.67 63.24
N ASN J 107 13.68 14.36 64.23
CA ASN J 107 15.11 14.35 64.56
C ASN J 107 15.99 14.72 63.36
N LEU J 108 15.79 15.93 62.86
CA LEU J 108 16.32 16.31 61.56
C LEU J 108 17.82 16.58 61.56
N SER J 109 18.48 16.47 62.70
CA SER J 109 19.92 16.34 62.74
C SER J 109 20.36 14.88 62.79
N GLU J 110 19.52 14.01 63.34
CA GLU J 110 19.85 12.61 63.53
C GLU J 110 19.57 11.78 62.29
N ILE J 111 18.37 11.93 61.74
CA ILE J 111 17.95 11.21 60.54
C ILE J 111 18.64 11.75 59.29
N TRP J 112 19.28 12.91 59.42
CA TRP J 112 20.03 13.53 58.33
C TRP J 112 21.17 12.66 57.83
N ASP J 113 21.77 11.86 58.69
CA ASP J 113 22.99 11.16 58.32
C ASP J 113 22.84 9.66 58.31
N ASN J 114 22.06 9.09 59.23
CA ASN J 114 21.99 7.63 59.37
C ASN J 114 20.94 7.02 58.45
N MET J 115 19.68 7.39 58.65
CA MET J 115 18.58 6.74 57.96
C MET J 115 18.54 7.21 56.51
N THR J 116 18.77 6.27 55.60
CA THR J 116 19.05 6.59 54.21
C THR J 116 17.79 7.07 53.48
N TRP J 117 18.04 7.63 52.30
CA TRP J 117 17.01 7.94 51.32
C TRP J 117 16.33 6.65 50.84
N LEU J 118 15.17 6.86 50.18
CA LEU J 118 14.14 5.90 49.75
C LEU J 118 13.32 5.37 50.91
N GLN J 119 13.72 5.66 52.13
CA GLN J 119 12.89 5.45 53.32
C GLN J 119 12.23 6.74 53.72
N TRP J 120 13.07 7.76 53.94
CA TRP J 120 12.62 9.10 54.29
C TRP J 120 11.78 9.72 53.17
N ASP J 121 12.01 9.29 51.94
CA ASP J 121 11.28 9.84 50.80
C ASP J 121 9.81 9.42 50.85
N LYS J 122 9.54 8.19 51.26
CA LYS J 122 8.17 7.76 51.49
C LYS J 122 7.54 8.51 52.65
N GLU J 123 8.34 8.91 53.63
CA GLU J 123 7.83 9.68 54.75
C GLU J 123 7.36 11.06 54.31
N ILE J 124 8.04 11.65 53.33
CA ILE J 124 7.73 12.99 52.84
C ILE J 124 7.10 12.92 51.45
N SER J 125 6.69 11.72 51.03
CA SER J 125 6.00 11.58 49.76
C SER J 125 4.63 12.26 49.77
N ASN J 126 4.00 12.35 50.94
CA ASN J 126 2.69 12.95 51.03
C ASN J 126 2.76 14.47 50.87
N TYR J 127 3.74 15.09 51.51
CA TYR J 127 3.87 16.54 51.48
C TYR J 127 4.92 16.91 50.43
N THR J 128 4.48 16.95 49.18
CA THR J 128 5.26 17.53 48.10
C THR J 128 4.54 18.68 47.44
N GLN J 129 3.26 18.48 47.12
CA GLN J 129 2.44 19.47 46.44
C GLN J 129 2.30 20.74 47.25
N ILE J 130 2.25 20.61 48.57
CA ILE J 130 2.02 21.76 49.44
C ILE J 130 3.28 22.62 49.51
N ILE J 131 4.45 21.99 49.55
CA ILE J 131 5.71 22.70 49.43
C ILE J 131 5.80 23.41 48.09
N TYR J 132 5.19 22.82 47.06
CA TYR J 132 5.22 23.41 45.73
C TYR J 132 4.37 24.66 45.64
N GLY J 133 3.39 24.81 46.53
CA GLY J 133 2.76 26.12 46.68
C GLY J 133 3.57 27.07 47.52
N LEU J 134 4.41 26.56 48.40
CA LEU J 134 5.26 27.39 49.23
C LEU J 134 6.58 27.73 48.57
N LEU J 135 6.85 27.19 47.38
CA LEU J 135 8.03 27.59 46.64
C LEU J 135 7.82 28.89 45.89
N GLU J 136 6.59 29.34 45.75
CA GLU J 136 6.28 30.44 44.86
C GLU J 136 5.64 31.60 45.59
N GLU J 137 5.33 31.43 46.86
CA GLU J 137 4.64 32.43 47.65
C GLU J 137 5.53 33.08 48.68
N SER J 138 6.43 32.31 49.28
CA SER J 138 7.26 32.83 50.36
C SER J 138 8.38 33.72 49.82
N GLN J 139 9.26 33.14 49.02
CA GLN J 139 10.34 33.91 48.43
C GLN J 139 9.91 34.58 47.15
N ASN J 140 8.88 34.07 46.50
CA ASN J 140 8.67 34.40 45.11
C ASN J 140 7.37 35.15 44.88
N GLN J 141 6.71 35.55 45.94
CA GLN J 141 5.71 36.60 45.87
C GLN J 141 6.13 37.83 46.66
N GLN J 142 6.70 37.63 47.85
CA GLN J 142 7.12 38.73 48.68
C GLN J 142 8.50 39.25 48.23
N GLU J 143 9.50 38.38 48.36
CA GLU J 143 10.90 38.80 48.28
C GLU J 143 11.32 39.19 46.88
N LYS J 144 10.62 38.69 45.85
CA LYS J 144 10.91 39.14 44.49
C LYS J 144 10.51 40.59 44.29
N ASN J 145 9.47 41.06 44.95
CA ASN J 145 9.03 42.45 44.82
C ASN J 145 9.50 43.28 46.01
N GLU J 146 10.62 42.90 46.63
CA GLU J 146 11.24 43.71 47.67
C GLU J 146 12.60 44.25 47.26
N GLN J 147 13.24 43.64 46.26
CA GLN J 147 14.45 44.22 45.69
C GLN J 147 14.14 45.28 44.65
N ASP J 148 12.88 45.43 44.27
CA ASP J 148 12.45 46.45 43.33
C ASP J 148 12.15 47.77 44.02
N LEU J 149 12.26 47.82 45.34
CA LEU J 149 11.97 49.06 46.08
C LEU J 149 13.02 50.12 45.81
N LEU J 150 14.28 49.72 45.71
CA LEU J 150 15.37 50.64 45.42
C LEU J 150 15.30 51.19 44.00
N VAL K 2 27.43 -67.25 3.51
CA VAL K 2 26.55 -67.65 4.61
C VAL K 2 26.22 -69.13 4.50
N GLN K 3 26.48 -69.87 5.57
CA GLN K 3 26.07 -71.26 5.67
C GLN K 3 24.83 -71.37 6.56
N LEU K 4 24.13 -72.49 6.40
CA LEU K 4 23.11 -72.88 7.36
C LEU K 4 22.92 -74.39 7.26
N ARG K 5 22.53 -74.99 8.39
CA ARG K 5 22.21 -76.41 8.43
C ARG K 5 21.11 -76.64 9.46
N GLU K 6 20.16 -77.50 9.12
CA GLU K 6 19.09 -77.90 10.03
C GLU K 6 19.61 -78.94 11.03
N SER K 7 18.68 -79.50 11.81
CA SER K 7 18.98 -80.55 12.79
C SER K 7 17.67 -81.26 13.10
N GLY K 8 17.64 -82.58 12.90
CA GLY K 8 16.42 -83.33 13.08
C GLY K 8 16.60 -84.76 13.55
N PRO K 9 15.52 -85.36 14.10
CA PRO K 9 15.58 -86.75 14.55
C PRO K 9 15.28 -87.77 13.46
N GLY K 10 14.51 -87.36 12.44
CA GLY K 10 14.14 -88.26 11.36
C GLY K 10 12.80 -88.94 11.52
N LEU K 11 12.66 -89.80 12.52
CA LEU K 11 11.41 -90.52 12.77
C LEU K 11 10.83 -90.08 14.11
N VAL K 12 9.60 -89.61 14.08
CA VAL K 12 8.88 -89.13 15.26
C VAL K 12 7.59 -89.93 15.36
N LYS K 13 7.27 -90.43 16.55
CA LYS K 13 6.00 -91.08 16.78
C LYS K 13 4.86 -90.07 16.78
N PRO K 14 3.63 -90.52 16.49
CA PRO K 14 2.47 -89.64 16.67
C PRO K 14 2.24 -89.31 18.14
N SER K 15 1.54 -88.19 18.35
CA SER K 15 1.11 -87.62 19.64
C SER K 15 2.27 -87.26 20.56
N GLU K 16 3.49 -87.20 20.05
CA GLU K 16 4.64 -86.74 20.80
C GLU K 16 4.98 -85.32 20.34
N THR K 17 6.14 -84.82 20.74
CA THR K 17 6.51 -83.45 20.43
C THR K 17 7.61 -83.41 19.37
N LEU K 18 8.11 -82.21 19.10
CA LEU K 18 9.06 -81.98 18.01
C LEU K 18 10.14 -81.00 18.46
N SER K 19 11.39 -81.38 18.26
CA SER K 19 12.54 -80.55 18.63
C SER K 19 13.44 -80.40 17.42
N LEU K 20 13.43 -79.21 16.82
CA LEU K 20 14.25 -78.93 15.65
C LEU K 20 15.04 -77.67 15.90
N SER K 21 16.12 -77.51 15.14
CA SER K 21 16.93 -76.30 15.21
C SER K 21 17.66 -76.11 13.90
N CYS K 22 18.23 -74.91 13.73
CA CYS K 22 18.88 -74.53 12.48
C CYS K 22 20.10 -73.68 12.81
N THR K 23 21.29 -74.20 12.54
CA THR K 23 22.53 -73.54 12.90
C THR K 23 23.01 -72.67 11.75
N VAL K 24 23.38 -71.42 12.06
CA VAL K 24 23.79 -70.44 11.07
C VAL K 24 25.25 -70.08 11.32
N SER K 25 26.04 -69.97 10.25
CA SER K 25 27.40 -69.48 10.34
C SER K 25 27.68 -68.61 9.12
N ASN K 26 28.88 -68.02 9.11
CA ASN K 26 29.36 -67.13 8.05
C ASN K 26 28.36 -65.98 7.83
N ASP K 27 27.96 -65.34 8.91
CA ASP K 27 27.02 -64.24 8.83
C ASP K 27 27.63 -63.05 9.54
N SER K 28 27.95 -62.00 8.79
CA SER K 28 28.66 -60.86 9.37
C SER K 28 27.73 -60.04 10.26
N ARG K 29 26.47 -59.89 9.87
CA ARG K 29 25.44 -59.30 10.74
C ARG K 29 24.35 -60.35 10.91
N PRO K 30 24.51 -61.25 11.89
CA PRO K 30 23.42 -62.18 12.19
C PRO K 30 22.31 -61.55 13.00
N SER K 31 22.54 -60.36 13.55
CA SER K 31 21.65 -59.81 14.56
C SER K 31 20.47 -59.04 14.00
N ASP K 32 20.45 -58.75 12.71
CA ASP K 32 19.45 -57.83 12.17
C ASP K 32 18.58 -58.46 11.09
N HIS K 33 18.57 -59.78 10.97
CA HIS K 33 17.65 -60.44 10.05
C HIS K 33 16.42 -60.92 10.81
N SER K 34 15.55 -61.62 10.10
CA SER K 34 14.49 -62.39 10.72
C SER K 34 14.78 -63.87 10.49
N TRP K 35 14.26 -64.71 11.38
CA TRP K 35 14.50 -66.14 11.32
C TRP K 35 13.17 -66.85 11.45
N THR K 36 12.90 -67.78 10.54
CA THR K 36 11.57 -68.32 10.40
C THR K 36 11.62 -69.80 10.07
N TRP K 37 10.56 -70.51 10.46
CA TRP K 37 10.32 -71.87 10.03
C TRP K 37 9.17 -71.86 9.04
N VAL K 38 9.33 -72.59 7.94
CA VAL K 38 8.29 -72.80 6.94
C VAL K 38 8.33 -74.28 6.58
N ARG K 39 7.18 -74.93 6.59
CA ARG K 39 7.14 -76.34 6.25
C ARG K 39 6.48 -76.55 4.90
N GLN K 40 6.60 -77.79 4.41
CA GLN K 40 6.03 -78.16 3.13
C GLN K 40 5.60 -79.62 3.18
N SER K 41 4.42 -79.88 2.74
CA SER K 41 3.83 -81.19 2.51
C SER K 41 4.14 -81.65 1.09
N PRO K 42 4.22 -82.96 0.85
CA PRO K 42 4.55 -83.45 -0.50
C PRO K 42 3.44 -83.19 -1.49
N GLY K 43 3.81 -82.65 -2.64
CA GLY K 43 2.84 -82.29 -3.67
C GLY K 43 1.90 -81.18 -3.28
N LYS K 44 2.31 -80.32 -2.36
CA LYS K 44 1.45 -79.27 -1.84
C LYS K 44 2.16 -77.93 -1.92
N ALA K 45 1.48 -76.90 -1.42
CA ALA K 45 2.07 -75.58 -1.36
C ALA K 45 2.98 -75.46 -0.15
N LEU K 46 3.57 -74.29 0.03
CA LEU K 46 4.37 -74.04 1.21
C LEU K 46 3.45 -73.73 2.39
N GLU K 47 4.05 -73.70 3.58
CA GLU K 47 3.23 -73.53 4.78
C GLU K 47 4.07 -72.82 5.82
N TRP K 48 3.83 -71.52 5.96
CA TRP K 48 4.51 -70.70 6.94
C TRP K 48 4.12 -71.14 8.35
N ILE K 49 5.07 -71.08 9.27
CA ILE K 49 4.85 -71.49 10.65
C ILE K 49 4.93 -70.31 11.58
N GLY K 50 6.10 -69.70 11.67
CA GLY K 50 6.29 -68.62 12.61
C GLY K 50 7.60 -67.94 12.30
N ASP K 51 7.98 -67.02 13.20
CA ASP K 51 9.19 -66.26 13.00
C ASP K 51 9.67 -65.70 14.34
N ILE K 52 10.93 -65.31 14.37
CA ILE K 52 11.53 -64.81 15.60
C ILE K 52 12.53 -63.71 15.22
N HIS K 53 12.64 -62.71 16.08
CA HIS K 53 13.63 -61.66 15.94
C HIS K 53 14.36 -61.54 17.26
N TYR K 54 15.58 -60.99 17.20
CA TYR K 54 16.48 -61.09 18.33
C TYR K 54 16.11 -60.18 19.48
N ASN K 55 15.13 -59.29 19.30
CA ASN K 55 14.53 -58.63 20.45
C ASN K 55 13.80 -59.61 21.34
N GLY K 56 13.30 -60.70 20.77
CA GLY K 56 12.47 -61.65 21.47
C GLY K 56 11.05 -61.70 20.97
N ALA K 57 10.65 -60.79 20.10
CA ALA K 57 9.30 -60.75 19.59
C ALA K 57 9.10 -61.87 18.57
N THR K 58 8.06 -62.69 18.78
CA THR K 58 7.70 -63.77 17.90
C THR K 58 6.27 -63.60 17.45
N THR K 59 5.99 -63.98 16.20
CA THR K 59 4.64 -64.22 15.74
C THR K 59 4.54 -65.66 15.25
N TYR K 60 3.32 -66.11 15.02
CA TYR K 60 3.07 -67.49 14.64
C TYR K 60 1.92 -67.54 13.65
N ASN K 61 1.81 -68.67 12.96
CA ASN K 61 0.58 -69.03 12.28
C ASN K 61 -0.49 -69.24 13.34
N PRO K 62 -1.59 -68.46 13.32
CA PRO K 62 -2.56 -68.57 14.42
C PRO K 62 -3.32 -69.88 14.47
N SER K 63 -3.44 -70.60 13.35
CA SER K 63 -4.07 -71.91 13.39
C SER K 63 -3.16 -72.95 14.05
N LEU K 64 -1.86 -72.80 13.89
CA LEU K 64 -0.89 -73.72 14.46
C LEU K 64 -0.35 -73.26 15.79
N ARG K 65 -0.80 -72.08 16.25
CA ARG K 65 -0.17 -71.36 17.36
C ARG K 65 -0.27 -72.12 18.67
N SER K 66 -1.32 -72.94 18.83
CA SER K 66 -1.57 -73.64 20.08
C SER K 66 -0.63 -74.82 20.31
N ARG K 67 0.17 -75.20 19.32
CA ARG K 67 1.05 -76.35 19.47
C ARG K 67 2.51 -76.04 19.19
N VAL K 68 2.84 -74.80 18.82
CA VAL K 68 4.18 -74.48 18.37
C VAL K 68 4.83 -73.48 19.30
N ARG K 69 6.16 -73.42 19.22
CA ARG K 69 6.97 -72.40 19.87
C ARG K 69 8.33 -72.38 19.20
N ILE K 70 8.86 -71.19 18.96
CA ILE K 70 10.18 -71.01 18.36
C ILE K 70 11.03 -70.24 19.34
N GLU K 71 12.20 -70.79 19.69
CA GLU K 71 13.11 -70.09 20.58
C GLU K 71 14.51 -70.08 19.98
N LEU K 72 15.44 -69.50 20.74
CA LEU K 72 16.60 -68.87 20.14
C LEU K 72 17.81 -68.91 21.07
N ASP K 73 18.94 -69.33 20.53
CA ASP K 73 20.25 -69.03 21.09
C ASP K 73 20.98 -68.13 20.12
N GLN K 74 21.69 -67.13 20.64
CA GLN K 74 22.38 -66.18 19.80
C GLN K 74 23.90 -66.29 19.88
N SER K 75 24.43 -66.90 20.94
CA SER K 75 25.87 -67.16 21.02
C SER K 75 26.29 -68.11 19.91
N ILE K 76 25.76 -69.33 19.94
CA ILE K 76 25.71 -70.17 18.75
C ILE K 76 24.53 -69.67 17.95
N PRO K 77 24.71 -69.19 16.71
CA PRO K 77 23.56 -68.67 15.95
C PRO K 77 22.61 -69.77 15.51
N ARG K 78 21.90 -70.35 16.47
CA ARG K 78 21.03 -71.49 16.23
C ARG K 78 19.72 -71.24 16.94
N PHE K 79 18.63 -71.16 16.19
CA PHE K 79 17.30 -70.98 16.75
C PHE K 79 16.55 -72.30 16.69
N SER K 80 15.72 -72.53 17.69
CA SER K 80 15.13 -73.84 17.94
C SER K 80 13.73 -73.92 17.34
N LEU K 81 13.04 -75.04 17.61
CA LEU K 81 11.66 -75.22 17.22
C LEU K 81 11.01 -76.21 18.17
N LYS K 82 9.86 -75.82 18.73
CA LYS K 82 9.11 -76.60 19.70
C LYS K 82 7.69 -76.80 19.19
N MET K 83 7.46 -77.86 18.42
CA MET K 83 6.09 -78.26 18.11
C MET K 83 5.67 -79.41 19.01
N THR K 84 4.46 -79.32 19.54
CA THR K 84 3.87 -80.36 20.37
C THR K 84 2.79 -81.08 19.58
N SER K 85 2.43 -82.28 20.09
CA SER K 85 1.26 -83.05 19.67
C SER K 85 1.32 -83.41 18.18
N MET K 86 2.34 -84.20 17.84
CA MET K 86 2.60 -84.51 16.43
C MET K 86 1.53 -85.44 15.87
N THR K 87 0.99 -85.08 14.70
CA THR K 87 0.04 -85.90 13.97
C THR K 87 0.65 -86.33 12.64
N ALA K 88 0.08 -87.39 12.06
CA ALA K 88 0.59 -87.92 10.81
C ALA K 88 0.32 -87.02 9.62
N ALA K 89 -0.63 -86.08 9.74
CA ALA K 89 -0.87 -85.12 8.68
C ALA K 89 0.23 -84.08 8.56
N ASP K 90 1.06 -83.94 9.60
CA ASP K 90 2.17 -83.00 9.59
C ASP K 90 3.46 -83.63 9.08
N THR K 91 3.36 -84.82 8.48
CA THR K 91 4.49 -85.45 7.81
C THR K 91 4.85 -84.65 6.56
N GLY K 92 6.09 -84.19 6.47
CA GLY K 92 6.48 -83.39 5.32
C GLY K 92 7.93 -82.97 5.35
N MET K 93 8.22 -81.92 4.60
CA MET K 93 9.57 -81.41 4.40
C MET K 93 9.65 -80.00 5.01
N TYR K 94 10.47 -79.84 6.04
CA TYR K 94 10.42 -78.63 6.83
C TYR K 94 11.69 -77.82 6.59
N TYR K 95 11.58 -76.50 6.74
CA TYR K 95 12.66 -75.61 6.36
C TYR K 95 12.85 -74.49 7.38
N CYS K 96 14.10 -74.15 7.63
CA CYS K 96 14.50 -72.91 8.28
C CYS K 96 14.96 -71.92 7.21
N ALA K 97 14.74 -70.64 7.46
CA ALA K 97 15.05 -69.65 6.44
C ALA K 97 15.35 -68.30 7.07
N ARG K 98 16.16 -67.52 6.37
CA ARG K 98 16.50 -66.16 6.77
C ARG K 98 15.66 -65.19 5.96
N ASN K 99 14.92 -64.34 6.64
CA ASN K 99 14.15 -63.28 6.00
C ASN K 99 14.87 -61.98 6.27
N ALA K 100 15.50 -61.42 5.25
CA ALA K 100 16.33 -60.26 5.46
C ALA K 100 15.49 -58.99 5.52
N ILE K 101 16.02 -58.01 6.25
CA ILE K 101 15.40 -56.70 6.42
C ILE K 101 16.48 -55.66 6.19
N ARG K 102 16.23 -54.72 5.30
CA ARG K 102 17.14 -53.59 5.24
C ARG K 102 16.49 -52.35 5.81
N ILE K 103 17.34 -51.39 6.12
CA ILE K 103 17.00 -50.28 6.99
C ILE K 103 17.18 -49.00 6.19
N TYR K 104 16.15 -48.17 6.18
CA TYR K 104 16.28 -46.84 5.63
C TYR K 104 16.05 -45.78 6.68
N GLY K 105 16.26 -46.09 7.96
CA GLY K 105 16.17 -45.07 8.98
C GLY K 105 15.94 -45.58 10.39
N VAL K 106 15.01 -44.97 11.10
CA VAL K 106 14.80 -45.29 12.51
C VAL K 106 14.08 -46.63 12.60
N VAL K 107 14.69 -47.58 13.31
CA VAL K 107 14.08 -48.88 13.49
C VAL K 107 12.86 -48.78 14.39
N ALA K 108 12.93 -47.93 15.43
CA ALA K 108 11.83 -47.80 16.36
C ALA K 108 10.62 -47.10 15.76
N LEU K 109 10.79 -46.38 14.66
CA LEU K 109 9.67 -45.75 13.97
C LEU K 109 9.19 -46.54 12.77
N GLY K 110 9.69 -47.75 12.58
CA GLY K 110 9.25 -48.56 11.46
C GLY K 110 9.73 -48.08 10.12
N GLU K 111 10.94 -47.52 10.04
CA GLU K 111 11.53 -47.14 8.77
C GLU K 111 12.41 -48.25 8.20
N TRP K 112 11.85 -49.44 8.12
CA TRP K 112 12.50 -50.61 7.57
C TRP K 112 11.51 -51.35 6.69
N PHE K 113 12.01 -52.35 5.97
CA PHE K 113 11.19 -53.16 5.10
C PHE K 113 11.84 -54.53 4.99
N HIS K 114 11.02 -55.55 4.78
CA HIS K 114 11.56 -56.87 4.53
C HIS K 114 12.19 -56.92 3.14
N TYR K 115 13.47 -57.33 3.10
CA TYR K 115 14.12 -57.58 1.82
C TYR K 115 13.49 -58.77 1.11
N GLY K 116 13.18 -59.82 1.85
CA GLY K 116 12.75 -61.06 1.25
C GLY K 116 13.53 -62.21 1.84
N MET K 117 13.01 -63.43 1.68
CA MET K 117 13.63 -64.64 2.26
C MET K 117 14.66 -65.16 1.28
N ASP K 118 15.93 -64.85 1.53
CA ASP K 118 16.98 -65.15 0.58
C ASP K 118 17.54 -66.56 0.70
N VAL K 119 17.72 -67.04 1.93
CA VAL K 119 18.49 -68.25 2.21
C VAL K 119 17.54 -69.30 2.75
N TRP K 120 17.60 -70.49 2.17
CA TRP K 120 16.69 -71.57 2.52
C TRP K 120 17.45 -72.77 3.04
N GLY K 121 16.79 -73.52 3.91
CA GLY K 121 17.42 -74.57 4.68
C GLY K 121 17.62 -75.85 3.89
N GLN K 122 18.08 -76.87 4.63
CA GLN K 122 18.40 -78.16 4.03
C GLN K 122 17.13 -78.90 3.60
N GLY K 123 16.08 -78.79 4.40
CA GLY K 123 14.95 -79.68 4.26
C GLY K 123 15.13 -80.92 5.10
N THR K 124 14.07 -81.37 5.77
CA THR K 124 14.15 -82.57 6.58
C THR K 124 12.91 -83.42 6.38
N ALA K 125 13.12 -84.72 6.17
CA ALA K 125 12.01 -85.66 5.96
C ALA K 125 11.37 -85.92 7.31
N VAL K 126 10.47 -85.02 7.68
CA VAL K 126 9.75 -85.16 8.95
C VAL K 126 8.74 -86.30 8.78
N THR K 127 9.02 -87.44 9.39
CA THR K 127 8.21 -88.63 9.26
C THR K 127 7.49 -88.88 10.57
N VAL K 128 6.18 -88.69 10.57
CA VAL K 128 5.35 -89.00 11.72
C VAL K 128 4.74 -90.37 11.46
N SER K 129 5.37 -91.40 12.03
CA SER K 129 4.92 -92.78 11.83
C SER K 129 5.30 -93.58 13.06
N SER K 130 4.96 -94.87 13.04
CA SER K 130 5.22 -95.74 14.18
C SER K 130 6.03 -96.97 13.79
N GLU L 3 -7.20 -64.95 1.10
CA GLU L 3 -5.91 -65.48 0.68
C GLU L 3 -5.49 -64.97 -0.69
N LEU L 4 -4.82 -65.83 -1.43
CA LEU L 4 -4.33 -65.52 -2.76
C LEU L 4 -5.00 -66.43 -3.78
N THR L 5 -4.85 -66.06 -5.05
CA THR L 5 -5.49 -66.77 -6.15
C THR L 5 -4.53 -66.82 -7.31
N GLN L 6 -4.29 -68.03 -7.82
CA GLN L 6 -3.37 -68.25 -8.92
C GLN L 6 -4.01 -69.18 -9.94
N PRO L 7 -3.52 -69.17 -11.19
CA PRO L 7 -3.82 -70.29 -12.07
C PRO L 7 -3.09 -71.54 -11.61
N PRO L 8 -3.69 -72.72 -11.80
CA PRO L 8 -3.00 -73.95 -11.37
C PRO L 8 -1.79 -74.27 -12.22
N SER L 9 -1.91 -74.14 -13.55
CA SER L 9 -0.81 -74.46 -14.44
C SER L 9 -0.87 -73.56 -15.66
N VAL L 10 0.30 -73.23 -16.19
CA VAL L 10 0.44 -72.36 -17.35
C VAL L 10 1.29 -73.07 -18.40
N SER L 11 0.75 -73.25 -19.60
CA SER L 11 1.43 -73.93 -20.68
C SER L 11 1.90 -72.93 -21.71
N VAL L 12 3.15 -73.05 -22.14
CA VAL L 12 3.73 -72.16 -23.14
C VAL L 12 4.85 -72.91 -23.83
N SER L 13 5.10 -72.56 -25.09
CA SER L 13 6.26 -73.06 -25.80
C SER L 13 7.50 -72.27 -25.35
N PRO L 14 8.69 -72.80 -25.59
CA PRO L 14 9.90 -72.00 -25.36
C PRO L 14 9.99 -70.83 -26.32
N GLY L 15 10.64 -69.76 -25.87
CA GLY L 15 10.85 -68.59 -26.68
C GLY L 15 9.82 -67.50 -26.52
N GLN L 16 8.63 -67.84 -26.04
CA GLN L 16 7.55 -66.86 -25.95
C GLN L 16 7.58 -66.19 -24.58
N THR L 17 6.52 -65.46 -24.25
CA THR L 17 6.43 -64.71 -22.99
C THR L 17 5.27 -65.26 -22.18
N ALA L 18 5.57 -65.99 -21.12
CA ALA L 18 4.56 -66.55 -20.24
C ALA L 18 4.23 -65.58 -19.12
N ARG L 19 2.95 -65.46 -18.78
CA ARG L 19 2.52 -64.53 -17.76
C ARG L 19 1.57 -65.23 -16.79
N ILE L 20 1.83 -65.03 -15.49
CA ILE L 20 1.10 -65.67 -14.42
C ILE L 20 0.46 -64.58 -13.56
N THR L 21 -0.83 -64.71 -13.31
CA THR L 21 -1.59 -63.67 -12.63
C THR L 21 -1.92 -64.14 -11.21
N CYS L 22 -1.19 -63.63 -10.24
CA CYS L 22 -1.53 -63.87 -8.84
C CYS L 22 -2.58 -62.85 -8.42
N SER L 23 -3.76 -63.34 -8.04
CA SER L 23 -4.84 -62.51 -7.57
C SER L 23 -5.06 -62.74 -6.08
N GLY L 24 -5.85 -61.88 -5.47
CA GLY L 24 -6.14 -62.01 -4.06
C GLY L 24 -6.55 -60.70 -3.45
N ALA L 25 -7.28 -60.81 -2.34
CA ALA L 25 -7.77 -59.67 -1.57
C ALA L 25 -6.70 -58.81 -0.87
N PRO L 26 -5.61 -59.34 -0.28
CA PRO L 26 -4.61 -58.42 0.29
C PRO L 26 -3.80 -57.64 -0.72
N LEU L 27 -3.86 -57.98 -2.01
CA LEU L 27 -3.02 -57.33 -3.00
C LEU L 27 -3.54 -55.96 -3.43
N THR L 28 -4.60 -55.47 -2.80
CA THR L 28 -5.01 -54.08 -2.98
C THR L 28 -3.92 -53.13 -2.51
N SER L 29 -3.23 -53.49 -1.43
CA SER L 29 -2.28 -52.60 -0.79
C SER L 29 -0.87 -53.16 -0.76
N ARG L 30 -0.69 -54.38 -0.26
CA ARG L 30 0.61 -54.87 0.16
C ARG L 30 1.47 -55.30 -1.03
N PHE L 31 2.71 -55.62 -0.72
CA PHE L 31 3.73 -55.98 -1.70
C PHE L 31 3.73 -57.49 -1.94
N THR L 32 4.06 -57.88 -3.17
CA THR L 32 4.02 -59.27 -3.59
C THR L 32 5.44 -59.82 -3.75
N TYR L 33 5.69 -60.97 -3.15
CA TYR L 33 6.93 -61.71 -3.37
C TYR L 33 6.82 -62.64 -4.57
N TRP L 34 7.96 -63.20 -4.95
CA TRP L 34 8.00 -64.31 -5.90
C TRP L 34 9.11 -65.28 -5.52
N TYR L 35 8.86 -66.55 -5.80
CA TYR L 35 9.83 -67.59 -5.52
C TYR L 35 9.92 -68.56 -6.68
N ARG L 36 10.97 -69.38 -6.66
CA ARG L 36 11.12 -70.54 -7.52
C ARG L 36 11.56 -71.72 -6.66
N GLN L 37 10.91 -72.86 -6.82
CA GLN L 37 11.37 -74.08 -6.16
C GLN L 37 11.43 -75.21 -7.19
N LYS L 38 12.62 -75.75 -7.39
CA LYS L 38 12.73 -77.04 -8.06
C LYS L 38 12.14 -78.13 -7.17
N PRO L 39 11.60 -79.19 -7.77
CA PRO L 39 11.16 -80.35 -6.97
C PRO L 39 12.35 -81.07 -6.35
N GLY L 40 12.19 -81.43 -5.07
CA GLY L 40 13.24 -82.05 -4.32
C GLY L 40 14.30 -81.11 -3.78
N GLN L 41 14.15 -79.80 -3.98
CA GLN L 41 15.14 -78.84 -3.53
C GLN L 41 14.42 -77.65 -2.89
N ALA L 42 15.19 -76.62 -2.60
CA ALA L 42 14.76 -75.49 -1.80
C ALA L 42 14.07 -74.44 -2.64
N PRO L 43 13.24 -73.60 -2.02
CA PRO L 43 12.75 -72.40 -2.72
C PRO L 43 13.89 -71.43 -2.98
N VAL L 44 13.68 -70.57 -3.98
CA VAL L 44 14.64 -69.54 -4.37
C VAL L 44 13.90 -68.24 -4.57
N LEU L 45 14.26 -67.21 -3.79
CA LEU L 45 13.79 -65.86 -4.05
C LEU L 45 14.24 -65.40 -5.43
N ILE L 46 13.28 -64.93 -6.22
CA ILE L 46 13.58 -64.54 -7.59
C ILE L 46 13.27 -63.07 -7.83
N ILE L 47 12.31 -62.52 -7.08
CA ILE L 47 11.99 -61.10 -7.16
C ILE L 47 11.94 -60.55 -5.75
N SER L 48 12.92 -59.73 -5.41
CA SER L 48 13.01 -58.98 -4.17
C SER L 48 12.73 -57.51 -4.47
N ARG L 49 12.96 -56.67 -3.47
CA ARG L 49 12.64 -55.26 -3.61
C ARG L 49 13.73 -54.38 -3.01
N SER L 50 13.91 -53.23 -3.65
CA SER L 50 14.66 -52.10 -3.13
C SER L 50 13.72 -51.18 -2.36
N SER L 51 14.10 -49.92 -2.19
CA SER L 51 13.24 -48.91 -1.59
C SER L 51 11.94 -48.73 -2.37
N GLN L 52 11.01 -47.99 -1.76
CA GLN L 52 9.59 -48.11 -2.08
C GLN L 52 9.28 -47.55 -3.46
N ARG L 53 9.83 -46.38 -3.79
CA ARG L 53 9.60 -45.81 -5.12
C ARG L 53 10.70 -46.20 -6.12
N SER L 54 10.96 -47.50 -6.23
CA SER L 54 12.06 -47.92 -7.09
C SER L 54 11.75 -49.15 -7.93
N SER L 55 10.47 -49.51 -8.08
CA SER L 55 9.98 -50.68 -8.82
C SER L 55 10.54 -52.00 -8.31
N GLY L 56 11.02 -52.03 -7.07
CA GLY L 56 11.80 -53.15 -6.60
C GLY L 56 13.06 -53.32 -7.43
N TRP L 57 13.06 -54.34 -8.28
CA TRP L 57 14.22 -54.70 -9.09
C TRP L 57 13.77 -55.20 -10.45
N SER L 58 14.43 -54.73 -11.51
CA SER L 58 14.13 -55.15 -12.87
C SER L 58 15.40 -55.69 -13.51
N GLY L 59 15.48 -57.01 -13.63
CA GLY L 59 16.54 -57.71 -14.34
C GLY L 59 16.05 -58.56 -15.49
N ARG L 60 15.79 -59.83 -15.17
CA ARG L 60 15.31 -60.81 -16.11
C ARG L 60 13.80 -61.00 -16.08
N PHE L 61 13.16 -60.71 -14.96
CA PHE L 61 11.72 -60.83 -14.82
C PHE L 61 11.14 -59.46 -14.53
N SER L 62 9.81 -59.36 -14.60
CA SER L 62 9.13 -58.13 -14.23
C SER L 62 7.72 -58.47 -13.77
N ALA L 63 7.07 -57.47 -13.17
CA ALA L 63 5.70 -57.65 -12.69
C ALA L 63 4.98 -56.32 -12.73
N SER L 64 3.74 -56.35 -13.18
CA SER L 64 2.86 -55.19 -13.17
C SER L 64 1.69 -55.44 -12.24
N TRP L 65 0.92 -54.39 -12.01
CA TRP L 65 -0.16 -54.41 -11.04
C TRP L 65 -1.38 -53.74 -11.63
N SER L 66 -2.53 -54.39 -11.48
CA SER L 66 -3.79 -53.81 -11.95
C SER L 66 -4.91 -54.40 -11.10
N GLY L 67 -5.50 -53.56 -10.25
CA GLY L 67 -6.53 -54.05 -9.35
C GLY L 67 -5.95 -55.01 -8.34
N THR L 68 -6.73 -56.03 -8.00
CA THR L 68 -6.25 -57.06 -7.09
C THR L 68 -5.38 -58.11 -7.79
N THR L 69 -5.06 -57.91 -9.06
CA THR L 69 -4.28 -58.85 -9.85
C THR L 69 -2.86 -58.36 -9.99
N VAL L 70 -1.91 -59.29 -9.93
CA VAL L 70 -0.50 -59.01 -10.18
C VAL L 70 -0.02 -59.99 -11.24
N THR L 71 0.48 -59.47 -12.35
CA THR L 71 0.91 -60.30 -13.45
C THR L 71 2.41 -60.59 -13.32
N LEU L 72 2.78 -61.86 -13.45
CA LEU L 72 4.19 -62.28 -13.40
C LEU L 72 4.71 -62.45 -14.82
N THR L 73 5.47 -61.47 -15.30
CA THR L 73 5.99 -61.51 -16.65
C THR L 73 7.28 -62.33 -16.70
N ILE L 74 7.33 -63.32 -17.59
CA ILE L 74 8.52 -64.11 -17.83
C ILE L 74 8.95 -63.88 -19.26
N ARG L 75 10.05 -63.16 -19.45
CA ARG L 75 10.56 -62.84 -20.78
C ARG L 75 11.58 -63.88 -21.19
N GLY L 76 11.40 -64.44 -22.39
CA GLY L 76 12.37 -65.37 -22.93
C GLY L 76 12.31 -66.73 -22.26
N VAL L 77 11.19 -67.42 -22.45
CA VAL L 77 11.01 -68.74 -21.85
C VAL L 77 11.89 -69.75 -22.57
N GLN L 78 12.68 -70.48 -21.80
CA GLN L 78 13.38 -71.67 -22.30
C GLN L 78 12.89 -72.88 -21.52
N ALA L 79 13.49 -74.04 -21.81
CA ALA L 79 13.04 -75.28 -21.22
C ALA L 79 13.70 -75.61 -19.89
N ASP L 80 14.59 -74.75 -19.38
CA ASP L 80 15.30 -75.08 -18.15
C ASP L 80 14.64 -74.50 -16.91
N ASP L 81 13.74 -73.53 -17.06
CA ASP L 81 13.09 -72.90 -15.92
C ASP L 81 11.83 -73.64 -15.47
N GLU L 82 11.71 -74.91 -15.80
CA GLU L 82 10.55 -75.73 -15.47
C GLU L 82 10.53 -76.01 -13.97
N ALA L 83 9.56 -75.43 -13.27
CA ALA L 83 9.43 -75.61 -11.82
C ALA L 83 7.99 -75.27 -11.43
N ASP L 84 7.77 -75.08 -10.13
CA ASP L 84 6.50 -74.59 -9.61
C ASP L 84 6.73 -73.25 -8.94
N TYR L 85 5.80 -72.33 -9.14
CA TYR L 85 6.00 -70.93 -8.79
C TYR L 85 4.98 -70.48 -7.76
N TYR L 86 5.35 -69.44 -7.01
CA TYR L 86 4.59 -69.02 -5.84
C TYR L 86 4.67 -67.52 -5.67
N CYS L 87 3.51 -66.88 -5.55
CA CYS L 87 3.41 -65.51 -5.09
C CYS L 87 3.19 -65.50 -3.59
N GLN L 88 3.77 -64.49 -2.93
CA GLN L 88 3.68 -64.39 -1.49
C GLN L 88 3.46 -62.94 -1.10
N SER L 89 2.62 -62.72 -0.09
CA SER L 89 2.43 -61.40 0.49
C SER L 89 2.09 -61.58 1.95
N SER L 90 1.62 -60.49 2.57
CA SER L 90 1.04 -60.60 3.90
C SER L 90 -0.31 -59.89 3.89
N ASP L 91 -0.92 -59.72 5.04
CA ASP L 91 -2.18 -59.02 5.13
C ASP L 91 -1.96 -57.51 5.29
N THR L 92 -3.00 -56.75 4.90
CA THR L 92 -2.97 -55.30 5.05
C THR L 92 -2.92 -54.89 6.52
N SER L 93 -3.52 -55.72 7.39
CA SER L 93 -3.38 -55.51 8.83
C SER L 93 -1.96 -55.77 9.33
N ASP L 94 -1.12 -56.42 8.52
CA ASP L 94 0.26 -56.78 8.85
C ASP L 94 0.31 -57.62 10.12
N SER L 95 -0.30 -58.80 10.03
CA SER L 95 -0.32 -59.71 11.15
C SER L 95 0.24 -61.09 10.81
N TYR L 96 -0.09 -61.63 9.66
CA TYR L 96 0.38 -62.96 9.29
C TYR L 96 0.70 -62.99 7.80
N LYS L 97 1.40 -64.05 7.40
CA LYS L 97 1.97 -64.18 6.07
C LYS L 97 1.39 -65.40 5.39
N MET L 98 0.82 -65.21 4.20
CA MET L 98 0.24 -66.30 3.43
C MET L 98 0.98 -66.49 2.14
N PHE L 99 0.79 -67.66 1.54
CA PHE L 99 1.37 -68.03 0.27
C PHE L 99 0.32 -68.12 -0.82
N GLY L 100 0.79 -68.14 -2.07
CA GLY L 100 -0.06 -68.47 -3.17
C GLY L 100 -0.37 -69.96 -3.20
N GLY L 101 -1.32 -70.33 -4.06
CA GLY L 101 -1.72 -71.72 -4.15
C GLY L 101 -0.68 -72.60 -4.81
N GLY L 102 0.12 -72.04 -5.72
CA GLY L 102 1.07 -72.82 -6.46
C GLY L 102 0.73 -72.88 -7.93
N THR L 103 1.73 -72.67 -8.78
CA THR L 103 1.49 -72.62 -10.22
C THR L 103 2.60 -73.37 -10.92
N LYS L 104 2.23 -74.39 -11.69
CA LYS L 104 3.21 -75.17 -12.42
C LYS L 104 3.52 -74.51 -13.76
N LEU L 105 4.79 -74.45 -14.10
CA LEU L 105 5.22 -74.06 -15.43
C LEU L 105 5.23 -75.29 -16.34
N THR L 106 4.51 -75.20 -17.45
CA THR L 106 4.47 -76.26 -18.45
C THR L 106 5.13 -75.73 -19.72
N VAL L 107 6.25 -76.34 -20.08
CA VAL L 107 7.06 -75.90 -21.21
C VAL L 107 6.96 -76.95 -22.31
N LEU L 108 6.63 -76.50 -23.52
CA LEU L 108 6.48 -77.39 -24.67
C LEU L 108 7.83 -77.77 -25.27
#